data_4O5P
#
_entry.id   4O5P
#
_cell.length_a   61.603
_cell.length_b   81.078
_cell.length_c   92.145
_cell.angle_alpha   97.83
_cell.angle_beta   89.96
_cell.angle_gamma   90.01
#
_symmetry.space_group_name_H-M   'P 1'
#
loop_
_entity.id
_entity.type
_entity.pdbx_description
1 polymer 'Uncharacterized protein'
2 water water
#
_entity_poly.entity_id   1
_entity_poly.type   'polypeptide(L)'
_entity_poly.pdbx_seq_one_letter_code
;GS(MSE)PNFGFHIAPTHPVAGRLTYDSKKLSENILKQQSDERVFSRAQEQKRLSEGDVVGGAPCCKAIHITLGFDGTNN
NDKADGSSVSPSCSNVARLIHASIGSGDDINSRGIFKYYCPGVGTVFPDIKEFTPSN(MSE)GLIGAEGGENRINWGLVQ
LVDALFYTLLKSRLKLNDVQGLVEE(MSE)STNWTVSTLTGGLLENGEKKRRAALEPKLKELEEKLRQRQNSGQKPHILA
(MSE)RLYIYGFSRGAAEARAFANWLQELTRVSDADGRVEYRFAGLPISIEFLGLFDTVAAVGLADSAPFAAGH(MSE)D
WADDT(MSE)RLPDEALSQCLPTILPEDCSFLKRCVHLVSCHEQRASFPLDSIRRRD(MSE)DANGRRTGPSCYRKWTVE
YAYPGVHSDVGGGYGVGNQGKAVGGSEFLLSQIALQH(MSE)YAEAFEAGAPLQVPAPAVHPDFHEEWRV(MSE)VPKIE
AEFSVSEELATRFNAWQAQAKAGPLEEVIRRETALITAWRIDRYAGGLRNKAFFANVPPD(MSE)PEAQQKAWEALHKRR
SREYAAAQQGEPLPP(MSE)SAAEQAEWDRNVALIGGEDQLRDLRVEKQFDPPLDQRQLLGAAAEFAHDYKGDWGVLDDG
(MSE)TVGGVIDLLLGGTVFLINEEDEAEEYSQIHRDGSARYHQLFSAPDRVAPGQEKLVALFDEQVHDSRAWF(MSE)N
TSAIGPREPFTDYFRYRLVHFDNESNKRLSVLATAGRVVGVGV(MSE)LASVGLSVKRRDPR(MSE)LLGLFLPSLARPL
LSGKVGLPEISAFDPLTGIALP(MSE)VGGAALDNLRAFTREPGDKVEQIGQLPPPPPLAVAAVQSPALQQVLLAQQTVE
ALKARDLGSLAGLVAKAELTQAPAAATPAWLAEAKQALQD(MSE)GTEQAQPPGPGSAPGWLKRGKDL(MSE)ESL
;
_entity_poly.pdbx_strand_id   A,B
#
# COMPACT_ATOMS: atom_id res chain seq x y z
N ASN A 5 -24.69 8.82 -2.08
CA ASN A 5 -23.35 8.29 -2.36
C ASN A 5 -22.44 8.27 -1.13
N PHE A 6 -21.21 7.74 -1.28
CA PHE A 6 -20.34 7.66 -0.13
C PHE A 6 -18.86 7.63 -0.49
N GLY A 7 -18.02 7.69 0.54
CA GLY A 7 -16.59 7.53 0.37
C GLY A 7 -15.86 8.87 0.38
N PHE A 8 -14.57 8.83 0.10
CA PHE A 8 -13.78 10.05 0.07
C PHE A 8 -13.44 10.47 -1.37
N HIS A 9 -13.63 11.76 -1.67
CA HIS A 9 -13.32 12.28 -3.02
C HIS A 9 -12.70 13.66 -2.96
N ILE A 10 -12.09 14.08 -4.07
CA ILE A 10 -11.71 15.47 -4.26
C ILE A 10 -13.02 16.23 -4.41
N ALA A 11 -13.04 17.50 -4.01
CA ALA A 11 -14.17 18.39 -4.30
C ALA A 11 -14.64 18.23 -5.74
N PRO A 12 -15.96 18.29 -5.97
CA PRO A 12 -16.43 18.28 -7.36
C PRO A 12 -16.09 19.60 -8.03
N THR A 13 -16.11 19.62 -9.36
CA THR A 13 -15.86 20.85 -10.11
C THR A 13 -16.99 21.79 -9.77
N HIS A 14 -16.75 23.10 -9.82
CA HIS A 14 -17.81 24.04 -9.49
C HIS A 14 -18.48 24.51 -10.77
N PRO A 15 -19.80 24.28 -10.90
CA PRO A 15 -20.48 24.54 -12.17
C PRO A 15 -20.53 26.03 -12.45
N VAL A 16 -20.26 26.39 -13.70
CA VAL A 16 -20.26 27.79 -14.17
C VAL A 16 -21.36 28.65 -13.54
N ALA A 17 -22.61 28.29 -13.80
CA ALA A 17 -23.75 29.05 -13.28
C ALA A 17 -24.00 28.95 -11.77
N GLY A 18 -23.21 28.12 -11.07
CA GLY A 18 -23.41 27.97 -9.64
C GLY A 18 -24.40 26.89 -9.29
N ARG A 19 -24.67 26.72 -8.00
CA ARG A 19 -25.52 25.63 -7.54
C ARG A 19 -26.81 26.17 -6.98
N LEU A 20 -26.99 27.49 -7.08
CA LEU A 20 -28.19 28.12 -6.52
C LEU A 20 -29.33 28.37 -7.52
N THR A 21 -29.10 28.04 -8.79
CA THR A 21 -30.14 28.14 -9.81
C THR A 21 -31.18 27.05 -9.56
N TYR A 22 -32.41 27.27 -10.00
CA TYR A 22 -33.45 26.28 -9.73
C TYR A 22 -34.48 26.07 -10.82
N ASP A 23 -35.11 24.90 -10.76
CA ASP A 23 -36.18 24.51 -11.66
C ASP A 23 -37.45 24.37 -10.80
N SER A 24 -38.63 24.54 -11.39
CA SER A 24 -39.86 24.35 -10.63
C SER A 24 -39.96 22.89 -10.18
N LYS A 25 -39.34 22.00 -10.95
CA LYS A 25 -39.23 20.60 -10.56
C LYS A 25 -38.30 20.45 -9.34
N LYS A 26 -37.17 21.14 -9.36
CA LYS A 26 -36.21 21.07 -8.25
C LYS A 26 -36.88 21.47 -6.93
N LEU A 27 -37.60 22.58 -7.00
CA LEU A 27 -38.28 23.12 -5.83
C LEU A 27 -39.40 22.16 -5.42
N SER A 28 -40.11 21.64 -6.43
CA SER A 28 -41.18 20.69 -6.20
C SER A 28 -40.66 19.52 -5.39
N GLU A 29 -39.49 19.01 -5.77
CA GLU A 29 -38.93 17.82 -5.11
C GLU A 29 -38.45 18.08 -3.70
N ASN A 30 -37.84 19.26 -3.48
CA ASN A 30 -37.41 19.58 -2.12
C ASN A 30 -38.64 19.63 -1.19
N ILE A 31 -39.68 20.31 -1.68
CA ILE A 31 -40.96 20.37 -0.98
C ILE A 31 -41.47 18.96 -0.71
N LEU A 32 -41.46 18.12 -1.76
CA LEU A 32 -41.98 16.76 -1.69
C LEU A 32 -41.32 15.96 -0.59
N LYS A 33 -40.01 16.09 -0.46
CA LYS A 33 -39.26 15.45 0.61
C LYS A 33 -39.72 15.97 1.98
N GLN A 34 -39.89 17.27 2.10
CA GLN A 34 -40.37 17.82 3.37
C GLN A 34 -41.75 17.31 3.79
N GLN A 35 -42.59 16.99 2.79
CA GLN A 35 -43.97 16.58 3.06
C GLN A 35 -44.17 15.07 3.02
N SER A 36 -43.10 14.30 3.14
CA SER A 36 -43.21 12.84 3.02
C SER A 36 -43.99 12.20 4.17
N ASP A 37 -43.72 12.67 5.39
CA ASP A 37 -44.45 12.21 6.57
C ASP A 37 -45.97 12.38 6.43
N GLU A 38 -46.38 13.58 6.01
CA GLU A 38 -47.79 13.88 5.76
C GLU A 38 -48.38 12.95 4.71
N ARG A 39 -47.62 12.67 3.66
CA ARG A 39 -48.06 11.75 2.62
C ARG A 39 -48.35 10.37 3.16
N VAL A 40 -47.36 9.79 3.86
CA VAL A 40 -47.55 8.49 4.48
C VAL A 40 -48.79 8.47 5.36
N PHE A 41 -48.92 9.50 6.20
CA PHE A 41 -50.01 9.56 7.16
C PHE A 41 -51.38 9.76 6.52
N SER A 42 -51.42 10.47 5.40
CA SER A 42 -52.66 10.83 4.74
C SER A 42 -53.15 9.69 3.85
N ARG A 43 -52.21 8.99 3.23
CA ARG A 43 -52.50 7.80 2.43
C ARG A 43 -53.35 6.81 3.24
N ALA A 44 -53.16 6.81 4.55
CA ALA A 44 -53.98 6.01 5.46
C ALA A 44 -55.21 6.79 5.93
N GLN A 45 -56.27 6.74 5.12
CA GLN A 45 -57.50 7.48 5.39
C GLN A 45 -58.19 6.99 6.66
N CYS A 61 -54.28 19.33 8.54
CA CYS A 61 -54.55 18.01 9.13
C CYS A 61 -53.38 17.45 9.95
N CYS A 62 -52.19 17.39 9.34
CA CYS A 62 -50.99 16.90 10.04
C CYS A 62 -49.78 17.74 9.67
N LYS A 63 -48.70 17.61 10.45
CA LYS A 63 -47.43 18.25 10.11
C LYS A 63 -46.24 17.56 10.76
N ALA A 64 -45.12 17.48 10.03
CA ALA A 64 -43.88 17.07 10.66
C ALA A 64 -43.24 18.31 11.26
N ILE A 65 -42.35 18.12 12.22
CA ILE A 65 -41.60 19.25 12.75
C ILE A 65 -40.21 19.20 12.12
N HIS A 66 -39.85 20.27 11.40
CA HIS A 66 -38.58 20.30 10.69
C HIS A 66 -37.68 21.29 11.40
N ILE A 67 -36.49 20.83 11.80
CA ILE A 67 -35.63 21.65 12.65
C ILE A 67 -34.21 21.75 12.10
N THR A 68 -33.76 22.97 11.83
CA THR A 68 -32.37 23.22 11.49
C THR A 68 -31.61 23.73 12.72
N LEU A 69 -30.43 23.13 12.98
CA LEU A 69 -29.53 23.54 14.07
C LEU A 69 -28.12 23.77 13.51
N GLY A 70 -27.57 24.97 13.72
CA GLY A 70 -26.24 25.28 13.24
C GLY A 70 -25.30 25.60 14.39
N PHE A 71 -24.21 24.82 14.50
CA PHE A 71 -23.17 25.06 15.48
C PHE A 71 -21.98 25.70 14.79
N ASP A 72 -21.74 26.97 15.09
CA ASP A 72 -20.71 27.77 14.43
C ASP A 72 -19.31 27.37 14.90
N GLY A 73 -18.30 27.86 14.20
CA GLY A 73 -16.95 27.40 14.45
C GLY A 73 -16.22 28.14 15.54
N THR A 74 -14.97 27.74 15.73
CA THR A 74 -14.07 28.34 16.70
C THR A 74 -13.96 29.84 16.46
N ASN A 75 -14.28 30.62 17.49
CA ASN A 75 -14.21 32.08 17.44
C ASN A 75 -15.15 32.72 16.42
N ASN A 76 -16.13 31.96 15.95
CA ASN A 76 -17.16 32.52 15.09
C ASN A 76 -18.43 32.87 15.85
N ASN A 77 -18.85 34.12 15.74
CA ASN A 77 -20.09 34.57 16.40
C ASN A 77 -20.86 35.43 15.42
N ASP A 78 -22.05 34.99 15.02
CA ASP A 78 -22.79 35.66 13.95
C ASP A 78 -23.12 37.12 14.27
N LYS A 79 -23.65 37.38 15.46
CA LYS A 79 -23.96 38.75 15.90
C LYS A 79 -22.75 39.66 15.73
N ALA A 80 -21.62 39.23 16.29
CA ALA A 80 -20.39 40.02 16.24
C ALA A 80 -19.85 40.16 14.81
N ASP A 81 -19.58 39.03 14.18
CA ASP A 81 -18.93 39.00 12.88
C ASP A 81 -19.71 39.62 11.72
N GLY A 82 -21.04 39.68 11.82
CA GLY A 82 -21.85 40.23 10.75
C GLY A 82 -22.35 41.64 10.98
N SER A 83 -21.91 42.28 12.06
CA SER A 83 -22.47 43.57 12.48
C SER A 83 -21.75 44.78 11.88
N SER A 84 -20.49 44.59 11.48
CA SER A 84 -19.69 45.69 10.93
C SER A 84 -19.86 45.83 9.41
N VAL A 85 -19.14 46.79 8.84
CA VAL A 85 -19.19 47.08 7.40
C VAL A 85 -18.49 46.02 6.56
N SER A 86 -17.51 45.34 7.15
CA SER A 86 -16.84 44.20 6.51
C SER A 86 -17.24 42.92 7.22
N PRO A 87 -18.49 42.48 7.04
CA PRO A 87 -18.94 41.32 7.83
C PRO A 87 -18.21 40.04 7.42
N SER A 88 -18.16 39.08 8.33
CA SER A 88 -17.37 37.89 8.12
C SER A 88 -18.08 36.64 8.64
N CYS A 89 -19.39 36.57 8.39
CA CYS A 89 -20.19 35.39 8.74
C CYS A 89 -19.57 34.11 8.20
N SER A 90 -19.56 33.04 9.00
CA SER A 90 -19.10 31.73 8.53
C SER A 90 -20.13 31.10 7.60
N ASN A 91 -19.79 29.96 7.02
CA ASN A 91 -20.76 29.24 6.22
C ASN A 91 -21.92 28.66 7.02
N VAL A 92 -21.68 28.30 8.28
CA VAL A 92 -22.77 27.89 9.15
C VAL A 92 -23.79 29.01 9.30
N ALA A 93 -23.29 30.22 9.57
CA ALA A 93 -24.19 31.35 9.77
C ALA A 93 -24.91 31.67 8.47
N ARG A 94 -24.19 31.58 7.36
CA ARG A 94 -24.80 31.81 6.05
C ARG A 94 -25.94 30.82 5.79
N LEU A 95 -25.73 29.55 6.08
CA LEU A 95 -26.76 28.52 5.89
C LEU A 95 -27.96 28.69 6.82
N ILE A 96 -27.69 29.19 8.03
CA ILE A 96 -28.77 29.52 8.97
C ILE A 96 -29.60 30.73 8.48
N HIS A 97 -28.91 31.78 8.01
CA HIS A 97 -29.59 32.93 7.43
C HIS A 97 -30.52 32.52 6.28
N ALA A 98 -30.07 31.55 5.48
CA ALA A 98 -30.83 31.05 4.32
C ALA A 98 -31.78 29.92 4.66
N SER A 99 -31.84 29.56 5.94
CA SER A 99 -32.77 28.52 6.39
C SER A 99 -34.12 29.10 6.81
N ILE A 100 -35.19 28.35 6.58
CA ILE A 100 -36.53 28.75 6.97
C ILE A 100 -36.74 28.38 8.44
N GLY A 101 -37.51 29.19 9.18
CA GLY A 101 -37.83 28.87 10.57
C GLY A 101 -37.83 30.08 11.48
N SER A 102 -38.05 31.26 10.89
CA SER A 102 -38.05 32.49 11.66
C SER A 102 -39.47 33.02 11.79
N GLY A 103 -39.88 33.29 13.02
CA GLY A 103 -41.19 33.86 13.29
C GLY A 103 -42.25 32.91 13.82
N ASP A 104 -43.21 33.47 14.58
CA ASP A 104 -44.33 32.73 15.14
C ASP A 104 -45.09 31.91 14.10
N ASP A 105 -45.34 32.54 12.96
CA ASP A 105 -46.11 31.93 11.88
C ASP A 105 -45.43 30.66 11.34
N ILE A 106 -44.21 30.80 10.86
CA ILE A 106 -43.47 29.67 10.29
C ILE A 106 -43.25 28.56 11.29
N ASN A 107 -42.92 28.93 12.53
CA ASN A 107 -42.79 27.97 13.62
C ASN A 107 -44.09 27.17 13.78
N SER A 108 -45.21 27.89 13.90
CA SER A 108 -46.52 27.26 13.96
C SER A 108 -46.80 26.38 12.75
N ARG A 109 -46.11 26.63 11.65
CA ARG A 109 -46.20 25.75 10.49
C ARG A 109 -45.19 24.59 10.56
N GLY A 110 -44.45 24.51 11.68
CA GLY A 110 -43.64 23.35 11.97
C GLY A 110 -42.17 23.42 11.58
N ILE A 111 -41.75 24.57 11.07
CA ILE A 111 -40.35 24.76 10.72
C ILE A 111 -39.69 25.72 11.71
N PHE A 112 -38.57 25.27 12.29
CA PHE A 112 -37.82 26.02 13.30
C PHE A 112 -36.36 26.09 12.90
N LYS A 113 -35.66 27.15 13.31
CA LYS A 113 -34.20 27.19 13.13
C LYS A 113 -33.51 27.78 14.37
N TYR A 114 -32.32 27.27 14.65
CA TYR A 114 -31.58 27.65 15.84
C TYR A 114 -30.11 27.84 15.48
N TYR A 115 -29.50 28.86 16.07
CA TYR A 115 -28.09 29.15 15.83
C TYR A 115 -27.32 29.09 17.12
N CYS A 116 -26.20 28.40 17.12
CA CYS A 116 -25.34 28.36 18.30
C CYS A 116 -23.96 28.99 17.99
N PRO A 117 -23.61 30.09 18.70
CA PRO A 117 -22.29 30.72 18.52
C PRO A 117 -21.14 29.80 18.80
N GLY A 118 -20.00 30.11 18.20
CA GLY A 118 -18.81 29.29 18.40
C GLY A 118 -18.18 29.41 19.78
N VAL A 119 -17.43 28.38 20.16
CA VAL A 119 -16.69 28.40 21.41
C VAL A 119 -15.70 29.55 21.37
N GLY A 120 -15.46 30.15 22.54
CA GLY A 120 -14.54 31.28 22.62
C GLY A 120 -15.24 32.61 22.42
N THR A 121 -16.54 32.53 22.10
CA THR A 121 -17.35 33.71 21.97
C THR A 121 -18.49 33.67 22.98
N VAL A 122 -18.99 34.85 23.32
CA VAL A 122 -20.04 34.97 24.33
C VAL A 122 -21.35 34.27 23.92
N PHE A 123 -21.94 33.54 24.87
CA PHE A 123 -23.21 32.83 24.68
C PHE A 123 -24.04 32.98 25.95
N PRO A 124 -24.93 33.98 25.98
CA PRO A 124 -25.72 34.29 27.18
C PRO A 124 -26.58 33.12 27.62
N ASP A 125 -27.12 32.36 26.67
CA ASP A 125 -28.01 31.24 26.95
C ASP A 125 -27.39 30.16 27.83
N ILE A 126 -26.07 30.07 27.82
CA ILE A 126 -25.35 29.11 28.66
C ILE A 126 -24.48 29.85 29.69
N LYS A 127 -24.77 31.14 29.85
CA LYS A 127 -24.09 32.02 30.81
C LYS A 127 -22.58 32.12 30.60
N GLU A 128 -22.16 32.03 29.34
CA GLU A 128 -20.76 32.23 28.97
C GLU A 128 -20.66 33.71 28.62
N PHE A 129 -20.17 34.51 29.55
CA PHE A 129 -20.22 35.96 29.37
C PHE A 129 -18.91 36.61 28.92
N THR A 130 -17.83 35.84 28.90
CA THR A 130 -16.55 36.34 28.41
C THR A 130 -16.00 35.49 27.28
N PRO A 131 -15.39 36.13 26.27
CA PRO A 131 -14.70 35.41 25.20
C PRO A 131 -13.42 34.74 25.72
N SER A 132 -12.82 33.85 24.93
CA SER A 132 -11.63 33.11 25.36
C SER A 132 -10.37 33.96 25.39
N ASN A 133 -9.40 33.61 26.23
CA ASN A 133 -8.11 34.31 26.26
C ASN A 133 -7.05 33.74 25.30
N MSE A 134 -6.67 34.51 24.29
CA MSE A 134 -5.62 34.10 23.36
C MSE A 134 -5.85 32.71 22.79
O MSE A 134 -4.90 31.93 22.65
CB MSE A 134 -4.25 34.15 24.06
CG MSE A 134 -3.78 35.52 24.54
SE MSE A 134 -2.79 36.55 23.21
CE MSE A 134 -4.28 37.34 22.24
N GLY A 135 -7.10 32.38 22.49
CA GLY A 135 -7.43 31.07 21.94
C GLY A 135 -7.32 29.90 22.92
N LEU A 136 -7.43 30.18 24.21
CA LEU A 136 -7.51 29.10 25.18
C LEU A 136 -8.95 28.70 25.39
N ILE A 137 -9.29 27.48 24.99
CA ILE A 137 -10.68 27.03 25.00
C ILE A 137 -10.83 25.70 25.75
N GLY A 138 -11.62 25.72 26.81
CA GLY A 138 -11.89 24.53 27.59
C GLY A 138 -13.02 23.71 26.98
N ALA A 139 -13.13 22.46 27.41
CA ALA A 139 -14.08 21.51 26.82
C ALA A 139 -15.54 21.84 27.18
N GLU A 140 -15.70 22.47 28.35
CA GLU A 140 -17.03 22.67 28.89
C GLU A 140 -17.90 23.54 27.99
N GLY A 141 -17.29 24.49 27.28
CA GLY A 141 -18.04 25.34 26.36
C GLY A 141 -18.67 24.53 25.25
N GLY A 142 -17.90 23.57 24.73
CA GLY A 142 -18.40 22.65 23.73
C GLY A 142 -19.57 21.85 24.27
N GLU A 143 -19.36 21.22 25.43
CA GLU A 143 -20.43 20.41 26.03
C GLU A 143 -21.72 21.18 26.26
N ASN A 144 -21.59 22.40 26.79
CA ASN A 144 -22.76 23.25 27.03
C ASN A 144 -23.48 23.63 25.74
N ARG A 145 -22.71 23.82 24.67
CA ARG A 145 -23.33 24.09 23.36
C ARG A 145 -24.11 22.89 22.79
N ILE A 146 -23.53 21.70 22.91
CA ILE A 146 -24.23 20.47 22.53
C ILE A 146 -25.54 20.33 23.33
N ASN A 147 -25.46 20.54 24.64
CA ASN A 147 -26.64 20.38 25.48
C ASN A 147 -27.73 21.43 25.23
N TRP A 148 -27.30 22.67 24.99
CA TRP A 148 -28.19 23.73 24.53
C TRP A 148 -28.92 23.26 23.27
N GLY A 149 -28.15 22.67 22.35
CA GLY A 149 -28.69 22.13 21.12
C GLY A 149 -29.79 21.13 21.39
N LEU A 150 -29.50 20.14 22.26
CA LEU A 150 -30.53 19.19 22.68
C LEU A 150 -31.79 19.88 23.24
N VAL A 151 -31.61 20.86 24.11
CA VAL A 151 -32.72 21.61 24.69
C VAL A 151 -33.59 22.29 23.62
N GLN A 152 -32.96 22.81 22.56
CA GLN A 152 -33.71 23.50 21.52
C GLN A 152 -34.76 22.63 20.83
N LEU A 153 -34.52 21.33 20.82
CA LEU A 153 -35.46 20.35 20.27
C LEU A 153 -36.70 20.29 21.16
N VAL A 154 -36.43 20.31 22.47
CA VAL A 154 -37.49 20.31 23.45
C VAL A 154 -38.32 21.57 23.23
N ASP A 155 -37.63 22.70 23.04
CA ASP A 155 -38.27 23.99 22.79
C ASP A 155 -39.17 23.96 21.55
N ALA A 156 -38.67 23.38 20.47
CA ALA A 156 -39.45 23.26 19.24
C ALA A 156 -40.74 22.48 19.45
N LEU A 157 -40.64 21.35 20.15
CA LEU A 157 -41.87 20.56 20.42
C LEU A 157 -42.81 21.35 21.33
N PHE A 158 -42.24 21.93 22.39
CA PHE A 158 -42.96 22.71 23.39
C PHE A 158 -43.77 23.80 22.72
N TYR A 159 -43.15 24.50 21.77
CA TYR A 159 -43.88 25.54 21.05
C TYR A 159 -44.91 24.94 20.15
N THR A 160 -44.56 23.81 19.53
CA THR A 160 -45.50 23.15 18.63
C THR A 160 -46.81 22.84 19.35
N LEU A 161 -46.71 22.32 20.57
CA LEU A 161 -47.89 21.87 21.32
C LEU A 161 -48.56 22.96 22.15
N LEU A 162 -47.78 23.78 22.82
CA LEU A 162 -48.32 24.72 23.81
C LEU A 162 -48.26 26.20 23.42
N LYS A 163 -47.70 26.51 22.25
CA LYS A 163 -47.63 27.89 21.76
C LYS A 163 -46.87 28.86 22.67
N SER A 164 -45.93 28.32 23.45
CA SER A 164 -44.98 29.15 24.18
C SER A 164 -43.61 28.52 23.99
N ARG A 165 -42.55 29.27 24.31
CA ARG A 165 -41.21 28.72 24.19
C ARG A 165 -40.58 28.68 25.58
N LEU A 166 -39.57 27.83 25.74
CA LEU A 166 -38.91 27.70 27.04
C LEU A 166 -38.31 29.03 27.52
N LYS A 167 -38.50 29.36 28.79
CA LYS A 167 -37.88 30.56 29.33
C LYS A 167 -36.36 30.37 29.44
N LEU A 168 -35.63 31.40 29.05
CA LEU A 168 -34.16 31.45 29.11
C LEU A 168 -33.60 30.93 30.45
N ASN A 169 -34.31 31.22 31.53
CA ASN A 169 -33.93 30.73 32.85
C ASN A 169 -33.90 29.21 32.87
N ASP A 170 -34.93 28.60 32.28
CA ASP A 170 -35.04 27.16 32.23
C ASP A 170 -34.06 26.49 31.28
N VAL A 171 -33.83 27.09 30.11
CA VAL A 171 -32.79 26.60 29.22
C VAL A 171 -31.47 26.56 30.00
N GLN A 172 -31.10 27.71 30.57
CA GLN A 172 -29.89 27.82 31.40
C GLN A 172 -29.78 26.72 32.44
N GLY A 173 -30.87 26.48 33.17
CA GLY A 173 -30.89 25.45 34.19
C GLY A 173 -30.75 24.04 33.64
N LEU A 174 -31.29 23.81 32.45
CA LEU A 174 -31.25 22.49 31.85
C LEU A 174 -29.82 22.19 31.45
N VAL A 175 -29.22 23.15 30.75
CA VAL A 175 -27.82 23.04 30.34
C VAL A 175 -26.93 22.81 31.56
N GLU A 176 -27.19 23.54 32.65
CA GLU A 176 -26.40 23.33 33.88
C GLU A 176 -26.57 21.94 34.48
N GLU A 177 -27.82 21.46 34.52
CA GLU A 177 -28.15 20.12 35.02
C GLU A 177 -27.54 18.98 34.20
N MSE A 178 -27.39 19.21 32.88
CA MSE A 178 -26.84 18.17 31.99
C MSE A 178 -25.29 18.13 32.01
O MSE A 178 -24.70 17.15 31.56
CB MSE A 178 -27.36 18.35 30.55
CG MSE A 178 -28.89 18.29 30.40
SE MSE A 178 -29.61 19.36 28.92
CE MSE A 178 -29.34 18.08 27.48
N SER A 179 -24.66 19.19 32.51
CA SER A 179 -23.17 19.28 32.51
C SER A 179 -22.51 18.17 33.32
N THR A 180 -21.27 17.86 32.99
CA THR A 180 -20.50 16.90 33.78
C THR A 180 -19.61 17.60 34.81
N ASN A 181 -19.66 18.93 34.85
CA ASN A 181 -18.94 19.72 35.87
C ASN A 181 -17.47 19.35 36.10
N TRP A 182 -16.69 19.19 35.05
CA TRP A 182 -15.31 18.75 35.24
C TRP A 182 -14.51 19.73 36.08
N THR A 183 -13.88 19.21 37.14
CA THR A 183 -12.84 19.93 37.86
C THR A 183 -11.83 18.99 38.54
N VAL A 184 -10.76 19.58 39.06
CA VAL A 184 -9.79 18.87 39.87
C VAL A 184 -9.70 19.60 41.19
N SER A 185 -9.85 18.88 42.30
CA SER A 185 -9.72 19.49 43.62
C SER A 185 -8.56 18.86 44.40
N THR A 186 -7.86 19.69 45.16
CA THR A 186 -6.74 19.26 46.00
C THR A 186 -7.17 18.14 46.95
N LEU A 187 -8.44 18.17 47.34
CA LEU A 187 -8.96 17.20 48.31
C LEU A 187 -9.35 15.83 47.73
N THR A 188 -10.01 15.84 46.57
CA THR A 188 -10.59 14.62 46.02
C THR A 188 -10.08 14.25 44.61
N GLY A 189 -9.30 15.12 43.98
CA GLY A 189 -8.79 14.86 42.63
C GLY A 189 -9.82 15.14 41.56
N GLY A 190 -9.96 14.21 40.62
CA GLY A 190 -10.90 14.40 39.51
C GLY A 190 -12.35 14.33 39.95
N LEU A 191 -13.19 15.20 39.39
CA LEU A 191 -14.61 15.09 39.64
C LEU A 191 -15.29 14.56 38.38
N LEU A 192 -15.63 13.27 38.39
CA LEU A 192 -16.19 12.67 37.18
C LEU A 192 -17.69 12.39 37.31
N GLU A 193 -18.45 12.90 36.35
CA GLU A 193 -19.88 12.63 36.30
C GLU A 193 -20.25 11.95 34.97
N ASN A 194 -21.30 11.15 35.00
CA ASN A 194 -21.75 10.40 33.83
C ASN A 194 -22.69 11.27 32.98
N GLY A 195 -22.17 11.78 31.86
CA GLY A 195 -22.93 12.64 30.98
C GLY A 195 -24.25 12.08 30.48
N GLU A 196 -24.24 10.82 30.07
CA GLU A 196 -25.45 10.18 29.57
C GLU A 196 -26.57 10.24 30.62
N LYS A 197 -26.24 9.79 31.83
CA LYS A 197 -27.22 9.78 32.91
C LYS A 197 -27.76 11.17 33.19
N LYS A 198 -26.86 12.15 33.27
CA LYS A 198 -27.26 13.51 33.61
C LYS A 198 -28.15 14.15 32.55
N ARG A 199 -27.81 13.93 31.27
CA ARG A 199 -28.60 14.45 30.16
C ARG A 199 -30.00 13.83 30.13
N ARG A 200 -30.06 12.50 30.27
CA ARG A 200 -31.37 11.83 30.28
C ARG A 200 -32.23 12.29 31.44
N ALA A 201 -31.64 12.28 32.65
CA ALA A 201 -32.34 12.74 33.85
C ALA A 201 -32.88 14.16 33.67
N ALA A 202 -32.03 15.06 33.22
CA ALA A 202 -32.48 16.45 33.07
C ALA A 202 -33.58 16.60 32.03
N LEU A 203 -33.53 15.81 30.95
CA LEU A 203 -34.53 15.97 29.88
C LEU A 203 -35.86 15.26 30.16
N GLU A 204 -35.83 14.28 31.05
CA GLU A 204 -37.00 13.43 31.27
C GLU A 204 -38.32 14.11 31.65
N PRO A 205 -38.31 15.06 32.60
CA PRO A 205 -39.59 15.69 32.96
C PRO A 205 -40.28 16.34 31.78
N LYS A 206 -39.53 17.08 30.98
CA LYS A 206 -40.08 17.73 29.80
C LYS A 206 -40.53 16.72 28.73
N LEU A 207 -39.70 15.71 28.46
CA LEU A 207 -40.06 14.68 27.46
C LEU A 207 -41.34 13.93 27.87
N LYS A 208 -41.55 13.75 29.15
CA LYS A 208 -42.75 13.08 29.61
C LYS A 208 -43.95 13.98 29.48
N GLU A 209 -43.81 15.25 29.86
CA GLU A 209 -44.89 16.23 29.70
C GLU A 209 -45.32 16.24 28.25
N LEU A 210 -44.34 16.30 27.36
CA LEU A 210 -44.61 16.46 25.93
C LEU A 210 -45.25 15.21 25.36
N GLU A 211 -44.82 14.06 25.84
CA GLU A 211 -45.39 12.80 25.40
C GLU A 211 -46.83 12.69 25.85
N GLU A 212 -47.09 13.15 27.08
CA GLU A 212 -48.43 13.16 27.66
C GLU A 212 -49.35 14.04 26.83
N LYS A 213 -48.88 15.23 26.47
CA LYS A 213 -49.65 16.12 25.59
C LYS A 213 -49.97 15.46 24.26
N LEU A 214 -48.98 14.78 23.68
CA LEU A 214 -49.17 14.14 22.38
C LEU A 214 -50.19 13.01 22.53
N ARG A 215 -50.13 12.30 23.64
CA ARG A 215 -51.15 11.33 23.96
C ARG A 215 -52.55 11.97 23.98
N GLN A 216 -52.71 13.08 24.69
CA GLN A 216 -54.01 13.72 24.80
C GLN A 216 -54.56 14.08 23.42
N ARG A 217 -53.70 14.65 22.60
CA ARG A 217 -54.11 15.15 21.28
C ARG A 217 -54.48 14.02 20.37
N GLN A 218 -53.78 12.91 20.50
CA GLN A 218 -54.05 11.73 19.69
C GLN A 218 -55.38 11.06 20.11
N ASN A 219 -55.60 10.94 21.41
CA ASN A 219 -56.80 10.27 21.92
C ASN A 219 -58.05 11.13 21.79
N SER A 220 -57.85 12.42 21.58
CA SER A 220 -58.97 13.35 21.44
C SER A 220 -59.12 13.83 20.01
N GLY A 221 -58.25 13.35 19.13
CA GLY A 221 -58.33 13.65 17.70
C GLY A 221 -58.10 15.10 17.36
N GLN A 222 -57.36 15.81 18.20
CA GLN A 222 -57.08 17.21 17.92
C GLN A 222 -56.16 17.33 16.72
N LYS A 223 -56.41 18.32 15.87
CA LYS A 223 -55.55 18.56 14.71
C LYS A 223 -54.76 19.84 14.93
N PRO A 224 -53.52 19.92 14.39
CA PRO A 224 -52.84 18.97 13.50
C PRO A 224 -52.27 17.74 14.24
N HIS A 225 -52.28 16.58 13.59
CA HIS A 225 -51.60 15.40 14.12
C HIS A 225 -50.07 15.59 13.95
N ILE A 226 -49.34 15.65 15.07
CA ILE A 226 -47.89 15.78 15.03
C ILE A 226 -47.24 14.44 14.69
N LEU A 227 -46.49 14.41 13.58
CA LEU A 227 -46.07 13.16 13.00
C LEU A 227 -44.64 12.72 13.32
N ALA A 228 -43.68 13.65 13.22
CA ALA A 228 -42.29 13.27 13.37
C ALA A 228 -41.41 14.48 13.60
N MSE A 229 -40.14 14.18 13.86
CA MSE A 229 -39.14 15.21 14.00
C MSE A 229 -37.98 14.90 13.10
O MSE A 229 -37.37 13.84 13.20
CB MSE A 229 -38.69 15.30 15.44
CG MSE A 229 -39.76 15.94 16.27
SE MSE A 229 -39.34 16.39 18.04
CE MSE A 229 -37.46 17.01 17.90
N ARG A 230 -37.67 15.85 12.22
CA ARG A 230 -36.69 15.67 11.16
C ARG A 230 -35.65 16.78 11.31
N LEU A 231 -34.38 16.40 11.44
CA LEU A 231 -33.32 17.35 11.80
C LEU A 231 -32.35 17.61 10.65
N TYR A 232 -31.96 18.87 10.49
CA TYR A 232 -30.96 19.30 9.53
C TYR A 232 -29.93 20.07 10.37
N ILE A 233 -28.69 19.58 10.37
CA ILE A 233 -27.69 20.03 11.34
C ILE A 233 -26.42 20.46 10.59
N TYR A 234 -25.93 21.67 10.83
CA TYR A 234 -24.73 22.17 10.16
C TYR A 234 -23.71 22.50 11.24
N GLY A 235 -22.43 22.15 11.03
CA GLY A 235 -21.41 22.49 12.00
C GLY A 235 -20.09 22.84 11.33
N PHE A 236 -19.32 23.74 11.93
CA PHE A 236 -17.96 24.00 11.40
C PHE A 236 -16.97 23.97 12.55
N SER A 237 -15.82 23.31 12.35
CA SER A 237 -14.72 23.36 13.32
C SER A 237 -15.11 22.67 14.62
N ARG A 238 -14.95 23.34 15.75
CA ARG A 238 -15.42 22.75 16.98
C ARG A 238 -16.93 22.62 16.98
N GLY A 239 -17.59 23.36 16.10
CA GLY A 239 -19.03 23.28 16.02
C GLY A 239 -19.43 22.05 15.22
N ALA A 240 -18.54 21.61 14.34
CA ALA A 240 -18.72 20.32 13.66
C ALA A 240 -18.48 19.18 14.65
N ALA A 241 -17.47 19.33 15.50
CA ALA A 241 -17.27 18.37 16.59
C ALA A 241 -18.52 18.28 17.47
N GLU A 242 -19.06 19.46 17.81
CA GLU A 242 -20.28 19.54 18.61
C GLU A 242 -21.44 18.87 17.91
N ALA A 243 -21.56 19.06 16.59
CA ALA A 243 -22.66 18.42 15.85
C ALA A 243 -22.55 16.91 15.92
N ARG A 244 -21.34 16.41 15.81
CA ARG A 244 -21.13 14.96 15.82
C ARG A 244 -21.44 14.36 17.19
N ALA A 245 -20.96 15.02 18.24
CA ALA A 245 -21.31 14.58 19.58
C ALA A 245 -22.82 14.69 19.81
N PHE A 246 -23.42 15.79 19.36
CA PHE A 246 -24.87 15.99 19.40
C PHE A 246 -25.61 14.80 18.77
N ALA A 247 -25.23 14.43 17.56
CA ALA A 247 -25.85 13.30 16.86
C ALA A 247 -25.77 12.02 17.69
N ASN A 248 -24.58 11.72 18.24
CA ASN A 248 -24.45 10.55 19.12
C ASN A 248 -25.26 10.60 20.43
N TRP A 249 -25.18 11.71 21.15
CA TRP A 249 -25.99 11.87 22.38
C TRP A 249 -27.50 11.81 22.10
N LEU A 250 -27.90 12.28 20.93
CA LEU A 250 -29.29 12.26 20.56
C LEU A 250 -29.71 10.82 20.28
N GLN A 251 -28.84 10.09 19.57
CA GLN A 251 -29.12 8.70 19.26
C GLN A 251 -29.26 7.88 20.54
N GLU A 252 -28.32 8.10 21.46
CA GLU A 252 -28.35 7.47 22.77
C GLU A 252 -29.66 7.79 23.52
N LEU A 253 -30.11 9.04 23.44
CA LEU A 253 -31.33 9.46 24.14
C LEU A 253 -32.63 8.91 23.57
N THR A 254 -32.63 8.64 22.26
CA THR A 254 -33.89 8.36 21.57
C THR A 254 -34.02 6.92 21.08
N ARG A 255 -32.90 6.19 21.09
CA ARG A 255 -32.92 4.78 20.75
C ARG A 255 -33.86 4.05 21.72
N VAL A 256 -34.97 3.55 21.20
CA VAL A 256 -35.96 2.93 22.08
C VAL A 256 -35.81 1.44 21.93
N SER A 257 -36.18 0.93 20.76
CA SER A 257 -35.67 -0.33 20.28
C SER A 257 -35.80 -1.48 21.27
N ASP A 258 -37.04 -1.76 21.55
CA ASP A 258 -37.39 -2.85 22.37
C ASP A 258 -38.58 -3.39 21.64
N ALA A 259 -39.28 -4.30 22.32
CA ALA A 259 -40.45 -5.01 21.89
C ALA A 259 -40.22 -5.68 20.58
N ASP A 260 -40.21 -7.02 20.65
CA ASP A 260 -40.04 -7.81 19.45
C ASP A 260 -38.67 -7.69 18.89
N GLY A 261 -37.92 -6.73 19.41
CA GLY A 261 -36.58 -6.45 18.96
C GLY A 261 -36.44 -5.65 17.69
N ARG A 262 -37.47 -4.91 17.36
CA ARG A 262 -37.44 -3.85 16.38
C ARG A 262 -36.72 -2.62 16.97
N VAL A 263 -35.85 -2.00 16.20
CA VAL A 263 -35.08 -0.84 16.66
C VAL A 263 -35.54 0.44 15.98
N GLU A 264 -35.98 1.42 16.78
CA GLU A 264 -36.34 2.72 16.25
C GLU A 264 -35.81 3.88 17.12
N TYR A 265 -36.02 5.10 16.65
CA TYR A 265 -35.62 6.26 17.41
C TYR A 265 -36.83 7.15 17.62
N ARG A 266 -37.09 7.47 18.87
CA ARG A 266 -38.24 8.28 19.22
C ARG A 266 -37.89 9.32 20.26
N PHE A 267 -38.56 10.47 20.13
CA PHE A 267 -38.34 11.64 20.96
C PHE A 267 -39.72 12.01 21.46
N ALA A 268 -39.99 11.68 22.71
CA ALA A 268 -41.33 11.85 23.29
C ALA A 268 -42.41 11.14 22.45
N GLY A 269 -42.10 9.92 22.00
CA GLY A 269 -43.04 9.12 21.24
C GLY A 269 -42.92 9.29 19.73
N LEU A 270 -42.41 10.45 19.32
CA LEU A 270 -42.34 10.82 17.92
C LEU A 270 -41.10 10.25 17.24
N PRO A 271 -41.27 9.67 16.05
CA PRO A 271 -40.10 9.24 15.25
C PRO A 271 -39.18 10.44 15.07
N ILE A 272 -37.88 10.21 15.14
CA ILE A 272 -36.90 11.27 14.96
C ILE A 272 -35.75 10.79 14.11
N SER A 273 -35.28 11.65 13.21
CA SER A 273 -34.12 11.32 12.39
C SER A 273 -33.32 12.58 12.09
N ILE A 274 -32.02 12.41 11.88
CA ILE A 274 -31.21 13.47 11.30
C ILE A 274 -31.21 13.25 9.77
N GLU A 275 -32.03 14.01 9.07
CA GLU A 275 -32.15 13.93 7.61
C GLU A 275 -30.84 14.35 6.93
N PHE A 276 -30.10 15.27 7.58
CA PHE A 276 -28.86 15.78 6.99
C PHE A 276 -27.88 16.32 8.04
N LEU A 277 -26.64 15.86 7.99
CA LEU A 277 -25.60 16.35 8.87
C LEU A 277 -24.48 16.94 7.97
N GLY A 278 -24.34 18.26 7.98
CA GLY A 278 -23.36 18.91 7.11
C GLY A 278 -22.23 19.50 7.91
N LEU A 279 -21.01 19.04 7.64
CA LEU A 279 -19.85 19.41 8.45
C LEU A 279 -18.72 20.02 7.64
N PHE A 280 -18.16 21.11 8.16
CA PHE A 280 -16.99 21.75 7.55
C PHE A 280 -15.82 21.51 8.47
N ASP A 281 -14.84 20.71 8.02
CA ASP A 281 -13.51 20.61 8.66
C ASP A 281 -13.57 20.45 10.17
N THR A 282 -14.02 19.27 10.63
CA THR A 282 -14.19 19.00 12.05
C THR A 282 -12.90 19.12 12.86
N VAL A 283 -12.92 19.91 13.92
CA VAL A 283 -11.78 20.02 14.84
C VAL A 283 -12.29 19.83 16.26
N ALA A 284 -11.79 18.82 16.96
CA ALA A 284 -12.38 18.42 18.24
C ALA A 284 -11.43 18.70 19.39
N ALA A 285 -10.38 19.46 19.08
CA ALA A 285 -9.24 19.62 19.99
C ALA A 285 -9.54 20.58 21.10
N VAL A 286 -8.99 20.28 22.27
CA VAL A 286 -8.94 21.26 23.35
C VAL A 286 -8.20 22.51 22.84
N GLY A 287 -8.67 23.68 23.29
CA GLY A 287 -8.14 24.96 22.85
C GLY A 287 -6.87 25.28 23.60
N LEU A 288 -5.75 25.17 22.91
CA LEU A 288 -4.45 25.16 23.55
C LEU A 288 -3.53 26.22 22.97
N PRO A 293 7.30 19.52 20.93
CA PRO A 293 6.04 19.89 20.27
C PRO A 293 4.77 19.23 20.84
N PHE A 294 4.15 19.86 21.85
CA PHE A 294 2.82 19.47 22.34
C PHE A 294 1.74 19.51 21.24
N ALA A 295 1.06 18.39 21.03
CA ALA A 295 -0.08 18.37 20.13
C ALA A 295 -1.37 18.18 20.90
N ALA A 296 -2.27 19.15 20.80
CA ALA A 296 -3.60 19.04 21.41
C ALA A 296 -4.37 17.79 20.95
N GLY A 297 -5.06 17.14 21.88
CA GLY A 297 -5.95 16.06 21.53
C GLY A 297 -7.38 16.48 21.83
N HIS A 298 -8.30 15.52 21.79
CA HIS A 298 -9.73 15.78 21.98
C HIS A 298 -10.14 16.44 23.29
N MSE A 299 -11.12 17.34 23.20
CA MSE A 299 -11.92 17.72 24.37
C MSE A 299 -12.57 16.44 24.91
O MSE A 299 -12.88 15.51 24.14
CB MSE A 299 -13.00 18.74 23.97
CG MSE A 299 -12.42 20.14 23.74
SE MSE A 299 -13.68 21.38 22.87
CE MSE A 299 -12.61 22.99 23.07
N ASP A 300 -12.79 16.40 26.22
CA ASP A 300 -13.26 15.16 26.86
C ASP A 300 -14.56 14.62 26.26
N TRP A 301 -15.50 15.52 25.92
CA TRP A 301 -16.79 15.05 25.42
C TRP A 301 -16.69 14.42 24.03
N ALA A 302 -15.59 14.73 23.35
CA ALA A 302 -15.37 14.32 21.96
C ALA A 302 -14.79 12.92 21.82
N ASP A 303 -14.15 12.42 22.87
CA ASP A 303 -13.61 11.06 22.88
C ASP A 303 -14.72 10.08 22.57
N ASP A 304 -14.48 9.22 21.60
CA ASP A 304 -15.45 8.20 21.16
C ASP A 304 -16.82 8.74 20.72
N THR A 305 -16.91 10.04 20.48
CA THR A 305 -18.14 10.64 20.00
C THR A 305 -18.00 11.33 18.63
N MSE A 306 -16.83 11.23 18.02
CA MSE A 306 -16.65 11.80 16.69
C MSE A 306 -17.13 10.81 15.63
O MSE A 306 -17.54 11.20 14.54
CB MSE A 306 -15.19 12.16 16.44
CG MSE A 306 -14.70 13.31 17.34
SE MSE A 306 -15.77 14.91 17.01
CE MSE A 306 -16.95 14.74 18.56
N ARG A 307 -17.03 9.53 15.97
CA ARG A 307 -17.48 8.45 15.10
C ARG A 307 -18.96 8.68 14.76
N LEU A 308 -19.30 8.72 13.47
CA LEU A 308 -20.68 9.01 13.09
C LEU A 308 -21.59 7.89 13.63
N PRO A 309 -22.88 8.20 13.89
CA PRO A 309 -23.78 7.17 14.42
C PRO A 309 -23.87 5.94 13.52
N ASP A 310 -23.79 4.75 14.12
CA ASP A 310 -23.95 3.51 13.39
C ASP A 310 -25.39 3.04 13.47
N GLU A 311 -25.93 2.64 12.32
CA GLU A 311 -27.28 2.15 12.26
C GLU A 311 -27.30 0.70 12.74
N ALA A 312 -28.45 0.28 13.30
CA ALA A 312 -28.59 -1.06 13.86
C ALA A 312 -28.93 -2.13 12.81
N LEU A 313 -29.43 -3.27 13.27
CA LEU A 313 -29.67 -4.42 12.42
C LEU A 313 -31.16 -4.77 12.31
N PRO A 322 -41.34 4.48 3.00
CA PRO A 322 -39.94 4.93 3.00
C PRO A 322 -39.14 4.41 4.20
N GLU A 323 -37.82 4.41 4.02
CA GLU A 323 -36.85 3.98 5.03
C GLU A 323 -37.11 4.61 6.41
N ASP A 324 -37.21 3.78 7.45
CA ASP A 324 -37.60 4.25 8.79
C ASP A 324 -36.89 3.52 9.93
N CYS A 325 -35.85 2.76 9.58
CA CYS A 325 -35.03 2.07 10.57
C CYS A 325 -33.83 2.92 10.99
N SER A 326 -33.47 3.90 10.16
CA SER A 326 -32.18 4.61 10.29
C SER A 326 -32.25 5.91 11.09
N PHE A 327 -31.20 6.17 11.86
CA PHE A 327 -31.09 7.42 12.62
C PHE A 327 -30.50 8.58 11.78
N LEU A 328 -29.49 8.28 10.99
CA LEU A 328 -28.81 9.31 10.18
C LEU A 328 -28.97 9.00 8.70
N LYS A 329 -29.59 9.91 7.95
CA LYS A 329 -29.89 9.65 6.53
C LYS A 329 -28.78 10.08 5.56
N ARG A 330 -27.96 11.04 5.97
CA ARG A 330 -27.01 11.68 5.06
C ARG A 330 -26.02 12.57 5.81
N CYS A 331 -24.74 12.35 5.59
CA CYS A 331 -23.71 13.24 6.14
C CYS A 331 -22.70 13.64 5.07
N VAL A 332 -22.46 14.94 4.94
CA VAL A 332 -21.46 15.46 4.02
C VAL A 332 -20.39 16.21 4.81
N HIS A 333 -19.12 15.83 4.66
CA HIS A 333 -18.03 16.50 5.38
C HIS A 333 -17.01 17.07 4.40
N LEU A 334 -16.89 18.39 4.38
CA LEU A 334 -15.96 19.09 3.53
C LEU A 334 -14.76 19.43 4.39
N VAL A 335 -13.57 19.02 3.96
CA VAL A 335 -12.35 19.20 4.75
C VAL A 335 -11.27 20.02 4.04
N SER A 336 -10.46 20.74 4.83
CA SER A 336 -9.33 21.54 4.32
C SER A 336 -8.11 20.66 4.03
N CYS A 337 -7.49 20.82 2.86
CA CYS A 337 -6.25 20.12 2.54
C CYS A 337 -4.99 20.80 3.04
N HIS A 338 -5.07 22.11 3.24
CA HIS A 338 -3.88 22.93 3.49
C HIS A 338 -3.71 23.42 4.93
N GLU A 339 -4.69 23.15 5.80
CA GLU A 339 -4.54 23.49 7.24
C GLU A 339 -3.42 22.63 7.86
N GLN A 340 -2.61 23.22 8.75
CA GLN A 340 -1.45 22.55 9.32
C GLN A 340 -1.22 22.88 10.81
N ARG A 341 -2.03 23.75 11.40
CA ARG A 341 -1.79 24.17 12.78
C ARG A 341 -1.95 23.01 13.75
N ALA A 342 -0.99 22.88 14.66
CA ALA A 342 -1.04 21.90 15.73
C ALA A 342 -2.34 22.02 16.51
N SER A 343 -2.89 23.22 16.55
CA SER A 343 -4.08 23.53 17.34
C SER A 343 -5.36 23.14 16.60
N PHE A 344 -5.23 22.75 15.33
CA PHE A 344 -6.40 22.43 14.51
C PHE A 344 -6.34 21.06 13.82
N PRO A 345 -6.21 19.97 14.62
CA PRO A 345 -6.24 18.66 13.98
C PRO A 345 -7.62 18.32 13.42
N LEU A 346 -7.63 17.54 12.35
CA LEU A 346 -8.86 17.17 11.69
C LEU A 346 -9.42 15.88 12.29
N ASP A 347 -10.73 15.83 12.44
CA ASP A 347 -11.37 14.53 12.61
C ASP A 347 -12.08 14.15 11.32
N SER A 348 -11.53 13.18 10.61
CA SER A 348 -12.21 12.61 9.46
C SER A 348 -13.47 11.86 9.92
N ILE A 349 -14.43 11.66 9.03
CA ILE A 349 -15.59 10.83 9.36
C ILE A 349 -15.36 9.38 8.94
N ARG A 350 -14.14 9.07 8.51
CA ARG A 350 -13.71 7.69 8.24
C ARG A 350 -13.54 6.91 9.55
N ARG A 351 -13.88 5.63 9.51
CA ARG A 351 -13.79 4.78 10.69
C ARG A 351 -13.94 3.31 10.31
N ARG A 352 -13.52 2.42 11.21
CA ARG A 352 -13.68 0.99 10.97
C ARG A 352 -15.09 0.51 11.37
N ASP A 353 -15.64 -0.44 10.63
CA ASP A 353 -16.91 -1.07 11.03
C ASP A 353 -16.77 -1.64 12.43
N MSE A 354 -17.90 -1.77 13.12
CA MSE A 354 -17.84 -2.18 14.52
C MSE A 354 -19.20 -2.63 15.02
O MSE A 354 -19.95 -1.84 15.58
CB MSE A 354 -17.34 -0.98 15.35
CG MSE A 354 -17.32 -1.17 16.83
SE MSE A 354 -17.78 0.53 17.63
CE MSE A 354 -16.00 0.96 18.23
N ASN A 357 -20.94 -6.49 18.82
CA ASN A 357 -19.49 -6.43 18.94
C ASN A 357 -19.01 -5.48 20.03
N GLY A 358 -18.77 -4.25 19.60
CA GLY A 358 -17.93 -3.32 20.33
C GLY A 358 -16.58 -3.37 19.64
N ARG A 359 -16.35 -4.48 18.94
CA ARG A 359 -15.07 -4.78 18.28
C ARG A 359 -14.98 -4.23 16.86
N ARG A 360 -13.83 -3.67 16.53
CA ARG A 360 -13.59 -3.14 15.19
C ARG A 360 -13.09 -4.22 14.24
N THR A 361 -13.65 -4.23 13.04
CA THR A 361 -13.24 -5.17 12.02
C THR A 361 -13.17 -4.46 10.68
N GLY A 362 -12.20 -4.85 9.85
CA GLY A 362 -12.09 -4.33 8.50
C GLY A 362 -11.24 -3.07 8.44
N PRO A 363 -11.07 -2.54 7.22
CA PRO A 363 -10.26 -1.33 7.03
C PRO A 363 -11.02 -0.09 7.49
N SER A 364 -10.30 1.01 7.63
CA SER A 364 -10.99 2.27 7.88
C SER A 364 -11.74 2.62 6.59
N CYS A 365 -13.01 2.96 6.71
CA CYS A 365 -13.82 3.32 5.54
C CYS A 365 -14.96 4.24 5.95
N TYR A 366 -15.88 4.47 5.03
CA TYR A 366 -16.95 5.43 5.25
C TYR A 366 -18.28 4.70 5.32
N ARG A 367 -19.03 5.02 6.36
CA ARG A 367 -20.40 4.55 6.54
C ARG A 367 -21.34 4.92 5.37
N LYS A 368 -22.29 4.05 5.05
CA LYS A 368 -23.26 4.32 3.97
C LYS A 368 -23.85 5.73 4.08
N TRP A 369 -24.13 6.35 2.95
CA TRP A 369 -24.82 7.65 2.93
C TRP A 369 -24.00 8.78 3.54
N THR A 370 -22.69 8.56 3.74
CA THR A 370 -21.80 9.63 4.22
C THR A 370 -20.62 9.82 3.28
N VAL A 371 -20.23 11.06 3.02
CA VAL A 371 -19.22 11.35 2.01
C VAL A 371 -18.31 12.47 2.51
N GLU A 372 -17.04 12.41 2.14
CA GLU A 372 -16.01 13.36 2.62
C GLU A 372 -15.28 13.94 1.40
N TYR A 373 -15.32 15.26 1.24
CA TYR A 373 -14.71 15.92 0.09
C TYR A 373 -13.51 16.75 0.49
N ALA A 374 -12.41 16.59 -0.25
CA ALA A 374 -11.20 17.39 -0.03
C ALA A 374 -11.32 18.73 -0.75
N TYR A 375 -11.04 19.82 -0.03
CA TYR A 375 -11.15 21.21 -0.50
C TYR A 375 -9.84 22.00 -0.29
N PRO A 376 -9.55 22.97 -1.16
CA PRO A 376 -8.32 23.76 -1.05
C PRO A 376 -8.50 24.84 0.00
N GLY A 377 -7.38 25.35 0.53
CA GLY A 377 -7.40 26.39 1.54
C GLY A 377 -7.18 25.88 2.94
N VAL A 378 -7.08 26.81 3.88
CA VAL A 378 -6.89 26.44 5.26
C VAL A 378 -8.26 26.41 5.94
N HIS A 379 -8.28 26.37 7.28
CA HIS A 379 -9.49 26.01 8.04
C HIS A 379 -10.72 26.83 7.63
N SER A 380 -10.60 28.16 7.70
CA SER A 380 -11.72 29.05 7.40
C SER A 380 -11.93 29.30 5.90
N ASP A 381 -11.00 28.80 5.08
CA ASP A 381 -11.22 28.73 3.63
C ASP A 381 -12.26 27.67 3.29
N VAL A 382 -12.54 26.79 4.23
CA VAL A 382 -13.56 25.76 4.01
C VAL A 382 -14.81 26.09 4.82
N GLY A 383 -14.61 26.45 6.09
CA GLY A 383 -15.76 26.82 6.90
C GLY A 383 -16.32 28.22 6.72
N GLY A 384 -15.57 29.11 6.09
CA GLY A 384 -15.97 30.50 6.05
C GLY A 384 -15.44 31.22 7.28
N GLY A 385 -15.44 32.55 7.25
CA GLY A 385 -15.12 33.32 8.44
C GLY A 385 -14.06 34.37 8.22
N TYR A 386 -13.48 34.38 7.02
CA TYR A 386 -12.52 35.44 6.68
C TYR A 386 -13.28 36.59 6.08
N GLY A 387 -12.89 37.82 6.42
CA GLY A 387 -13.49 39.00 5.82
C GLY A 387 -12.78 39.43 4.55
N VAL A 388 -13.47 40.23 3.75
CA VAL A 388 -12.96 40.72 2.47
C VAL A 388 -11.60 41.38 2.67
N GLY A 389 -10.62 40.99 1.88
CA GLY A 389 -9.32 41.62 1.95
C GLY A 389 -8.36 41.12 3.02
N ASN A 390 -8.85 40.30 3.95
CA ASN A 390 -8.01 39.68 4.98
C ASN A 390 -6.79 39.04 4.31
N GLN A 391 -5.60 39.39 4.79
CA GLN A 391 -4.35 38.85 4.23
C GLN A 391 -4.22 39.08 2.74
N GLY A 392 -4.95 40.06 2.22
CA GLY A 392 -4.95 40.35 0.80
C GLY A 392 -5.66 39.31 -0.03
N LYS A 393 -6.54 38.52 0.62
CA LYS A 393 -7.34 37.56 -0.13
C LYS A 393 -8.72 38.14 -0.36
N ALA A 394 -9.33 37.82 -1.52
CA ALA A 394 -10.67 38.29 -1.86
C ALA A 394 -10.83 39.80 -1.65
N VAL A 395 -9.80 40.55 -2.06
CA VAL A 395 -9.84 42.00 -1.99
C VAL A 395 -11.03 42.47 -2.80
N GLY A 396 -11.82 43.36 -2.22
CA GLY A 396 -13.04 43.78 -2.86
C GLY A 396 -13.97 42.66 -3.31
N GLY A 397 -14.61 41.99 -2.36
CA GLY A 397 -15.74 41.14 -2.70
C GLY A 397 -15.84 39.79 -2.03
N SER A 398 -16.91 39.59 -1.28
CA SER A 398 -17.14 38.29 -0.67
C SER A 398 -17.39 37.24 -1.76
N GLU A 399 -17.73 37.67 -2.98
CA GLU A 399 -17.85 36.74 -4.11
C GLU A 399 -16.50 36.21 -4.62
N PHE A 400 -15.40 36.68 -4.03
CA PHE A 400 -14.07 36.18 -4.39
C PHE A 400 -13.47 35.31 -3.28
N LEU A 401 -14.24 35.15 -2.21
CA LEU A 401 -13.81 34.44 -1.02
C LEU A 401 -13.88 32.94 -1.29
N LEU A 402 -12.77 32.23 -1.09
CA LEU A 402 -12.69 30.81 -1.45
C LEU A 402 -13.82 29.98 -0.81
N SER A 403 -14.11 30.30 0.45
CA SER A 403 -15.12 29.58 1.21
C SER A 403 -16.52 29.59 0.60
N GLN A 404 -16.74 30.45 -0.40
CA GLN A 404 -18.02 30.49 -1.08
C GLN A 404 -18.31 29.25 -1.91
N ILE A 405 -17.29 28.47 -2.26
CA ILE A 405 -17.54 27.28 -3.08
C ILE A 405 -18.11 26.18 -2.20
N ALA A 406 -17.36 25.83 -1.16
CA ALA A 406 -17.83 24.87 -0.17
C ALA A 406 -19.24 25.24 0.30
N LEU A 407 -19.49 26.54 0.51
CA LEU A 407 -20.81 26.99 0.96
C LEU A 407 -21.89 26.54 -0.02
N GLN A 408 -21.68 26.86 -1.29
CA GLN A 408 -22.67 26.50 -2.28
C GLN A 408 -22.81 24.97 -2.32
N HIS A 409 -21.69 24.29 -2.18
CA HIS A 409 -21.72 22.85 -2.30
C HIS A 409 -22.61 22.33 -1.17
N MSE A 410 -22.43 22.90 0.03
CA MSE A 410 -23.08 22.34 1.19
C MSE A 410 -24.55 22.61 0.99
O MSE A 410 -25.40 21.74 1.22
CB MSE A 410 -22.57 22.98 2.49
CG MSE A 410 -23.18 22.34 3.74
SE MSE A 410 -22.56 20.49 3.95
CE MSE A 410 -20.88 20.91 4.83
N TYR A 411 -24.83 23.81 0.46
CA TYR A 411 -26.20 24.21 0.25
C TYR A 411 -26.88 23.18 -0.63
N ALA A 412 -26.21 22.81 -1.73
CA ALA A 412 -26.85 21.95 -2.72
C ALA A 412 -27.13 20.62 -2.07
N GLU A 413 -26.16 20.13 -1.28
CA GLU A 413 -26.29 18.81 -0.67
C GLU A 413 -27.50 18.87 0.25
N ALA A 414 -27.58 19.94 1.02
CA ALA A 414 -28.63 20.05 2.02
C ALA A 414 -29.95 20.16 1.29
N PHE A 415 -29.96 20.91 0.19
CA PHE A 415 -31.21 21.11 -0.52
C PHE A 415 -31.67 19.77 -1.08
N GLU A 416 -30.72 18.95 -1.51
CA GLU A 416 -31.04 17.67 -2.12
C GLU A 416 -31.61 16.76 -1.06
N ALA A 417 -31.21 16.96 0.18
CA ALA A 417 -31.59 16.01 1.23
C ALA A 417 -32.88 16.43 1.90
N GLY A 418 -33.47 17.54 1.45
CA GLY A 418 -34.77 17.95 1.92
C GLY A 418 -34.74 19.11 2.92
N ALA A 419 -33.61 19.81 3.02
CA ALA A 419 -33.48 20.92 3.98
C ALA A 419 -34.39 22.12 3.70
N PRO A 420 -34.97 22.71 4.76
CA PRO A 420 -35.86 23.86 4.60
C PRO A 420 -35.06 25.09 4.26
N LEU A 421 -34.62 25.20 3.01
CA LEU A 421 -33.73 26.29 2.61
C LEU A 421 -34.43 27.29 1.69
N GLN A 422 -34.14 28.57 1.89
CA GLN A 422 -34.64 29.59 0.96
C GLN A 422 -33.94 29.42 -0.38
N VAL A 423 -34.59 29.86 -1.46
CA VAL A 423 -33.93 29.92 -2.76
C VAL A 423 -33.87 31.37 -3.19
N PRO A 424 -33.02 31.68 -4.18
CA PRO A 424 -33.20 32.99 -4.83
C PRO A 424 -34.53 33.01 -5.59
N GLU A 435 -43.22 33.90 0.32
CA GLU A 435 -42.12 34.87 0.41
C GLU A 435 -41.08 34.41 1.43
N TRP A 436 -41.54 33.65 2.42
CA TRP A 436 -40.65 33.04 3.40
C TRP A 436 -39.79 31.92 2.78
N ARG A 437 -40.12 31.52 1.56
CA ARG A 437 -39.35 30.50 0.86
C ARG A 437 -38.24 31.10 0.00
N VAL A 438 -38.23 32.42 -0.10
CA VAL A 438 -37.32 33.14 -0.99
C VAL A 438 -36.31 34.00 -0.23
N MSE A 439 -35.04 33.93 -0.65
CA MSE A 439 -34.00 34.79 -0.10
C MSE A 439 -34.22 36.28 -0.40
O MSE A 439 -34.58 36.64 -1.51
CB MSE A 439 -32.62 34.40 -0.66
CG MSE A 439 -32.15 32.99 -0.34
SE MSE A 439 -30.52 32.63 -1.38
CE MSE A 439 -30.12 30.84 -0.66
N VAL A 440 -34.03 37.13 0.61
CA VAL A 440 -33.98 38.57 0.39
C VAL A 440 -32.57 38.91 -0.15
N PRO A 441 -32.41 40.08 -0.80
CA PRO A 441 -31.14 40.44 -1.44
C PRO A 441 -29.87 40.18 -0.61
N LYS A 442 -29.83 40.63 0.65
CA LYS A 442 -28.67 40.48 1.52
C LYS A 442 -28.15 39.03 1.58
N ILE A 443 -29.09 38.11 1.81
CA ILE A 443 -28.80 36.70 1.99
C ILE A 443 -28.40 36.04 0.67
N GLU A 444 -29.08 36.42 -0.40
CA GLU A 444 -28.67 35.96 -1.72
C GLU A 444 -27.22 36.41 -2.02
N ALA A 445 -26.87 37.62 -1.61
CA ALA A 445 -25.52 38.11 -1.87
C ALA A 445 -24.54 37.40 -0.97
N GLU A 446 -25.03 36.81 0.12
CA GLU A 446 -24.14 36.04 1.00
C GLU A 446 -23.66 34.74 0.35
N PHE A 447 -24.29 34.37 -0.76
CA PHE A 447 -23.97 33.12 -1.45
C PHE A 447 -23.31 33.35 -2.81
N SER A 448 -22.92 34.59 -3.11
CA SER A 448 -22.33 34.93 -4.42
C SER A 448 -20.98 34.24 -4.70
N VAL A 449 -20.83 33.72 -5.91
CA VAL A 449 -19.55 33.22 -6.39
C VAL A 449 -19.23 33.89 -7.73
N SER A 450 -18.04 34.46 -7.86
CA SER A 450 -17.67 35.14 -9.11
C SER A 450 -17.06 34.12 -10.06
N GLU A 451 -17.05 34.41 -11.35
CA GLU A 451 -16.50 33.44 -12.27
C GLU A 451 -14.99 33.32 -12.12
N GLU A 452 -14.32 34.38 -11.67
CA GLU A 452 -12.86 34.31 -11.46
C GLU A 452 -12.58 33.28 -10.36
N LEU A 453 -13.33 33.39 -9.27
CA LEU A 453 -13.25 32.42 -8.19
C LEU A 453 -13.54 31.02 -8.71
N ALA A 454 -14.65 30.84 -9.44
CA ALA A 454 -14.96 29.51 -9.96
C ALA A 454 -13.81 28.93 -10.80
N THR A 455 -13.23 29.76 -11.65
CA THR A 455 -12.17 29.33 -12.55
C THR A 455 -10.93 28.87 -11.79
N ARG A 456 -10.52 29.66 -10.81
CA ARG A 456 -9.35 29.34 -10.01
C ARG A 456 -9.55 28.07 -9.16
N PHE A 457 -10.72 28.01 -8.53
CA PHE A 457 -11.07 26.81 -7.80
C PHE A 457 -10.99 25.61 -8.74
N ASN A 458 -11.64 25.69 -9.89
CA ASN A 458 -11.61 24.57 -10.81
C ASN A 458 -10.20 24.21 -11.31
N ALA A 459 -9.27 25.16 -11.34
CA ALA A 459 -7.89 24.79 -11.69
C ALA A 459 -7.31 23.90 -10.60
N TRP A 460 -7.54 24.31 -9.35
CA TRP A 460 -7.16 23.44 -8.26
C TRP A 460 -7.84 22.07 -8.36
N GLN A 461 -9.16 22.07 -8.57
CA GLN A 461 -9.91 20.84 -8.56
C GLN A 461 -9.38 19.87 -9.61
N ALA A 462 -9.04 20.43 -10.76
CA ALA A 462 -8.56 19.64 -11.89
C ALA A 462 -7.14 19.09 -11.70
N GLN A 463 -6.26 19.80 -10.98
CA GLN A 463 -4.92 19.24 -10.75
C GLN A 463 -4.86 18.23 -9.61
N ALA A 464 -5.87 18.26 -8.76
CA ALA A 464 -5.86 17.43 -7.57
C ALA A 464 -5.99 15.98 -7.98
N LYS A 465 -5.30 15.10 -7.25
CA LYS A 465 -5.27 13.68 -7.57
C LYS A 465 -6.03 12.85 -6.55
N ALA A 466 -6.79 11.89 -7.07
CA ALA A 466 -7.56 10.97 -6.24
C ALA A 466 -6.65 10.14 -5.33
N GLY A 467 -7.11 9.90 -4.12
CA GLY A 467 -6.47 8.94 -3.24
C GLY A 467 -7.13 9.03 -1.89
N PRO A 468 -6.69 8.21 -0.93
CA PRO A 468 -7.24 8.33 0.42
C PRO A 468 -6.82 9.68 1.01
N LEU A 469 -7.45 10.08 2.09
CA LEU A 469 -7.15 11.39 2.67
C LEU A 469 -5.68 11.63 2.97
N GLU A 470 -4.98 10.59 3.45
CA GLU A 470 -3.56 10.72 3.75
C GLU A 470 -2.73 11.17 2.54
N GLU A 471 -2.95 10.53 1.40
CA GLU A 471 -2.19 10.86 0.21
C GLU A 471 -2.54 12.23 -0.34
N VAL A 472 -3.82 12.60 -0.22
CA VAL A 472 -4.26 13.90 -0.68
C VAL A 472 -3.59 14.97 0.18
N ILE A 473 -3.48 14.71 1.47
CA ILE A 473 -2.82 15.65 2.37
C ILE A 473 -1.32 15.75 2.07
N ARG A 474 -0.66 14.62 1.83
CA ARG A 474 0.75 14.63 1.47
C ARG A 474 0.96 15.52 0.24
N ARG A 475 0.18 15.26 -0.80
CA ARG A 475 0.38 15.98 -2.07
C ARG A 475 -0.03 17.47 -2.02
N GLU A 476 -1.13 17.78 -1.35
CA GLU A 476 -1.58 19.17 -1.22
C GLU A 476 -0.65 19.98 -0.31
N THR A 477 -0.06 19.30 0.67
CA THR A 477 0.90 19.98 1.56
C THR A 477 2.08 20.32 0.71
N ALA A 478 2.47 19.38 -0.16
CA ALA A 478 3.57 19.61 -1.09
C ALA A 478 3.30 20.79 -2.03
N LEU A 479 2.06 20.90 -2.51
CA LEU A 479 1.70 22.00 -3.42
C LEU A 479 1.79 23.37 -2.76
N ILE A 480 1.20 23.51 -1.59
CA ILE A 480 1.28 24.82 -0.93
C ILE A 480 2.73 25.12 -0.47
N THR A 481 3.48 24.07 -0.10
CA THR A 481 4.90 24.24 0.18
C THR A 481 5.62 24.81 -1.06
N ALA A 482 5.38 24.19 -2.21
CA ALA A 482 5.94 24.66 -3.48
C ALA A 482 5.62 26.13 -3.72
N TRP A 483 4.38 26.54 -3.47
CA TRP A 483 4.01 27.94 -3.60
C TRP A 483 4.75 28.86 -2.62
N ARG A 484 4.92 28.39 -1.38
CA ARG A 484 5.68 29.15 -0.38
C ARG A 484 7.16 29.28 -0.75
N ILE A 485 7.74 28.27 -1.41
CA ILE A 485 9.17 28.38 -1.76
C ILE A 485 9.41 29.65 -2.60
N ASP A 486 8.45 29.97 -3.47
CA ASP A 486 8.57 31.22 -4.22
C ASP A 486 8.07 32.44 -3.44
N ARG A 487 6.82 32.43 -2.98
CA ARG A 487 6.24 33.62 -2.37
C ARG A 487 6.79 34.00 -0.98
N TYR A 488 7.30 33.03 -0.23
CA TYR A 488 7.82 33.30 1.12
C TYR A 488 9.32 33.16 1.13
N ALA A 489 9.84 32.03 0.63
CA ALA A 489 11.30 31.84 0.67
C ALA A 489 11.96 32.80 -0.32
N GLY A 490 11.22 33.17 -1.36
CA GLY A 490 11.76 34.07 -2.38
C GLY A 490 11.60 35.54 -2.02
N GLY A 491 11.22 35.80 -0.76
CA GLY A 491 11.04 37.16 -0.27
C GLY A 491 9.63 37.70 -0.51
N LEU A 492 8.80 37.67 0.52
CA LEU A 492 7.39 38.07 0.39
C LEU A 492 7.13 39.55 0.08
N ARG A 493 7.97 40.44 0.61
CA ARG A 493 7.70 41.88 0.60
C ARG A 493 7.38 42.45 -0.77
N ASN A 494 8.04 41.94 -1.80
CA ASN A 494 7.87 42.47 -3.14
C ASN A 494 6.96 41.66 -4.05
N LYS A 495 6.37 40.59 -3.53
CA LYS A 495 5.46 39.79 -4.35
C LYS A 495 4.21 40.60 -4.63
N ALA A 496 3.58 40.31 -5.78
CA ALA A 496 2.41 41.07 -6.22
C ALA A 496 1.30 41.06 -5.20
N PHE A 497 0.93 39.88 -4.72
CA PHE A 497 -0.26 39.79 -3.86
C PHE A 497 -0.09 40.55 -2.53
N PHE A 498 1.13 40.57 -2.02
CA PHE A 498 1.40 41.18 -0.74
C PHE A 498 1.12 42.68 -0.76
N ALA A 499 1.19 43.28 -1.94
CA ALA A 499 0.97 44.71 -2.06
C ALA A 499 -0.49 45.05 -1.75
N ASN A 500 -1.38 44.07 -1.87
CA ASN A 500 -2.79 44.35 -1.60
C ASN A 500 -3.28 43.85 -0.24
N VAL A 501 -2.34 43.45 0.59
CA VAL A 501 -2.66 43.20 1.99
C VAL A 501 -2.90 44.56 2.62
N PRO A 502 -4.05 44.73 3.29
CA PRO A 502 -4.40 45.99 3.94
C PRO A 502 -3.31 46.41 4.93
N PRO A 503 -3.06 47.71 5.06
CA PRO A 503 -1.99 48.17 5.96
C PRO A 503 -2.38 47.90 7.41
N ASP A 504 -1.40 47.55 8.25
CA ASP A 504 -1.68 47.20 9.64
C ASP A 504 -2.20 48.39 10.41
N MSE A 505 -3.06 48.13 11.39
CA MSE A 505 -3.55 49.18 12.25
C MSE A 505 -2.37 49.77 13.02
O MSE A 505 -1.53 49.03 13.54
CB MSE A 505 -4.60 48.65 13.20
CG MSE A 505 -4.95 49.59 14.33
SE MSE A 505 -6.38 48.84 15.45
CE MSE A 505 -7.86 49.21 14.26
N PRO A 506 -2.28 51.11 13.06
CA PRO A 506 -1.26 51.82 13.84
C PRO A 506 -1.27 51.37 15.32
N GLU A 507 -0.10 51.42 15.99
CA GLU A 507 0.07 50.91 17.36
C GLU A 507 -0.87 51.59 18.36
N ALA A 508 -1.04 52.90 18.19
CA ALA A 508 -1.86 53.71 19.07
C ALA A 508 -3.29 53.18 19.14
N GLN A 509 -3.90 53.08 17.95
CA GLN A 509 -5.27 52.64 17.80
C GLN A 509 -5.43 51.20 18.33
N GLN A 510 -4.38 50.41 18.17
CA GLN A 510 -4.35 49.03 18.64
C GLN A 510 -4.50 48.97 20.15
N LYS A 511 -3.63 49.69 20.86
CA LYS A 511 -3.68 49.78 22.32
C LYS A 511 -5.00 50.35 22.79
N ALA A 512 -5.47 51.39 22.10
CA ALA A 512 -6.74 52.03 22.43
C ALA A 512 -7.92 51.03 22.37
N TRP A 513 -8.20 50.53 21.16
CA TRP A 513 -9.24 49.52 20.97
C TRP A 513 -9.14 48.41 22.00
N GLU A 514 -7.93 47.90 22.22
CA GLU A 514 -7.77 46.85 23.22
C GLU A 514 -8.22 47.25 24.64
N ALA A 515 -7.73 48.40 25.13
CA ALA A 515 -8.09 48.80 26.49
C ALA A 515 -9.59 49.12 26.65
N LEU A 516 -10.17 49.74 25.61
CA LEU A 516 -11.61 50.00 25.57
C LEU A 516 -12.41 48.69 25.62
N HIS A 517 -11.97 47.73 24.82
CA HIS A 517 -12.59 46.41 24.77
C HIS A 517 -12.52 45.76 26.13
N LYS A 518 -11.33 45.78 26.74
CA LYS A 518 -11.08 45.19 28.04
C LYS A 518 -12.09 45.71 29.06
N ARG A 519 -12.12 47.03 29.22
CA ARG A 519 -13.07 47.65 30.15
C ARG A 519 -14.53 47.29 29.84
N ARG A 520 -14.93 47.45 28.58
CA ARG A 520 -16.32 47.21 28.18
C ARG A 520 -16.75 45.76 28.44
N SER A 521 -15.82 44.84 28.25
CA SER A 521 -16.07 43.42 28.43
C SER A 521 -16.24 43.10 29.90
N ARG A 522 -15.34 43.62 30.75
CA ARG A 522 -15.49 43.39 32.19
C ARG A 522 -16.82 43.97 32.71
N GLU A 523 -17.22 45.12 32.17
CA GLU A 523 -18.51 45.71 32.51
C GLU A 523 -19.64 44.75 32.16
N TYR A 524 -19.59 44.24 30.93
CA TYR A 524 -20.62 43.30 30.47
C TYR A 524 -20.71 42.07 31.35
N ALA A 525 -19.56 41.48 31.65
CA ALA A 525 -19.51 40.22 32.39
C ALA A 525 -20.00 40.41 33.83
N ALA A 526 -19.44 41.42 34.51
CA ALA A 526 -19.86 41.72 35.88
C ALA A 526 -21.34 42.07 35.97
N ALA A 527 -21.85 42.79 34.97
CA ALA A 527 -23.28 43.09 34.94
C ALA A 527 -24.10 41.81 34.82
N GLN A 528 -24.02 41.16 33.65
CA GLN A 528 -24.78 39.94 33.39
C GLN A 528 -24.65 38.89 34.51
N GLN A 529 -23.55 38.94 35.23
CA GLN A 529 -23.40 38.14 36.44
C GLN A 529 -23.99 38.88 37.63
N LEU A 533 -18.65 45.66 38.30
CA LEU A 533 -17.41 46.43 38.34
C LEU A 533 -17.54 47.70 39.17
N PRO A 534 -16.49 48.04 39.94
CA PRO A 534 -16.40 49.39 40.50
C PRO A 534 -16.04 50.37 39.38
N PRO A 535 -16.54 51.62 39.47
CA PRO A 535 -16.21 52.63 38.45
C PRO A 535 -14.71 52.80 38.22
N MSE A 536 -14.36 53.39 37.08
CA MSE A 536 -12.96 53.66 36.76
C MSE A 536 -12.35 54.71 37.69
O MSE A 536 -12.97 55.74 37.98
CB MSE A 536 -12.81 54.10 35.29
CG MSE A 536 -13.11 52.99 34.27
SE MSE A 536 -12.86 53.59 32.43
CE MSE A 536 -14.65 54.31 32.14
N SER A 537 -11.13 54.43 38.15
CA SER A 537 -10.34 55.42 38.85
C SER A 537 -10.13 56.63 37.95
N ALA A 538 -9.69 57.75 38.50
CA ALA A 538 -9.41 58.95 37.70
C ALA A 538 -8.49 58.64 36.52
N ALA A 539 -7.36 57.98 36.82
CA ALA A 539 -6.40 57.59 35.77
C ALA A 539 -7.04 56.73 34.66
N GLU A 540 -7.82 55.73 35.07
CA GLU A 540 -8.47 54.82 34.13
C GLU A 540 -9.43 55.57 33.22
N GLN A 541 -10.16 56.55 33.78
CA GLN A 541 -11.11 57.32 32.97
C GLN A 541 -10.40 58.26 32.00
N ALA A 542 -9.32 58.91 32.46
CA ALA A 542 -8.54 59.75 31.56
C ALA A 542 -8.05 58.91 30.38
N GLU A 543 -7.55 57.71 30.68
CA GLU A 543 -7.13 56.78 29.64
C GLU A 543 -8.28 56.37 28.72
N TRP A 544 -9.44 56.11 29.31
CA TRP A 544 -10.63 55.74 28.56
C TRP A 544 -10.93 56.81 27.52
N ASP A 545 -10.93 58.07 27.95
CA ASP A 545 -11.24 59.17 27.05
C ASP A 545 -10.15 59.47 26.00
N ARG A 546 -8.88 59.31 26.37
CA ARG A 546 -7.78 59.31 25.40
C ARG A 546 -8.08 58.30 24.29
N ASN A 547 -8.51 57.11 24.71
CA ASN A 547 -8.76 56.00 23.80
C ASN A 547 -9.96 56.23 22.89
N VAL A 548 -11.04 56.72 23.49
CA VAL A 548 -12.25 57.08 22.76
C VAL A 548 -11.93 58.18 21.76
N ALA A 549 -10.91 58.98 22.06
CA ALA A 549 -10.47 60.01 21.11
C ALA A 549 -9.62 59.43 19.99
N LEU A 550 -8.78 58.44 20.33
CA LEU A 550 -7.92 57.80 19.35
C LEU A 550 -8.71 57.07 18.26
N ILE A 551 -9.95 56.69 18.55
CA ILE A 551 -10.89 56.47 17.46
C ILE A 551 -11.75 57.72 17.36
N GLY A 552 -12.37 57.97 16.21
CA GLY A 552 -13.09 59.21 16.02
C GLY A 552 -14.32 59.42 16.89
N GLY A 553 -14.20 59.19 18.19
CA GLY A 553 -15.27 59.54 19.11
C GLY A 553 -16.23 58.44 19.53
N GLU A 554 -17.21 58.82 20.35
CA GLU A 554 -18.20 57.92 20.92
C GLU A 554 -18.92 57.10 19.85
N ASP A 555 -19.20 57.75 18.73
CA ASP A 555 -19.75 57.10 17.53
C ASP A 555 -19.11 55.75 17.29
N GLN A 556 -17.78 55.70 17.35
CA GLN A 556 -17.02 54.52 16.99
C GLN A 556 -17.15 53.38 18.01
N LEU A 557 -17.57 53.72 19.23
CA LEU A 557 -17.60 52.73 20.31
C LEU A 557 -18.49 51.52 19.99
N ARG A 558 -19.51 51.73 19.16
CA ARG A 558 -20.45 50.66 18.83
C ARG A 558 -19.82 49.64 17.86
N ASP A 559 -18.60 49.90 17.42
CA ASP A 559 -17.84 48.90 16.67
C ASP A 559 -17.14 47.90 17.60
N LEU A 560 -17.26 48.15 18.90
CA LEU A 560 -16.77 47.22 19.92
C LEU A 560 -17.66 45.99 19.96
N ARG A 561 -17.06 44.82 19.75
CA ARG A 561 -17.75 43.56 19.95
C ARG A 561 -17.34 42.90 21.26
N VAL A 562 -18.23 42.99 22.25
CA VAL A 562 -18.04 42.33 23.54
C VAL A 562 -17.99 40.80 23.40
N GLU A 563 -18.59 40.27 22.33
CA GLU A 563 -18.71 38.82 22.12
C GLU A 563 -17.42 38.07 21.78
N LYS A 564 -16.42 38.79 21.25
CA LYS A 564 -15.19 38.16 20.77
C LYS A 564 -13.99 38.92 21.28
N GLN A 565 -12.83 38.29 21.35
CA GLN A 565 -11.65 39.03 21.78
C GLN A 565 -11.18 39.94 20.67
N PHE A 566 -10.70 41.12 21.04
CA PHE A 566 -10.26 42.08 20.02
C PHE A 566 -9.12 41.53 19.18
N ASP A 567 -9.29 41.65 17.87
CA ASP A 567 -8.38 41.08 16.91
C ASP A 567 -7.93 42.20 15.97
N PRO A 568 -6.74 42.76 16.22
CA PRO A 568 -6.30 43.90 15.40
C PRO A 568 -5.76 43.46 14.05
N PRO A 569 -6.03 44.26 13.00
CA PRO A 569 -5.45 44.04 11.67
C PRO A 569 -3.94 44.12 11.72
N LEU A 570 -3.25 42.98 11.74
CA LEU A 570 -1.79 42.98 11.67
C LEU A 570 -1.31 42.04 10.56
N ASP A 571 -2.06 41.96 9.46
CA ASP A 571 -1.75 41.01 8.40
C ASP A 571 -0.37 41.19 7.76
N GLN A 572 0.10 42.42 7.63
CA GLN A 572 1.44 42.63 7.09
C GLN A 572 2.54 42.05 7.98
N ARG A 573 2.57 42.46 9.25
CA ARG A 573 3.60 41.97 10.17
C ARG A 573 3.50 40.46 10.31
N GLN A 574 2.27 39.95 10.37
CA GLN A 574 2.08 38.51 10.58
C GLN A 574 2.47 37.69 9.36
N LEU A 575 2.07 38.14 8.17
CA LEU A 575 2.49 37.44 6.95
C LEU A 575 4.01 37.51 6.74
N LEU A 576 4.60 38.69 6.92
CA LEU A 576 6.07 38.81 6.87
C LEU A 576 6.80 37.92 7.91
N GLY A 577 6.27 37.86 9.13
CA GLY A 577 6.85 37.01 10.16
C GLY A 577 6.79 35.54 9.78
N ALA A 578 5.61 35.09 9.40
CA ALA A 578 5.42 33.72 8.91
C ALA A 578 6.33 33.38 7.74
N ALA A 579 6.46 34.30 6.79
CA ALA A 579 7.33 34.10 5.65
C ALA A 579 8.79 33.96 6.07
N ALA A 580 9.22 34.74 7.06
CA ALA A 580 10.59 34.62 7.53
C ALA A 580 10.80 33.25 8.20
N GLU A 581 9.75 32.80 8.90
CA GLU A 581 9.76 31.46 9.51
C GLU A 581 9.90 30.35 8.49
N PHE A 582 8.96 30.30 7.54
CA PHE A 582 9.04 29.34 6.44
C PHE A 582 10.40 29.36 5.78
N ALA A 583 10.91 30.55 5.47
CA ALA A 583 12.21 30.66 4.83
C ALA A 583 13.32 30.00 5.65
N HIS A 584 13.38 30.35 6.94
CA HIS A 584 14.34 29.72 7.85
C HIS A 584 14.25 28.19 7.84
N ASP A 585 13.03 27.68 8.05
CA ASP A 585 12.81 26.23 8.06
C ASP A 585 13.27 25.59 6.75
N TYR A 586 12.97 26.23 5.64
CA TYR A 586 13.21 25.60 4.34
C TYR A 586 14.70 25.64 3.99
N LYS A 587 15.40 26.67 4.46
CA LYS A 587 16.84 26.78 4.18
C LYS A 587 17.61 25.77 5.04
N GLY A 588 17.15 25.57 6.28
CA GLY A 588 17.77 24.63 7.18
C GLY A 588 19.16 25.02 7.67
N ASP A 589 19.43 26.32 7.72
CA ASP A 589 20.66 26.83 8.33
C ASP A 589 20.49 26.86 9.85
N TRP A 590 20.51 25.69 10.49
CA TRP A 590 20.02 25.56 11.86
C TRP A 590 20.89 26.27 12.89
N GLY A 591 22.20 26.18 12.72
CA GLY A 591 23.13 26.69 13.72
C GLY A 591 23.78 25.51 14.43
N VAL A 592 24.23 25.75 15.67
CA VAL A 592 24.72 24.66 16.51
C VAL A 592 23.52 23.81 16.91
N LEU A 593 23.73 22.50 17.00
CA LEU A 593 22.66 21.59 17.39
C LEU A 593 23.21 20.55 18.35
N ASP A 594 22.33 20.06 19.21
CA ASP A 594 22.66 18.93 20.07
C ASP A 594 21.78 17.78 19.62
N ASP A 595 22.16 16.55 19.97
CA ASP A 595 21.35 15.40 19.61
C ASP A 595 19.95 15.52 20.22
N GLY A 596 19.90 16.12 21.40
CA GLY A 596 18.64 16.25 22.10
C GLY A 596 18.20 17.68 22.19
N MSE A 597 16.95 17.87 22.58
CA MSE A 597 16.40 19.19 22.79
C MSE A 597 15.53 19.10 24.04
O MSE A 597 15.06 18.01 24.39
CB MSE A 597 15.57 19.65 21.59
CG MSE A 597 14.43 18.72 21.27
SE MSE A 597 13.32 19.38 19.79
CE MSE A 597 12.55 17.70 19.49
N THR A 598 15.34 20.21 24.73
CA THR A 598 14.48 20.25 25.90
C THR A 598 13.35 21.23 25.63
N VAL A 599 12.11 20.78 25.79
CA VAL A 599 10.98 21.65 25.54
C VAL A 599 10.13 21.68 26.81
N GLY A 600 9.48 22.80 27.09
CA GLY A 600 8.72 22.90 28.32
C GLY A 600 7.33 23.46 28.08
N GLY A 601 6.45 23.27 29.05
CA GLY A 601 5.10 23.79 28.94
C GLY A 601 4.26 23.51 30.17
N VAL A 602 3.24 24.33 30.39
CA VAL A 602 2.32 24.09 31.50
C VAL A 602 1.06 23.51 30.90
N ILE A 603 0.63 22.35 31.41
CA ILE A 603 -0.64 21.77 30.97
C ILE A 603 -1.74 22.08 31.99
N ASP A 604 -2.81 22.69 31.50
CA ASP A 604 -3.93 23.08 32.37
C ASP A 604 -5.00 22.01 32.28
N LEU A 605 -5.01 21.12 33.26
CA LEU A 605 -5.91 19.97 33.24
C LEU A 605 -7.38 20.34 33.49
N LEU A 606 -7.63 21.62 33.74
CA LEU A 606 -9.00 22.11 33.91
C LEU A 606 -9.68 22.33 32.56
N LEU A 607 -8.88 22.43 31.49
CA LEU A 607 -9.41 22.60 30.14
C LEU A 607 -10.17 21.38 29.64
N GLY A 608 -9.99 20.26 30.33
CA GLY A 608 -10.75 19.06 30.02
C GLY A 608 -10.44 18.42 28.69
N GLY A 609 -9.15 18.20 28.40
CA GLY A 609 -8.77 17.62 27.14
C GLY A 609 -7.55 16.72 27.21
N THR A 610 -7.28 16.01 26.12
CA THR A 610 -6.11 15.16 26.03
C THR A 610 -4.99 15.97 25.39
N VAL A 611 -3.74 15.63 25.70
CA VAL A 611 -2.56 16.23 25.07
C VAL A 611 -1.57 15.11 24.72
N PHE A 612 -1.03 15.18 23.50
CA PHE A 612 -0.08 14.21 22.98
C PHE A 612 1.29 14.85 22.75
N LEU A 613 2.30 13.98 22.58
CA LEU A 613 3.59 14.33 22.00
C LEU A 613 3.76 13.57 20.69
N ILE A 614 4.43 14.17 19.70
CA ILE A 614 4.68 13.46 18.44
C ILE A 614 6.09 12.83 18.45
N ASN A 615 6.35 11.94 17.50
CA ASN A 615 7.57 11.15 17.50
C ASN A 615 8.70 11.88 16.77
N GLU A 616 9.91 11.86 17.32
CA GLU A 616 11.02 12.64 16.75
C GLU A 616 11.44 12.14 15.38
N GLU A 617 11.60 10.83 15.26
CA GLU A 617 11.90 10.19 13.99
C GLU A 617 10.87 10.54 12.91
N ASP A 618 9.58 10.36 13.24
CA ASP A 618 8.50 10.65 12.29
C ASP A 618 8.46 12.13 11.89
N GLU A 619 8.75 13.00 12.85
CA GLU A 619 8.79 14.44 12.62
C GLU A 619 9.91 14.78 11.62
N ALA A 620 11.06 14.12 11.80
CA ALA A 620 12.18 14.29 10.87
C ALA A 620 11.77 13.82 9.48
N GLU A 621 11.13 12.65 9.40
CA GLU A 621 10.79 12.17 8.07
C GLU A 621 9.71 13.03 7.41
N GLU A 622 8.77 13.55 8.20
CA GLU A 622 7.75 14.42 7.63
C GLU A 622 8.42 15.65 7.06
N TYR A 623 9.32 16.25 7.83
CA TYR A 623 10.04 17.43 7.37
C TYR A 623 10.69 17.12 6.02
N SER A 624 11.38 15.98 5.96
CA SER A 624 12.09 15.66 4.73
C SER A 624 11.20 15.38 3.53
N GLN A 625 10.12 14.65 3.73
CA GLN A 625 9.19 14.38 2.63
C GLN A 625 8.57 15.69 2.13
N ILE A 626 8.18 16.57 3.06
CA ILE A 626 7.59 17.84 2.66
C ILE A 626 8.60 18.69 1.89
N HIS A 627 9.84 18.74 2.39
CA HIS A 627 10.88 19.50 1.74
C HIS A 627 11.13 18.99 0.31
N ARG A 628 11.29 17.67 0.17
CA ARG A 628 11.50 17.06 -1.15
C ARG A 628 10.34 17.17 -2.15
N ASP A 629 9.15 16.71 -1.76
CA ASP A 629 7.93 16.85 -2.58
C ASP A 629 7.71 18.31 -2.95
N GLY A 630 7.73 19.18 -1.94
CA GLY A 630 7.62 20.61 -2.15
C GLY A 630 8.56 21.19 -3.19
N SER A 631 9.85 20.90 -3.06
CA SER A 631 10.83 21.41 -4.02
C SER A 631 10.56 20.89 -5.46
N ALA A 632 10.32 19.60 -5.56
CA ALA A 632 9.99 18.99 -6.85
C ALA A 632 8.78 19.64 -7.51
N ARG A 633 7.71 19.82 -6.75
CA ARG A 633 6.56 20.57 -7.23
C ARG A 633 6.82 22.02 -7.58
N TYR A 634 7.64 22.69 -6.81
CA TYR A 634 8.09 24.01 -7.15
C TYR A 634 8.54 24.09 -8.58
N HIS A 635 9.39 23.15 -8.98
CA HIS A 635 9.90 23.18 -10.36
C HIS A 635 8.88 22.97 -11.49
N GLN A 636 7.67 22.56 -11.15
CA GLN A 636 6.60 22.46 -12.14
C GLN A 636 5.65 23.62 -11.98
N LEU A 637 5.74 24.32 -10.86
CA LEU A 637 4.89 25.46 -10.58
C LEU A 637 5.44 26.74 -11.22
N PHE A 638 6.75 26.93 -11.08
CA PHE A 638 7.44 28.13 -11.55
C PHE A 638 8.55 27.70 -12.51
N SER A 639 8.77 28.46 -13.57
CA SER A 639 9.87 28.16 -14.48
C SER A 639 11.15 28.73 -13.88
N ALA A 640 11.00 29.85 -13.18
CA ALA A 640 12.10 30.50 -12.48
C ALA A 640 11.48 31.35 -11.38
N PRO A 641 12.31 31.95 -10.51
CA PRO A 641 11.78 32.91 -9.52
C PRO A 641 10.79 33.91 -10.12
N ASP A 642 9.66 34.07 -9.44
CA ASP A 642 8.58 34.96 -9.88
C ASP A 642 8.01 34.69 -11.26
N ARG A 643 8.30 33.53 -11.83
CA ARG A 643 7.79 33.19 -13.15
C ARG A 643 6.99 31.89 -13.15
N VAL A 644 5.66 32.03 -13.12
CA VAL A 644 4.78 30.86 -13.11
C VAL A 644 4.89 30.10 -14.42
N ALA A 645 4.98 28.77 -14.34
CA ALA A 645 5.03 27.95 -15.53
C ALA A 645 3.74 28.10 -16.33
N PRO A 646 3.82 28.00 -17.66
CA PRO A 646 2.63 28.13 -18.51
C PRO A 646 1.53 27.18 -18.07
N GLY A 647 0.30 27.66 -18.01
CA GLY A 647 -0.84 26.82 -17.67
C GLY A 647 -1.08 26.71 -16.17
N GLN A 648 -0.17 27.27 -15.38
CA GLN A 648 -0.29 27.16 -13.92
C GLN A 648 -0.75 28.48 -13.30
N GLU A 649 -1.20 29.41 -14.14
CA GLU A 649 -1.49 30.76 -13.69
C GLU A 649 -2.66 30.81 -12.74
N LYS A 650 -3.74 30.13 -13.13
CA LYS A 650 -4.96 30.18 -12.35
C LYS A 650 -4.74 29.54 -10.97
N LEU A 651 -3.93 28.49 -10.92
CA LEU A 651 -3.59 27.81 -9.67
C LEU A 651 -2.78 28.71 -8.72
N VAL A 652 -1.66 29.24 -9.24
CA VAL A 652 -0.85 30.18 -8.48
C VAL A 652 -1.68 31.38 -7.99
N ALA A 653 -2.56 31.90 -8.85
CA ALA A 653 -3.42 33.01 -8.46
C ALA A 653 -4.42 32.63 -7.37
N LEU A 654 -4.90 31.39 -7.38
CA LEU A 654 -5.73 30.92 -6.27
C LEU A 654 -4.97 30.98 -4.95
N PHE A 655 -3.73 30.49 -4.95
CA PHE A 655 -2.96 30.57 -3.69
C PHE A 655 -2.59 31.99 -3.28
N ASP A 656 -2.29 32.83 -4.27
CA ASP A 656 -2.02 34.25 -4.04
C ASP A 656 -3.20 35.02 -3.42
N GLU A 657 -4.39 34.90 -4.02
CA GLU A 657 -5.53 35.78 -3.73
C GLU A 657 -6.74 35.09 -3.08
N GLN A 658 -6.70 33.78 -2.89
CA GLN A 658 -7.83 33.10 -2.24
C GLN A 658 -7.47 32.33 -0.97
N VAL A 659 -6.33 31.64 -1.01
CA VAL A 659 -5.92 30.77 0.08
C VAL A 659 -5.24 31.56 1.19
N HIS A 660 -5.80 31.48 2.39
CA HIS A 660 -5.24 32.18 3.55
C HIS A 660 -4.12 31.38 4.20
N ASP A 661 -3.50 31.95 5.23
CA ASP A 661 -2.38 31.32 5.88
C ASP A 661 -2.71 31.36 7.35
N SER A 662 -3.31 30.28 7.84
CA SER A 662 -3.81 30.29 9.20
C SER A 662 -2.64 30.23 10.18
N ARG A 663 -1.44 29.93 9.68
CA ARG A 663 -0.25 29.92 10.52
C ARG A 663 0.21 31.33 10.87
N ALA A 664 -0.20 32.31 10.07
CA ALA A 664 0.33 33.67 10.19
C ALA A 664 -0.21 34.47 11.38
N PRO A 677 12.28 23.97 16.85
CA PRO A 677 13.04 23.22 15.83
C PRO A 677 12.63 23.64 14.42
N PHE A 678 11.36 23.44 14.09
CA PHE A 678 10.79 24.07 12.91
C PHE A 678 9.28 24.17 13.09
N THR A 679 8.64 24.98 12.24
CA THR A 679 7.22 25.32 12.43
C THR A 679 6.27 24.29 11.85
N ASP A 680 4.97 24.50 12.01
CA ASP A 680 3.98 23.58 11.48
C ASP A 680 3.96 23.51 9.93
N TYR A 681 4.64 24.45 9.28
CA TYR A 681 4.75 24.41 7.82
C TYR A 681 5.41 23.11 7.38
N PHE A 682 6.24 22.54 8.24
CA PHE A 682 6.98 21.36 7.87
C PHE A 682 6.57 20.13 8.65
N ARG A 683 5.31 20.11 9.08
CA ARG A 683 4.68 18.90 9.61
C ARG A 683 3.36 18.67 8.89
N TYR A 684 2.97 17.40 8.74
CA TYR A 684 1.64 17.13 8.21
C TYR A 684 0.63 17.40 9.31
N ARG A 685 -0.58 17.79 8.91
CA ARG A 685 -1.64 18.06 9.85
C ARG A 685 -2.03 16.76 10.53
N LEU A 686 -2.34 16.80 11.82
CA LEU A 686 -2.78 15.57 12.49
C LEU A 686 -4.23 15.31 12.12
N VAL A 687 -4.53 14.04 11.79
CA VAL A 687 -5.87 13.63 11.41
C VAL A 687 -6.28 12.39 12.20
N HIS A 688 -7.45 12.45 12.83
CA HIS A 688 -8.02 11.29 13.49
C HIS A 688 -9.04 10.61 12.61
N PHE A 689 -9.04 9.29 12.58
CA PHE A 689 -10.12 8.55 11.93
C PHE A 689 -10.70 7.67 13.03
N ASP A 690 -11.64 8.22 13.79
CA ASP A 690 -12.16 7.56 14.98
C ASP A 690 -11.03 7.29 15.97
N ASN A 691 -10.72 6.03 16.23
CA ASN A 691 -9.68 5.69 17.19
C ASN A 691 -8.29 5.78 16.61
N GLU A 692 -8.19 5.83 15.28
CA GLU A 692 -6.89 5.81 14.61
C GLU A 692 -6.43 7.21 14.24
N SER A 693 -5.13 7.38 13.97
CA SER A 693 -4.59 8.66 13.54
C SER A 693 -3.60 8.45 12.40
N ASN A 694 -3.30 9.51 11.66
CA ASN A 694 -2.35 9.39 10.54
C ASN A 694 -0.88 9.41 10.96
N LYS A 695 -0.62 9.85 12.18
CA LYS A 695 0.74 9.83 12.68
C LYS A 695 0.76 9.22 14.07
N ARG A 696 1.95 8.79 14.49
CA ARG A 696 2.13 8.17 15.79
C ARG A 696 2.04 9.22 16.88
N LEU A 697 1.37 8.88 17.97
CA LEU A 697 1.20 9.80 19.08
C LEU A 697 1.47 9.08 20.38
N SER A 698 1.92 9.85 21.37
CA SER A 698 2.14 9.35 22.72
C SER A 698 1.26 10.17 23.63
N VAL A 699 0.51 9.53 24.52
CA VAL A 699 -0.38 10.29 25.39
C VAL A 699 0.45 10.96 26.47
N LEU A 700 0.36 12.28 26.56
CA LEU A 700 1.10 13.02 27.57
C LEU A 700 0.18 13.25 28.76
N ALA A 701 -1.07 13.56 28.45
CA ALA A 701 -2.05 13.82 29.49
C ALA A 701 -3.46 13.49 29.00
N THR A 702 -4.26 12.90 29.86
CA THR A 702 -5.63 12.54 29.51
C THR A 702 -6.39 12.21 30.78
N ALA A 703 -7.71 12.30 30.72
CA ALA A 703 -8.59 12.00 31.84
C ALA A 703 -8.19 12.81 33.08
N GLY A 704 -7.64 14.00 32.84
CA GLY A 704 -7.24 14.92 33.89
C GLY A 704 -5.91 14.65 34.58
N ARG A 705 -5.17 13.64 34.12
CA ARG A 705 -3.84 13.44 34.69
C ARG A 705 -2.74 13.57 33.66
N VAL A 706 -1.55 13.90 34.13
CA VAL A 706 -0.38 13.79 33.27
C VAL A 706 0.15 12.39 33.52
N VAL A 707 0.31 11.62 32.44
CA VAL A 707 0.76 10.25 32.56
C VAL A 707 2.11 10.19 33.25
N GLY A 708 2.19 9.40 34.33
CA GLY A 708 3.43 9.24 35.05
C GLY A 708 3.59 10.16 36.24
N VAL A 709 2.73 11.19 36.33
CA VAL A 709 2.76 12.11 37.47
C VAL A 709 1.94 11.54 38.64
N GLY A 710 2.62 11.29 39.76
CA GLY A 710 2.02 10.58 40.87
C GLY A 710 1.11 11.39 41.78
N VAL A 711 0.61 12.51 41.27
CA VAL A 711 -0.36 13.32 42.01
C VAL A 711 -1.35 13.96 41.05
N MSE A 712 -2.58 14.19 41.51
CA MSE A 712 -3.54 14.99 40.74
C MSE A 712 -3.30 16.48 41.02
O MSE A 712 -3.04 16.88 42.16
CB MSE A 712 -4.99 14.64 41.10
CG MSE A 712 -5.45 13.26 40.64
SE MSE A 712 -5.67 13.04 38.71
CE MSE A 712 -7.07 14.37 38.43
N LEU A 713 -3.38 17.30 39.98
CA LEU A 713 -3.18 18.74 40.14
C LEU A 713 -3.89 19.48 39.01
N ALA A 714 -4.43 20.66 39.31
CA ALA A 714 -5.19 21.42 38.32
C ALA A 714 -4.31 21.84 37.14
N SER A 715 -3.05 22.16 37.45
CA SER A 715 -2.08 22.60 36.43
C SER A 715 -0.73 21.96 36.71
N VAL A 716 -0.08 21.47 35.65
CA VAL A 716 1.18 20.78 35.81
C VAL A 716 2.26 21.31 34.85
N GLY A 717 3.36 21.79 35.42
CA GLY A 717 4.52 22.16 34.63
C GLY A 717 5.30 20.94 34.15
N LEU A 718 5.76 20.98 32.92
CA LEU A 718 6.52 19.89 32.33
C LEU A 718 7.78 20.39 31.68
N SER A 719 8.85 19.63 31.90
CA SER A 719 10.06 19.72 31.09
C SER A 719 10.26 18.37 30.40
N VAL A 720 10.34 18.39 29.07
CA VAL A 720 10.41 17.17 28.26
C VAL A 720 11.73 17.12 27.49
N LYS A 721 12.50 16.06 27.69
CA LYS A 721 13.72 15.88 26.92
C LYS A 721 13.49 14.83 25.84
N ARG A 722 13.75 15.19 24.59
CA ARG A 722 13.58 14.27 23.49
C ARG A 722 14.63 14.54 22.41
N ARG A 723 14.67 13.69 21.39
CA ARG A 723 15.64 13.87 20.30
C ARG A 723 15.28 15.06 19.45
N ASP A 724 16.29 15.81 19.04
CA ASP A 724 16.11 16.88 18.07
C ASP A 724 16.01 16.26 16.66
N PRO A 725 14.83 16.38 16.02
CA PRO A 725 14.60 15.78 14.71
C PRO A 725 15.52 16.36 13.64
N ARG A 726 15.98 17.60 13.82
CA ARG A 726 16.93 18.21 12.88
C ARG A 726 18.16 17.31 12.74
N MSE A 727 18.62 16.73 13.85
CA MSE A 727 19.78 15.84 13.86
C MSE A 727 19.49 14.44 13.34
O MSE A 727 20.37 13.57 13.37
CB MSE A 727 20.39 15.80 15.27
CG MSE A 727 21.05 17.12 15.67
SE MSE A 727 22.77 17.36 14.74
CE MSE A 727 23.71 15.96 15.68
N LEU A 728 18.30 14.23 12.81
CA LEU A 728 17.93 12.96 12.18
C LEU A 728 17.69 13.14 10.69
N LEU A 729 17.90 14.36 10.19
CA LEU A 729 17.60 14.61 8.78
C LEU A 729 18.57 13.87 7.88
N GLY A 730 19.83 13.83 8.27
CA GLY A 730 20.86 13.16 7.50
C GLY A 730 21.02 11.71 7.91
N GLY A 746 14.38 5.30 22.92
CA GLY A 746 13.61 5.54 24.14
C GLY A 746 12.57 6.66 24.03
N LEU A 747 11.50 6.52 24.82
CA LEU A 747 10.49 7.57 24.95
C LEU A 747 11.09 8.84 25.59
N PRO A 748 10.46 10.00 25.34
CA PRO A 748 10.96 11.27 25.89
C PRO A 748 11.06 11.24 27.41
N GLU A 749 11.99 12.02 27.95
CA GLU A 749 12.18 12.08 29.38
C GLU A 749 11.40 13.24 29.98
N ILE A 750 10.39 12.92 30.79
CA ILE A 750 9.50 13.95 31.32
C ILE A 750 9.72 14.19 32.82
N SER A 751 9.80 15.45 33.18
CA SER A 751 9.88 15.85 34.58
C SER A 751 8.73 16.81 34.82
N ALA A 752 8.16 16.77 36.01
CA ALA A 752 6.98 17.58 36.30
C ALA A 752 7.18 18.42 37.55
N PHE A 753 6.54 19.59 37.56
CA PHE A 753 6.59 20.45 38.74
C PHE A 753 5.27 21.19 38.93
N ASP A 754 5.05 21.71 40.13
CA ASP A 754 3.95 22.61 40.39
C ASP A 754 4.31 24.00 39.85
N PRO A 755 3.44 24.58 39.00
CA PRO A 755 3.72 25.90 38.41
C PRO A 755 3.74 27.02 39.46
N LEU A 756 2.91 26.88 40.49
CA LEU A 756 2.80 27.94 41.50
C LEU A 756 4.05 28.07 42.39
N THR A 757 4.61 26.94 42.80
CA THR A 757 5.73 26.95 43.74
C THR A 757 7.05 26.55 43.10
N GLY A 758 7.01 25.88 41.95
CA GLY A 758 8.23 25.41 41.31
C GLY A 758 8.71 24.06 41.81
N ILE A 759 8.04 23.52 42.83
CA ILE A 759 8.44 22.26 43.47
C ILE A 759 8.26 21.04 42.57
N ALA A 760 9.22 20.12 42.61
CA ALA A 760 9.17 18.92 41.77
C ALA A 760 8.06 17.95 42.21
N LEU A 761 7.32 17.42 41.23
CA LEU A 761 6.28 16.44 41.50
C LEU A 761 6.82 15.01 41.35
N PRO A 762 6.31 14.09 42.18
CA PRO A 762 6.69 12.68 42.10
C PRO A 762 6.36 12.05 40.73
N MSE A 763 7.32 11.35 40.15
CA MSE A 763 7.12 10.63 38.90
C MSE A 763 7.12 9.14 39.20
O MSE A 763 7.79 8.69 40.14
CB MSE A 763 8.26 10.90 37.91
CG MSE A 763 8.53 12.36 37.61
SE MSE A 763 7.03 13.22 36.73
CE MSE A 763 6.77 11.98 35.25
N VAL A 764 6.41 8.37 38.40
CA VAL A 764 6.44 6.94 38.50
C VAL A 764 6.86 6.47 37.11
N GLY A 765 7.37 5.26 36.99
CA GLY A 765 7.83 4.78 35.70
C GLY A 765 7.71 3.27 35.55
N GLY A 766 8.46 2.71 34.61
CA GLY A 766 8.44 1.28 34.40
C GLY A 766 7.70 0.84 33.15
N ALA A 767 7.64 -0.48 32.98
CA ALA A 767 7.11 -1.12 31.79
C ALA A 767 5.66 -0.78 31.46
N ALA A 768 4.77 -0.92 32.44
CA ALA A 768 3.33 -0.69 32.19
C ALA A 768 3.12 0.74 31.72
N LEU A 769 3.75 1.66 32.43
CA LEU A 769 3.71 3.08 32.08
C LEU A 769 4.33 3.37 30.70
N ASP A 770 5.44 2.70 30.39
CA ASP A 770 6.01 2.83 29.05
C ASP A 770 5.01 2.35 27.98
N ASN A 771 4.23 1.33 28.31
CA ASN A 771 3.26 0.83 27.34
C ASN A 771 2.14 1.83 27.15
N LEU A 772 1.71 2.45 28.24
CA LEU A 772 0.65 3.45 28.15
C LEU A 772 1.10 4.64 27.30
N ARG A 773 2.39 4.96 27.38
CA ARG A 773 2.98 6.11 26.69
C ARG A 773 3.45 5.79 25.26
N ALA A 774 3.30 4.54 24.83
CA ALA A 774 3.84 4.09 23.56
C ALA A 774 3.33 4.92 22.39
N PHE A 775 4.22 5.24 21.46
CA PHE A 775 3.80 5.89 20.23
C PHE A 775 3.01 4.93 19.35
N THR A 776 1.73 5.22 19.12
CA THR A 776 0.91 4.38 18.26
C THR A 776 0.01 5.21 17.35
N ARG A 777 -0.52 4.57 16.32
CA ARG A 777 -1.55 5.18 15.47
C ARG A 777 -2.96 4.80 15.92
N GLU A 778 -3.08 4.26 17.14
CA GLU A 778 -4.41 4.10 17.70
C GLU A 778 -4.49 4.84 19.03
N PRO A 779 -4.42 6.17 18.99
CA PRO A 779 -4.43 6.94 20.23
C PRO A 779 -5.77 6.84 20.98
N GLY A 780 -6.86 6.58 20.26
CA GLY A 780 -8.15 6.40 20.93
C GLY A 780 -8.15 5.21 21.88
N ASP A 781 -7.47 4.15 21.44
CA ASP A 781 -7.31 2.93 22.23
C ASP A 781 -6.51 3.16 23.52
N LYS A 782 -5.37 3.84 23.39
CA LYS A 782 -4.55 4.23 24.54
C LYS A 782 -5.27 5.20 25.50
N VAL A 783 -6.02 6.15 24.93
CA VAL A 783 -6.75 7.11 25.74
C VAL A 783 -7.79 6.35 26.57
N GLU A 784 -8.53 5.45 25.91
CA GLU A 784 -9.50 4.60 26.62
C GLU A 784 -8.82 3.78 27.71
N GLN A 785 -7.72 3.13 27.37
CA GLN A 785 -7.01 2.26 28.30
C GLN A 785 -6.54 3.02 29.54
N ILE A 786 -6.06 4.23 29.33
CA ILE A 786 -5.57 5.03 30.45
C ILE A 786 -6.76 5.45 31.31
N GLY A 787 -7.84 5.86 30.66
CA GLY A 787 -9.03 6.30 31.38
C GLY A 787 -9.61 5.22 32.27
N GLN A 788 -9.33 3.97 31.93
CA GLN A 788 -9.82 2.81 32.70
C GLN A 788 -8.97 2.53 33.94
N LEU A 789 -7.78 3.12 33.98
CA LEU A 789 -6.87 2.86 35.08
C LEU A 789 -7.14 3.80 36.25
N PRO A 790 -6.80 3.34 37.45
CA PRO A 790 -6.97 4.26 38.58
C PRO A 790 -5.98 5.42 38.51
N PRO A 791 -6.43 6.63 38.89
CA PRO A 791 -5.68 7.88 38.82
C PRO A 791 -4.65 7.96 39.94
N PRO A 792 -3.75 8.97 39.90
CA PRO A 792 -2.86 9.20 41.03
C PRO A 792 -3.67 9.75 42.19
N PRO A 793 -3.14 9.72 43.42
CA PRO A 793 -3.93 10.23 44.56
C PRO A 793 -4.15 11.74 44.49
N PRO A 794 -5.19 12.24 45.16
CA PRO A 794 -5.36 13.70 45.27
C PRO A 794 -4.19 14.31 46.03
N LEU A 795 -3.97 15.61 45.85
CA LEU A 795 -2.83 16.28 46.47
C LEU A 795 -2.83 16.12 47.99
N ALA A 796 -4.01 16.15 48.59
CA ALA A 796 -4.12 16.08 50.05
C ALA A 796 -3.74 14.72 50.60
N VAL A 797 -3.85 13.68 49.77
CA VAL A 797 -3.47 12.33 50.20
C VAL A 797 -1.97 12.12 50.00
N ALA A 798 -1.47 12.56 48.86
CA ALA A 798 -0.05 12.43 48.55
C ALA A 798 0.83 13.33 49.44
N ALA A 799 0.25 14.37 50.03
CA ALA A 799 1.02 15.34 50.80
C ALA A 799 1.25 14.96 52.26
N VAL A 800 0.51 13.96 52.75
CA VAL A 800 0.62 13.52 54.15
C VAL A 800 2.02 13.02 54.51
N GLN A 801 2.87 12.85 53.50
CA GLN A 801 4.22 12.31 53.67
C GLN A 801 5.30 13.34 53.29
N SER A 802 4.97 14.23 52.36
CA SER A 802 5.97 15.17 51.81
C SER A 802 5.74 16.58 52.32
N PRO A 803 6.67 17.10 53.13
CA PRO A 803 6.66 18.54 53.43
C PRO A 803 6.62 19.40 52.16
N ALA A 804 7.34 18.98 51.12
CA ALA A 804 7.36 19.71 49.85
C ALA A 804 5.96 19.80 49.22
N LEU A 805 5.32 18.64 49.08
CA LEU A 805 3.98 18.60 48.55
C LEU A 805 3.04 19.39 49.48
N GLN A 806 3.37 19.48 50.77
CA GLN A 806 2.53 20.28 51.66
C GLN A 806 2.61 21.75 51.27
N GLN A 807 3.79 22.23 50.89
CA GLN A 807 3.83 23.61 50.37
C GLN A 807 3.04 23.77 49.07
N VAL A 808 3.24 22.82 48.15
CA VAL A 808 2.43 22.82 46.93
C VAL A 808 0.94 22.94 47.26
N LEU A 809 0.49 22.12 48.21
CA LEU A 809 -0.89 22.04 48.64
C LEU A 809 -1.40 23.33 49.28
N LEU A 810 -0.56 23.97 50.09
CA LEU A 810 -0.92 25.27 50.64
C LEU A 810 -1.21 26.27 49.50
N ALA A 811 -0.30 26.31 48.52
CA ALA A 811 -0.48 27.22 47.38
C ALA A 811 -1.76 26.93 46.58
N GLN A 812 -1.91 25.66 46.21
CA GLN A 812 -3.09 25.19 45.48
C GLN A 812 -4.39 25.49 46.23
N GLN A 813 -4.38 25.24 47.54
CA GLN A 813 -5.54 25.49 48.41
C GLN A 813 -5.92 26.96 48.42
N THR A 814 -4.91 27.83 48.42
CA THR A 814 -5.19 29.26 48.47
C THR A 814 -6.02 29.70 47.27
N VAL A 815 -5.64 29.26 46.08
CA VAL A 815 -6.46 29.49 44.88
C VAL A 815 -7.83 28.82 45.01
N ASN B 5 25.44 -15.71 5.62
CA ASN B 5 24.16 -15.24 6.16
C ASN B 5 22.95 -15.98 5.56
N PHE B 6 22.62 -17.12 6.19
CA PHE B 6 21.91 -18.24 5.55
C PHE B 6 20.47 -18.51 6.01
N GLY B 7 19.82 -19.46 5.33
CA GLY B 7 18.45 -19.87 5.66
C GLY B 7 17.42 -19.30 4.69
N PHE B 8 16.13 -19.43 5.03
CA PHE B 8 15.06 -18.86 4.21
C PHE B 8 14.50 -17.57 4.80
N HIS B 9 14.30 -16.56 3.94
CA HIS B 9 13.85 -15.25 4.40
C HIS B 9 12.99 -14.59 3.35
N ILE B 10 12.21 -13.58 3.76
CA ILE B 10 11.58 -12.68 2.81
C ILE B 10 12.70 -11.84 2.18
N ALA B 11 12.51 -11.43 0.93
CA ALA B 11 13.36 -10.42 0.31
C ALA B 11 13.68 -9.27 1.27
N PRO B 12 14.93 -8.79 1.24
CA PRO B 12 15.31 -7.62 2.03
C PRO B 12 14.64 -6.39 1.43
N THR B 13 14.43 -5.35 2.23
CA THR B 13 13.93 -4.07 1.72
C THR B 13 14.88 -3.56 0.66
N HIS B 14 14.37 -2.82 -0.32
CA HIS B 14 15.24 -2.27 -1.34
C HIS B 14 15.61 -0.83 -1.02
N PRO B 15 16.91 -0.56 -0.86
CA PRO B 15 17.34 0.78 -0.44
C PRO B 15 17.09 1.74 -1.58
N VAL B 16 16.56 2.94 -1.28
CA VAL B 16 16.08 3.83 -2.35
C VAL B 16 17.18 4.29 -3.32
N ALA B 17 18.38 4.52 -2.81
CA ALA B 17 19.52 4.84 -3.69
C ALA B 17 20.08 3.59 -4.42
N GLY B 18 19.54 2.42 -4.13
CA GLY B 18 19.89 1.21 -4.86
C GLY B 18 21.12 0.48 -4.34
N ARG B 19 21.58 -0.50 -5.09
CA ARG B 19 22.65 -1.36 -4.63
C ARG B 19 23.87 -1.24 -5.52
N LEU B 20 23.78 -0.33 -6.50
CA LEU B 20 24.85 -0.15 -7.49
C LEU B 20 25.90 0.89 -7.08
N THR B 21 25.61 1.69 -6.06
CA THR B 21 26.55 2.71 -5.62
C THR B 21 27.76 2.06 -4.96
N TYR B 22 28.84 2.80 -4.84
CA TYR B 22 30.07 2.23 -4.31
C TYR B 22 30.96 3.28 -3.70
N ASP B 23 31.90 2.80 -2.90
CA ASP B 23 32.90 3.60 -2.21
C ASP B 23 34.22 2.99 -2.64
N SER B 24 35.31 3.75 -2.55
CA SER B 24 36.62 3.21 -2.95
C SER B 24 36.98 1.97 -2.12
N LYS B 25 36.45 1.90 -0.89
CA LYS B 25 36.64 0.72 -0.06
C LYS B 25 35.90 -0.51 -0.60
N LYS B 26 34.67 -0.32 -1.09
CA LYS B 26 33.88 -1.45 -1.60
C LYS B 26 34.61 -2.09 -2.79
N LEU B 27 35.08 -1.21 -3.67
CA LEU B 27 35.81 -1.61 -4.87
C LEU B 27 37.12 -2.28 -4.51
N SER B 28 37.82 -1.68 -3.54
CA SER B 28 39.08 -2.22 -3.05
C SER B 28 38.88 -3.63 -2.52
N GLU B 29 37.77 -3.84 -1.83
CA GLU B 29 37.48 -5.15 -1.24
C GLU B 29 37.08 -6.23 -2.25
N ASN B 30 36.28 -5.85 -3.24
CA ASN B 30 35.97 -6.82 -4.29
C ASN B 30 37.26 -7.22 -5.05
N ILE B 31 38.05 -6.21 -5.42
CA ILE B 31 39.35 -6.45 -6.05
C ILE B 31 40.20 -7.37 -5.19
N LEU B 32 40.32 -7.05 -3.91
CA LEU B 32 41.15 -7.82 -2.97
C LEU B 32 40.69 -9.27 -2.87
N LYS B 33 39.37 -9.50 -2.90
CA LYS B 33 38.87 -10.87 -2.94
C LYS B 33 39.31 -11.59 -4.21
N GLN B 34 39.24 -10.90 -5.35
CA GLN B 34 39.74 -11.53 -6.58
C GLN B 34 41.23 -11.89 -6.56
N GLN B 35 42.02 -11.19 -5.74
CA GLN B 35 43.47 -11.42 -5.72
C GLN B 35 43.95 -12.30 -4.57
N SER B 36 43.04 -13.03 -3.93
CA SER B 36 43.42 -13.79 -2.73
C SER B 36 44.49 -14.84 -3.01
N ASP B 37 44.27 -15.65 -4.05
CA ASP B 37 45.22 -16.68 -4.46
C ASP B 37 46.60 -16.09 -4.71
N GLU B 38 46.63 -15.02 -5.51
CA GLU B 38 47.86 -14.26 -5.79
C GLU B 38 48.55 -13.87 -4.51
N ARG B 39 47.78 -13.38 -3.53
CA ARG B 39 48.37 -12.97 -2.25
C ARG B 39 48.97 -14.13 -1.46
N VAL B 40 48.25 -15.25 -1.36
CA VAL B 40 48.79 -16.41 -0.65
C VAL B 40 50.08 -16.91 -1.32
N PHE B 41 50.08 -16.93 -2.65
CA PHE B 41 51.24 -17.38 -3.41
C PHE B 41 52.44 -16.41 -3.31
N SER B 42 52.15 -15.12 -3.19
CA SER B 42 53.15 -14.06 -3.29
C SER B 42 54.09 -13.97 -2.10
N ARG B 43 53.60 -14.36 -0.92
CA ARG B 43 54.37 -14.20 0.31
C ARG B 43 55.30 -15.38 0.61
N ALA B 44 55.27 -16.41 -0.23
CA ALA B 44 56.13 -17.59 -0.03
C ALA B 44 57.14 -17.77 -1.15
N CYS B 62 51.95 -14.16 -11.20
CA CYS B 62 50.93 -14.90 -10.47
C CYS B 62 49.53 -14.57 -11.00
N LYS B 63 48.68 -15.59 -11.14
CA LYS B 63 47.38 -15.40 -11.80
C LYS B 63 46.37 -16.50 -11.47
N ALA B 64 45.22 -16.14 -10.91
CA ALA B 64 44.13 -17.11 -10.84
C ALA B 64 43.24 -16.93 -12.06
N ILE B 65 42.45 -17.96 -12.39
CA ILE B 65 41.52 -17.87 -13.51
C ILE B 65 40.13 -17.65 -12.94
N HIS B 66 39.49 -16.56 -13.34
CA HIS B 66 38.18 -16.23 -12.80
C HIS B 66 37.19 -16.41 -13.94
N ILE B 67 36.17 -17.25 -13.74
CA ILE B 67 35.26 -17.58 -14.84
C ILE B 67 33.81 -17.30 -14.47
N THR B 68 33.14 -16.46 -15.25
CA THR B 68 31.70 -16.29 -15.10
C THR B 68 30.93 -17.10 -16.16
N LEU B 69 29.92 -17.84 -15.72
CA LEU B 69 29.09 -18.66 -16.60
C LEU B 69 27.62 -18.38 -16.26
N GLY B 70 26.83 -17.98 -17.25
CA GLY B 70 25.42 -17.69 -17.06
C GLY B 70 24.58 -18.59 -17.93
N PHE B 71 23.72 -19.38 -17.28
CA PHE B 71 22.72 -20.21 -17.94
C PHE B 71 21.35 -19.52 -17.91
N ASP B 72 20.91 -19.07 -19.09
CA ASP B 72 19.69 -18.28 -19.20
C ASP B 72 18.49 -19.20 -19.09
N GLY B 73 17.31 -18.60 -18.92
CA GLY B 73 16.14 -19.36 -18.58
C GLY B 73 15.36 -19.90 -19.75
N THR B 74 14.19 -20.46 -19.45
CA THR B 74 13.34 -21.07 -20.44
C THR B 74 12.88 -20.04 -21.45
N ASN B 75 13.18 -20.30 -22.72
CA ASN B 75 12.78 -19.44 -23.83
C ASN B 75 13.46 -18.09 -23.82
N ASN B 76 14.52 -17.95 -23.00
CA ASN B 76 15.33 -16.74 -22.96
C ASN B 76 16.58 -16.86 -23.81
N ASN B 77 16.78 -15.90 -24.71
CA ASN B 77 17.92 -15.91 -25.61
C ASN B 77 18.46 -14.51 -25.78
N ASP B 78 19.65 -14.24 -25.27
CA ASP B 78 20.16 -12.86 -25.25
C ASP B 78 20.23 -12.22 -26.64
N LYS B 79 20.63 -12.97 -27.66
CA LYS B 79 20.68 -12.42 -29.01
C LYS B 79 19.31 -11.99 -29.50
N ALA B 80 18.36 -12.93 -29.49
CA ALA B 80 16.99 -12.64 -29.92
C ALA B 80 16.34 -11.51 -29.11
N ASP B 81 16.05 -11.80 -27.84
CA ASP B 81 15.57 -10.80 -26.91
C ASP B 81 16.61 -9.70 -26.84
N GLY B 82 16.21 -8.46 -26.59
CA GLY B 82 17.22 -7.42 -26.53
C GLY B 82 17.83 -6.93 -27.85
N SER B 83 17.55 -7.63 -28.94
CA SER B 83 18.01 -7.17 -30.26
C SER B 83 17.06 -6.11 -30.83
N SER B 84 15.79 -6.17 -30.43
CA SER B 84 14.80 -5.22 -30.90
C SER B 84 14.95 -3.85 -30.22
N VAL B 85 14.21 -2.88 -30.75
CA VAL B 85 14.21 -1.52 -30.21
C VAL B 85 13.66 -1.49 -28.78
N SER B 86 12.95 -2.55 -28.39
CA SER B 86 12.43 -2.70 -27.03
C SER B 86 12.89 -4.02 -26.40
N PRO B 87 14.12 -4.04 -25.86
CA PRO B 87 14.79 -5.23 -25.33
C PRO B 87 14.09 -5.92 -24.15
N SER B 88 14.36 -7.21 -23.98
CA SER B 88 13.77 -7.99 -22.89
C SER B 88 14.75 -9.02 -22.34
N CYS B 89 16.00 -8.58 -22.15
CA CYS B 89 17.06 -9.42 -21.60
C CYS B 89 16.72 -9.91 -20.18
N SER B 90 17.03 -11.17 -19.90
CA SER B 90 16.81 -11.68 -18.55
C SER B 90 17.83 -11.12 -17.57
N ASN B 91 17.62 -11.38 -16.29
CA ASN B 91 18.62 -10.98 -15.31
C ASN B 91 19.95 -11.71 -15.48
N VAL B 92 19.92 -12.92 -16.02
CA VAL B 92 21.15 -13.66 -16.28
C VAL B 92 21.94 -12.95 -17.38
N ALA B 93 21.24 -12.54 -18.42
CA ALA B 93 21.89 -11.84 -19.52
C ALA B 93 22.42 -10.50 -19.06
N ARG B 94 21.64 -9.79 -18.26
CA ARG B 94 22.08 -8.51 -17.70
C ARG B 94 23.35 -8.68 -16.87
N LEU B 95 23.38 -9.70 -16.01
CA LEU B 95 24.55 -9.98 -15.18
C LEU B 95 25.80 -10.36 -15.99
N ILE B 96 25.58 -11.08 -17.09
CA ILE B 96 26.68 -11.39 -18.01
C ILE B 96 27.20 -10.12 -18.71
N HIS B 97 26.29 -9.31 -19.23
CA HIS B 97 26.63 -7.99 -19.78
C HIS B 97 27.52 -7.16 -18.82
N ALA B 98 27.22 -7.22 -17.52
CA ALA B 98 27.94 -6.44 -16.51
C ALA B 98 29.16 -7.15 -15.94
N SER B 99 29.42 -8.35 -16.44
CA SER B 99 30.56 -9.13 -16.00
C SER B 99 31.79 -8.88 -16.89
N ILE B 100 32.95 -8.90 -16.27
CA ILE B 100 34.23 -8.72 -16.95
C ILE B 100 34.63 -10.03 -17.62
N GLY B 101 35.24 -9.95 -18.80
CA GLY B 101 35.73 -11.14 -19.46
C GLY B 101 35.60 -11.11 -20.98
N SER B 102 35.51 -9.92 -21.54
CA SER B 102 35.37 -9.78 -22.98
C SER B 102 36.70 -9.36 -23.59
N GLY B 103 37.09 -10.03 -24.66
CA GLY B 103 38.30 -9.67 -25.38
C GLY B 103 39.56 -10.43 -24.97
N ASP B 104 40.50 -10.50 -25.91
CA ASP B 104 41.74 -11.25 -25.74
C ASP B 104 42.64 -10.73 -24.62
N ASP B 105 42.72 -9.41 -24.48
CA ASP B 105 43.50 -8.80 -23.42
C ASP B 105 43.00 -9.22 -22.03
N ILE B 106 41.71 -9.01 -21.76
CA ILE B 106 41.14 -9.33 -20.45
C ILE B 106 41.23 -10.83 -20.16
N ASN B 107 40.95 -11.64 -21.18
CA ASN B 107 41.09 -13.09 -21.08
C ASN B 107 42.53 -13.44 -20.64
N SER B 108 43.48 -12.84 -21.34
CA SER B 108 44.91 -12.94 -20.99
C SER B 108 45.23 -12.54 -19.55
N ARG B 109 44.45 -11.62 -18.97
CA ARG B 109 44.65 -11.34 -17.56
C ARG B 109 43.88 -12.31 -16.64
N GLY B 110 43.26 -13.32 -17.24
CA GLY B 110 42.69 -14.42 -16.49
C GLY B 110 41.20 -14.33 -16.16
N ILE B 111 40.51 -13.32 -16.67
CA ILE B 111 39.07 -13.23 -16.47
C ILE B 111 38.34 -13.57 -17.76
N PHE B 112 37.35 -14.48 -17.65
CA PHE B 112 36.58 -14.98 -18.80
C PHE B 112 35.10 -14.97 -18.44
N LYS B 113 34.25 -14.84 -19.45
CA LYS B 113 32.81 -14.98 -19.22
C LYS B 113 32.16 -15.71 -20.36
N TYR B 114 31.14 -16.49 -20.05
CA TYR B 114 30.44 -17.27 -21.05
C TYR B 114 28.96 -17.17 -20.79
N TYR B 115 28.18 -17.23 -21.87
CA TYR B 115 26.74 -17.13 -21.78
C TYR B 115 26.11 -18.29 -22.50
N CYS B 116 25.16 -18.94 -21.86
CA CYS B 116 24.45 -20.05 -22.49
C CYS B 116 22.97 -19.67 -22.69
N PRO B 117 22.47 -19.72 -23.95
CA PRO B 117 21.05 -19.46 -24.18
C PRO B 117 20.13 -20.47 -23.48
N GLY B 118 18.89 -20.07 -23.26
CA GLY B 118 17.92 -20.95 -22.61
C GLY B 118 17.38 -22.05 -23.51
N VAL B 119 16.82 -23.08 -22.88
CA VAL B 119 16.26 -24.20 -23.60
C VAL B 119 15.05 -23.68 -24.38
N GLY B 120 14.71 -24.36 -25.48
CA GLY B 120 13.66 -23.86 -26.35
C GLY B 120 14.11 -22.78 -27.32
N THR B 121 15.36 -22.34 -27.20
CA THR B 121 15.92 -21.39 -28.15
C THR B 121 17.13 -22.00 -28.86
N VAL B 122 17.44 -21.45 -30.03
CA VAL B 122 18.53 -21.96 -30.87
C VAL B 122 19.91 -21.82 -30.20
N PHE B 123 20.73 -22.86 -30.30
CA PHE B 123 22.09 -22.80 -29.77
C PHE B 123 23.02 -23.53 -30.74
N PRO B 124 23.70 -22.77 -31.61
CA PRO B 124 24.53 -23.35 -32.67
C PRO B 124 25.62 -24.23 -32.10
N ASP B 125 26.23 -23.81 -30.99
CA ASP B 125 27.35 -24.51 -30.37
C ASP B 125 27.06 -25.98 -30.02
N ILE B 126 25.78 -26.29 -29.85
CA ILE B 126 25.34 -27.66 -29.54
C ILE B 126 24.42 -28.24 -30.63
N LYS B 127 24.54 -27.67 -31.83
CA LYS B 127 23.73 -28.07 -33.00
C LYS B 127 22.22 -28.10 -32.73
N GLU B 128 21.75 -27.20 -31.88
CA GLU B 128 20.31 -27.07 -31.64
C GLU B 128 19.86 -25.92 -32.53
N PHE B 129 19.31 -26.25 -33.69
CA PHE B 129 19.09 -25.25 -34.73
C PHE B 129 17.65 -24.80 -34.87
N THR B 130 16.78 -25.43 -34.11
CA THR B 130 15.36 -25.08 -34.16
C THR B 130 14.84 -24.82 -32.73
N PRO B 131 13.98 -23.81 -32.58
CA PRO B 131 13.36 -23.54 -31.27
C PRO B 131 12.25 -24.53 -30.93
N SER B 132 11.85 -24.59 -29.66
CA SER B 132 10.82 -25.53 -29.19
C SER B 132 9.46 -25.33 -29.85
N ASN B 133 8.65 -26.39 -29.89
CA ASN B 133 7.33 -26.32 -30.57
C ASN B 133 6.45 -25.22 -29.95
N MSE B 134 5.98 -25.46 -28.73
CA MSE B 134 5.47 -24.39 -27.87
C MSE B 134 5.44 -24.84 -26.41
O MSE B 134 4.43 -25.33 -25.92
CB MSE B 134 4.10 -23.86 -28.33
CG MSE B 134 3.05 -24.89 -28.66
SE MSE B 134 1.60 -24.10 -29.70
CE MSE B 134 2.26 -22.27 -29.83
N GLY B 135 6.57 -24.66 -25.73
CA GLY B 135 6.70 -25.12 -24.36
C GLY B 135 7.03 -26.59 -24.27
N LEU B 136 7.08 -27.26 -25.43
CA LEU B 136 7.51 -28.64 -25.46
C LEU B 136 9.04 -28.77 -25.47
N ILE B 137 9.58 -29.02 -24.29
CA ILE B 137 11.02 -29.00 -24.08
C ILE B 137 11.56 -30.33 -23.56
N GLY B 138 12.50 -30.92 -24.29
CA GLY B 138 13.10 -32.17 -23.90
C GLY B 138 14.28 -31.99 -22.96
N ALA B 139 14.64 -33.05 -22.25
CA ALA B 139 15.71 -32.98 -21.25
C ALA B 139 17.11 -32.80 -21.88
N GLU B 140 17.23 -33.26 -23.12
CA GLU B 140 18.52 -33.31 -23.77
C GLU B 140 19.14 -31.94 -23.95
N GLY B 141 18.31 -30.93 -24.19
CA GLY B 141 18.78 -29.56 -24.33
C GLY B 141 19.45 -29.04 -23.06
N GLY B 142 18.82 -29.33 -21.92
CA GLY B 142 19.39 -29.04 -20.61
C GLY B 142 20.76 -29.74 -20.47
N GLU B 143 20.78 -31.06 -20.71
CA GLU B 143 22.04 -31.81 -20.56
C GLU B 143 23.19 -31.26 -21.42
N ASN B 144 22.87 -30.98 -22.68
CA ASN B 144 23.84 -30.43 -23.63
C ASN B 144 24.33 -29.06 -23.22
N ARG B 145 23.44 -28.24 -22.65
CA ARG B 145 23.85 -26.95 -22.08
C ARG B 145 24.83 -27.06 -20.88
N ILE B 146 24.50 -27.95 -19.95
CA ILE B 146 25.41 -28.21 -18.83
C ILE B 146 26.81 -28.64 -19.36
N ASN B 147 26.80 -29.60 -20.28
CA ASN B 147 28.06 -30.13 -20.80
C ASN B 147 28.88 -29.08 -21.57
N TRP B 148 28.18 -28.24 -22.33
CA TRP B 148 28.78 -27.08 -22.97
C TRP B 148 29.47 -26.22 -21.93
N GLY B 149 28.82 -25.98 -20.79
CA GLY B 149 29.45 -25.19 -19.73
C GLY B 149 30.77 -25.79 -19.24
N LEU B 150 30.71 -27.08 -18.93
CA LEU B 150 31.96 -27.78 -18.54
C LEU B 150 33.08 -27.56 -19.56
N VAL B 151 32.72 -27.76 -20.84
CA VAL B 151 33.66 -27.53 -21.93
C VAL B 151 34.21 -26.12 -21.92
N GLN B 152 33.38 -25.13 -21.58
CA GLN B 152 33.87 -23.75 -21.51
C GLN B 152 34.94 -23.60 -20.44
N LEU B 153 34.83 -24.38 -19.37
CA LEU B 153 35.95 -24.39 -18.42
C LEU B 153 37.24 -24.92 -19.07
N VAL B 154 37.07 -26.01 -19.82
CA VAL B 154 38.24 -26.50 -20.57
C VAL B 154 38.84 -25.37 -21.45
N ASP B 155 37.98 -24.67 -22.17
CA ASP B 155 38.37 -23.60 -23.10
C ASP B 155 39.11 -22.46 -22.44
N ALA B 156 38.63 -22.07 -21.26
CA ALA B 156 39.28 -21.03 -20.48
C ALA B 156 40.70 -21.44 -20.15
N LEU B 157 40.87 -22.67 -19.63
CA LEU B 157 42.26 -23.10 -19.35
C LEU B 157 43.14 -23.13 -20.60
N PHE B 158 42.59 -23.74 -21.67
CA PHE B 158 43.25 -23.87 -22.96
C PHE B 158 43.75 -22.52 -23.48
N TYR B 159 42.92 -21.48 -23.37
CA TYR B 159 43.34 -20.15 -23.80
C TYR B 159 44.39 -19.60 -22.85
N THR B 160 44.20 -19.85 -21.57
CA THR B 160 45.17 -19.40 -20.59
C THR B 160 46.59 -19.90 -20.92
N LEU B 161 46.70 -21.18 -21.30
CA LEU B 161 48.03 -21.77 -21.53
C LEU B 161 48.55 -21.63 -22.96
N LEU B 162 47.67 -21.74 -23.95
CA LEU B 162 48.10 -21.88 -25.34
C LEU B 162 47.67 -20.74 -26.26
N LYS B 163 46.96 -19.76 -25.73
CA LYS B 163 46.59 -18.56 -26.48
C LYS B 163 45.71 -18.84 -27.71
N SER B 164 45.01 -19.96 -27.72
CA SER B 164 43.97 -20.21 -28.73
C SER B 164 42.68 -20.63 -28.04
N ARG B 165 41.56 -20.57 -28.75
CA ARG B 165 40.30 -21.03 -28.19
C ARG B 165 39.93 -22.34 -28.85
N LEU B 166 39.14 -23.17 -28.17
CA LEU B 166 38.68 -24.43 -28.75
C LEU B 166 37.91 -24.19 -30.03
N LYS B 167 38.11 -25.04 -31.04
CA LYS B 167 37.30 -24.94 -32.26
C LYS B 167 35.86 -25.37 -31.99
N LEU B 168 34.91 -24.64 -32.57
CA LEU B 168 33.48 -24.95 -32.47
C LEU B 168 33.20 -26.43 -32.80
N ASN B 169 33.95 -26.96 -33.77
CA ASN B 169 33.89 -28.37 -34.10
C ASN B 169 34.20 -29.27 -32.91
N ASP B 170 35.32 -29.01 -32.25
CA ASP B 170 35.68 -29.81 -31.09
C ASP B 170 34.74 -29.62 -29.88
N VAL B 171 34.24 -28.40 -29.68
CA VAL B 171 33.25 -28.16 -28.63
C VAL B 171 32.00 -29.02 -28.90
N GLN B 172 31.46 -28.92 -30.11
CA GLN B 172 30.30 -29.72 -30.52
C GLN B 172 30.55 -31.21 -30.31
N GLY B 173 31.75 -31.66 -30.66
CA GLY B 173 32.12 -33.06 -30.47
C GLY B 173 32.16 -33.49 -29.01
N LEU B 174 32.67 -32.62 -28.15
CA LEU B 174 32.75 -32.90 -26.73
C LEU B 174 31.33 -33.03 -26.18
N VAL B 175 30.49 -32.04 -26.49
CA VAL B 175 29.12 -32.04 -26.01
C VAL B 175 28.41 -33.32 -26.46
N GLU B 176 28.64 -33.73 -27.71
CA GLU B 176 28.04 -34.96 -28.22
C GLU B 176 28.56 -36.21 -27.51
N GLU B 177 29.87 -36.28 -27.28
CA GLU B 177 30.48 -37.41 -26.59
C GLU B 177 30.02 -37.55 -25.15
N MSE B 178 29.66 -36.42 -24.52
CA MSE B 178 29.23 -36.43 -23.11
C MSE B 178 27.73 -36.77 -22.96
O MSE B 178 27.27 -37.08 -21.86
CB MSE B 178 29.56 -35.09 -22.43
CG MSE B 178 31.04 -34.72 -22.43
SE MSE B 178 31.45 -32.81 -22.36
CE MSE B 178 31.41 -32.55 -20.43
N SER B 179 26.97 -36.69 -24.05
CA SER B 179 25.50 -36.94 -24.00
C SER B 179 25.16 -38.34 -23.51
N THR B 180 24.00 -38.47 -22.88
CA THR B 180 23.53 -39.80 -22.50
C THR B 180 22.66 -40.44 -23.58
N ASN B 181 22.47 -39.77 -24.70
CA ASN B 181 21.72 -40.31 -25.84
C ASN B 181 20.37 -41.00 -25.55
N TRP B 182 19.58 -40.48 -24.63
CA TRP B 182 18.30 -41.11 -24.32
C TRP B 182 17.42 -41.29 -25.56
N THR B 183 17.02 -42.53 -25.80
CA THR B 183 16.00 -42.89 -26.80
C THR B 183 15.20 -44.10 -26.31
N VAL B 184 14.08 -44.34 -26.97
CA VAL B 184 13.36 -45.61 -26.85
C VAL B 184 13.27 -46.20 -28.24
N SER B 185 13.62 -47.49 -28.38
CA SER B 185 13.45 -48.20 -29.64
C SER B 185 12.54 -49.42 -29.50
N THR B 186 11.92 -49.83 -30.60
CA THR B 186 11.03 -51.00 -30.61
C THR B 186 11.79 -52.29 -30.30
N LEU B 187 13.05 -52.36 -30.71
CA LEU B 187 13.85 -53.58 -30.51
C LEU B 187 14.44 -53.75 -29.10
N THR B 188 14.93 -52.67 -28.51
CA THR B 188 15.69 -52.78 -27.26
C THR B 188 15.09 -52.03 -26.07
N GLY B 189 14.08 -51.21 -26.31
CA GLY B 189 13.49 -50.42 -25.24
C GLY B 189 14.29 -49.16 -24.94
N GLY B 190 14.51 -48.88 -23.66
CA GLY B 190 15.25 -47.70 -23.27
C GLY B 190 16.73 -47.84 -23.56
N LEU B 191 17.33 -46.76 -24.05
CA LEU B 191 18.77 -46.75 -24.23
C LEU B 191 19.35 -45.93 -23.10
N LEU B 192 19.88 -46.59 -22.09
CA LEU B 192 20.42 -45.85 -20.97
C LEU B 192 21.95 -45.83 -20.95
N GLU B 193 22.51 -44.63 -20.79
CA GLU B 193 23.95 -44.50 -20.70
C GLU B 193 24.34 -43.77 -19.42
N ASN B 194 25.53 -44.07 -18.92
CA ASN B 194 25.98 -43.52 -17.66
C ASN B 194 26.68 -42.17 -17.88
N GLY B 195 25.98 -41.08 -17.54
CA GLY B 195 26.48 -39.74 -17.78
C GLY B 195 27.84 -39.42 -17.16
N GLU B 196 28.04 -39.85 -15.91
CA GLU B 196 29.27 -39.53 -15.19
C GLU B 196 30.51 -40.07 -15.93
N LYS B 197 30.41 -41.35 -16.29
CA LYS B 197 31.42 -42.05 -17.06
C LYS B 197 31.72 -41.32 -18.36
N LYS B 198 30.67 -40.96 -19.09
CA LYS B 198 30.85 -40.38 -20.42
C LYS B 198 31.47 -38.98 -20.36
N ARG B 199 31.04 -38.20 -19.39
CA ARG B 199 31.64 -36.90 -19.09
C ARG B 199 33.13 -37.01 -18.77
N ARG B 200 33.46 -37.89 -17.83
CA ARG B 200 34.88 -38.05 -17.46
C ARG B 200 35.72 -38.48 -18.66
N ALA B 201 35.26 -39.52 -19.36
CA ALA B 201 35.94 -40.00 -20.55
C ALA B 201 36.14 -38.92 -21.60
N ALA B 202 35.08 -38.20 -21.92
CA ALA B 202 35.18 -37.17 -22.95
C ALA B 202 36.16 -36.07 -22.55
N LEU B 203 36.15 -35.69 -21.27
CA LEU B 203 36.99 -34.56 -20.83
C LEU B 203 38.46 -34.94 -20.61
N GLU B 204 38.69 -36.21 -20.31
CA GLU B 204 40.02 -36.63 -19.85
C GLU B 204 41.23 -36.33 -20.76
N PRO B 205 41.10 -36.53 -22.09
CA PRO B 205 42.25 -36.20 -22.94
C PRO B 205 42.69 -34.75 -22.79
N LYS B 206 41.75 -33.81 -22.89
CA LYS B 206 42.08 -32.40 -22.69
C LYS B 206 42.63 -32.10 -21.30
N LEU B 207 42.01 -32.64 -20.26
CA LEU B 207 42.45 -32.38 -18.90
C LEU B 207 43.90 -32.82 -18.69
N LYS B 208 44.27 -33.92 -19.32
CA LYS B 208 45.63 -34.41 -19.18
C LYS B 208 46.61 -33.55 -19.94
N GLU B 209 46.23 -33.13 -21.16
CA GLU B 209 47.04 -32.19 -21.93
C GLU B 209 47.35 -30.97 -21.10
N LEU B 210 46.31 -30.43 -20.47
CA LEU B 210 46.41 -29.17 -19.75
C LEU B 210 47.27 -29.31 -18.51
N GLU B 211 47.08 -30.42 -17.80
CA GLU B 211 47.84 -30.67 -16.59
C GLU B 211 49.31 -30.83 -16.92
N GLU B 212 49.59 -31.45 -18.07
CA GLU B 212 50.94 -31.63 -18.57
C GLU B 212 51.60 -30.28 -18.90
N LYS B 213 50.87 -29.39 -19.56
CA LYS B 213 51.37 -28.03 -19.81
C LYS B 213 51.63 -27.30 -18.50
N LEU B 214 50.75 -27.49 -17.53
CA LEU B 214 50.93 -26.90 -16.21
C LEU B 214 52.17 -27.48 -15.55
N ARG B 215 52.41 -28.78 -15.74
CA ARG B 215 53.62 -29.41 -15.24
C ARG B 215 54.87 -28.78 -15.86
N GLN B 216 54.89 -28.65 -17.19
CA GLN B 216 56.04 -28.07 -17.89
C GLN B 216 56.33 -26.66 -17.38
N ARG B 217 55.26 -25.87 -17.24
CA ARG B 217 55.37 -24.47 -16.84
C ARG B 217 55.93 -24.32 -15.45
N GLN B 218 55.41 -25.14 -14.53
CA GLN B 218 55.87 -25.10 -13.15
C GLN B 218 57.34 -25.55 -13.07
N ASN B 219 57.67 -26.60 -13.80
CA ASN B 219 58.98 -27.22 -13.71
C ASN B 219 60.07 -26.41 -14.40
N SER B 220 59.65 -25.45 -15.21
CA SER B 220 60.57 -24.59 -15.95
C SER B 220 60.44 -23.13 -15.54
N GLY B 221 59.65 -22.89 -14.49
CA GLY B 221 59.53 -21.58 -13.88
C GLY B 221 58.90 -20.50 -14.72
N GLN B 222 58.05 -20.90 -15.68
CA GLN B 222 57.43 -19.94 -16.58
C GLN B 222 56.38 -19.06 -15.88
N LYS B 223 56.40 -17.77 -16.22
CA LYS B 223 55.47 -16.81 -15.64
C LYS B 223 54.40 -16.44 -16.68
N PRO B 224 53.17 -16.14 -16.23
CA PRO B 224 52.68 -16.15 -14.85
C PRO B 224 52.44 -17.58 -14.33
N HIS B 225 52.54 -17.75 -13.02
CA HIS B 225 52.23 -19.02 -12.38
C HIS B 225 50.70 -19.16 -12.18
N ILE B 226 50.06 -20.00 -12.99
CA ILE B 226 48.60 -20.22 -12.90
C ILE B 226 48.22 -20.94 -11.61
N LEU B 227 47.29 -20.36 -10.84
CA LEU B 227 47.13 -20.69 -9.44
C LEU B 227 45.88 -21.47 -9.08
N ALA B 228 44.77 -21.15 -9.75
CA ALA B 228 43.50 -21.73 -9.37
C ALA B 228 42.45 -21.34 -10.36
N MSE B 229 41.29 -21.95 -10.20
CA MSE B 229 40.14 -21.62 -11.00
C MSE B 229 38.96 -21.31 -10.09
O MSE B 229 38.59 -22.11 -9.24
CB MSE B 229 39.82 -22.78 -11.92
CG MSE B 229 40.68 -22.72 -13.16
SE MSE B 229 40.51 -24.31 -14.14
CE MSE B 229 38.58 -24.17 -14.61
N ARG B 230 38.38 -20.13 -10.30
CA ARG B 230 37.35 -19.62 -9.40
C ARG B 230 36.14 -19.28 -10.24
N LEU B 231 34.99 -19.87 -9.91
CA LEU B 231 33.81 -19.78 -10.75
C LEU B 231 32.70 -18.93 -10.13
N TYR B 232 32.04 -18.15 -10.97
CA TYR B 232 30.90 -17.35 -10.61
C TYR B 232 29.84 -17.75 -11.62
N ILE B 233 28.72 -18.29 -11.13
CA ILE B 233 27.76 -18.98 -11.99
C ILE B 233 26.36 -18.46 -11.73
N TYR B 234 25.64 -18.05 -12.78
CA TYR B 234 24.33 -17.46 -12.62
C TYR B 234 23.35 -18.27 -13.45
N GLY B 235 22.16 -18.55 -12.90
CA GLY B 235 21.18 -19.26 -13.71
C GLY B 235 19.75 -18.88 -13.39
N PHE B 236 18.86 -19.01 -14.37
CA PHE B 236 17.45 -18.71 -14.09
C PHE B 236 16.61 -19.81 -14.70
N SER B 237 15.59 -20.29 -13.96
CA SER B 237 14.60 -21.21 -14.52
C SER B 237 15.26 -22.56 -14.80
N ARG B 238 15.09 -23.11 -16.00
CA ARG B 238 15.78 -24.35 -16.31
C ARG B 238 17.29 -24.14 -16.32
N GLY B 239 17.69 -22.89 -16.54
CA GLY B 239 19.11 -22.56 -16.54
C GLY B 239 19.64 -22.56 -15.11
N ALA B 240 18.76 -22.32 -14.14
CA ALA B 240 19.19 -22.47 -12.76
C ALA B 240 19.31 -23.96 -12.49
N ALA B 241 18.41 -24.75 -13.08
CA ALA B 241 18.48 -26.19 -12.87
C ALA B 241 19.80 -26.68 -13.46
N GLU B 242 20.05 -26.27 -14.70
CA GLU B 242 21.34 -26.55 -15.33
C GLU B 242 22.49 -26.15 -14.41
N ALA B 243 22.39 -24.97 -13.80
CA ALA B 243 23.51 -24.48 -12.97
C ALA B 243 23.73 -25.47 -11.86
N ARG B 244 22.63 -25.88 -11.26
CA ARG B 244 22.76 -26.75 -10.10
C ARG B 244 23.35 -28.08 -10.54
N ALA B 245 22.88 -28.59 -11.69
CA ALA B 245 23.37 -29.90 -12.10
C ALA B 245 24.85 -29.71 -12.41
N PHE B 246 25.16 -28.55 -13.02
CA PHE B 246 26.52 -28.26 -13.40
C PHE B 246 27.39 -28.40 -12.16
N ALA B 247 26.96 -27.77 -11.06
CA ALA B 247 27.81 -27.69 -9.89
C ALA B 247 28.11 -29.10 -9.47
N ASN B 248 27.07 -29.94 -9.45
CA ASN B 248 27.24 -31.30 -8.98
C ASN B 248 28.16 -32.10 -9.88
N TRP B 249 27.94 -31.96 -11.20
CA TRP B 249 28.76 -32.75 -12.12
C TRP B 249 30.17 -32.23 -12.05
N LEU B 250 30.35 -30.98 -11.62
CA LEU B 250 31.70 -30.47 -11.59
C LEU B 250 32.36 -31.10 -10.38
N GLN B 251 31.59 -31.21 -9.29
CA GLN B 251 32.21 -31.64 -8.05
C GLN B 251 32.67 -33.08 -8.22
N GLU B 252 31.79 -33.89 -8.79
CA GLU B 252 32.12 -35.28 -9.03
C GLU B 252 33.35 -35.39 -9.96
N LEU B 253 33.48 -34.46 -10.89
CA LEU B 253 34.61 -34.51 -11.83
C LEU B 253 35.92 -34.09 -11.16
N THR B 254 35.83 -33.34 -10.06
CA THR B 254 37.05 -32.68 -9.56
C THR B 254 37.44 -33.14 -8.18
N ARG B 255 36.54 -33.86 -7.55
CA ARG B 255 36.75 -34.41 -6.26
C ARG B 255 37.92 -35.38 -6.30
N VAL B 256 38.91 -35.05 -5.55
CA VAL B 256 40.08 -35.88 -5.37
C VAL B 256 40.32 -35.91 -3.90
N SER B 257 40.73 -37.03 -3.39
CA SER B 257 40.99 -37.20 -1.98
C SER B 257 40.79 -38.60 -1.72
N ASP B 258 41.87 -39.30 -1.49
CA ASP B 258 43.20 -38.99 -1.96
C ASP B 258 43.94 -37.75 -1.42
N ALA B 259 45.04 -37.92 -0.73
CA ALA B 259 45.36 -39.14 -0.02
C ALA B 259 45.65 -38.62 1.39
N ASP B 260 46.16 -39.49 2.27
CA ASP B 260 46.18 -39.21 3.71
C ASP B 260 44.76 -38.97 4.24
N GLY B 261 43.76 -39.20 3.39
CA GLY B 261 42.38 -38.92 3.74
C GLY B 261 41.95 -37.49 3.52
N ARG B 262 42.81 -36.67 2.93
CA ARG B 262 42.50 -35.27 2.71
C ARG B 262 41.66 -35.08 1.43
N VAL B 263 40.54 -34.36 1.54
CA VAL B 263 39.65 -34.17 0.41
C VAL B 263 39.74 -32.77 -0.21
N GLU B 264 40.02 -32.70 -1.51
CA GLU B 264 40.02 -31.42 -2.21
C GLU B 264 39.43 -31.48 -3.64
N TYR B 265 39.35 -30.31 -4.28
CA TYR B 265 38.81 -30.25 -5.62
C TYR B 265 39.81 -29.67 -6.58
N ARG B 266 40.07 -30.40 -7.66
CA ARG B 266 41.09 -29.99 -8.61
C ARG B 266 40.66 -30.25 -10.04
N PHE B 267 41.07 -29.34 -10.92
CA PHE B 267 40.70 -29.37 -12.33
C PHE B 267 42.02 -29.24 -13.08
N ALA B 268 42.46 -30.34 -13.67
CA ALA B 268 43.76 -30.38 -14.34
C ALA B 268 44.87 -30.00 -13.36
N GLY B 269 44.73 -30.40 -12.11
CA GLY B 269 45.75 -30.15 -11.10
C GLY B 269 45.53 -28.89 -10.28
N LEU B 270 44.74 -27.97 -10.83
CA LEU B 270 44.52 -26.66 -10.22
C LEU B 270 43.36 -26.71 -9.24
N PRO B 271 43.54 -26.09 -8.06
CA PRO B 271 42.39 -25.92 -7.15
C PRO B 271 41.21 -25.32 -7.90
N ILE B 272 39.99 -25.76 -7.58
CA ILE B 272 38.79 -25.21 -8.20
C ILE B 272 37.68 -25.10 -7.18
N SER B 273 36.98 -23.96 -7.22
CA SER B 273 35.84 -23.73 -6.34
C SER B 273 34.80 -22.93 -7.09
N ILE B 274 33.53 -23.07 -6.70
CA ILE B 274 32.49 -22.14 -7.12
C ILE B 274 32.36 -21.07 -6.03
N GLU B 275 32.92 -19.89 -6.29
CA GLU B 275 32.90 -18.78 -5.33
C GLU B 275 31.47 -18.24 -5.14
N PHE B 276 30.67 -18.30 -6.20
CA PHE B 276 29.29 -17.83 -6.10
C PHE B 276 28.32 -18.55 -7.06
N LEU B 277 27.19 -19.03 -6.52
CA LEU B 277 26.16 -19.64 -7.34
C LEU B 277 24.86 -18.83 -7.19
N GLY B 278 24.50 -18.08 -8.23
CA GLY B 278 23.34 -17.20 -8.17
C GLY B 278 22.17 -17.79 -8.96
N LEU B 279 21.07 -18.06 -8.28
CA LEU B 279 19.93 -18.73 -8.87
C LEU B 279 18.61 -17.96 -8.76
N PHE B 280 17.90 -17.89 -9.88
CA PHE B 280 16.59 -17.26 -9.93
C PHE B 280 15.55 -18.36 -10.20
N ASP B 281 14.73 -18.66 -9.20
CA ASP B 281 13.50 -19.46 -9.38
C ASP B 281 13.71 -20.74 -10.17
N THR B 282 14.45 -21.68 -9.58
CA THR B 282 14.85 -22.91 -10.25
C THR B 282 13.64 -23.71 -10.70
N VAL B 283 13.60 -24.09 -11.97
CA VAL B 283 12.55 -24.96 -12.47
C VAL B 283 13.22 -26.09 -13.23
N ALA B 284 13.06 -27.33 -12.77
CA ALA B 284 13.79 -28.47 -13.34
C ALA B 284 12.94 -29.36 -14.24
N ALA B 285 11.73 -28.90 -14.54
CA ALA B 285 10.71 -29.76 -15.15
C ALA B 285 10.90 -30.01 -16.64
N VAL B 286 10.44 -31.16 -17.09
CA VAL B 286 10.31 -31.42 -18.54
C VAL B 286 9.21 -30.51 -19.10
N GLY B 287 9.27 -30.19 -20.39
CA GLY B 287 8.34 -29.27 -21.06
C GLY B 287 6.83 -29.41 -20.85
N LEU B 288 6.27 -30.54 -21.24
CA LEU B 288 4.82 -30.79 -21.12
C LEU B 288 3.95 -29.69 -21.73
N PRO B 293 -3.10 -33.20 -13.60
CA PRO B 293 -3.42 -33.76 -14.92
C PRO B 293 -2.81 -33.00 -16.11
N PHE B 294 -1.53 -33.25 -16.38
CA PHE B 294 -0.68 -34.01 -15.46
C PHE B 294 0.20 -33.02 -14.69
N ALA B 295 1.07 -33.53 -13.83
CA ALA B 295 2.06 -32.67 -13.19
C ALA B 295 3.45 -33.02 -13.69
N ALA B 296 4.08 -32.09 -14.40
CA ALA B 296 5.43 -32.29 -14.91
C ALA B 296 6.44 -32.54 -13.79
N GLY B 297 7.31 -33.53 -13.96
CA GLY B 297 8.38 -33.77 -13.01
C GLY B 297 9.71 -33.45 -13.64
N HIS B 298 10.80 -33.86 -12.99
CA HIS B 298 12.17 -33.51 -13.43
C HIS B 298 12.55 -34.09 -14.78
N MSE B 299 13.26 -33.28 -15.56
CA MSE B 299 14.08 -33.81 -16.64
C MSE B 299 15.01 -34.87 -16.01
O MSE B 299 15.39 -34.76 -14.84
CB MSE B 299 14.90 -32.69 -17.28
CG MSE B 299 14.05 -31.76 -18.12
SE MSE B 299 14.94 -30.11 -18.69
CE MSE B 299 13.53 -29.43 -19.82
N ASP B 300 15.36 -35.88 -16.79
CA ASP B 300 16.18 -36.98 -16.26
C ASP B 300 17.50 -36.53 -15.60
N TRP B 301 18.21 -35.59 -16.21
CA TRP B 301 19.50 -35.18 -15.66
C TRP B 301 19.39 -34.48 -14.30
N ALA B 302 18.18 -34.00 -14.00
CA ALA B 302 17.94 -33.19 -12.81
C ALA B 302 17.61 -34.01 -11.57
N ASP B 303 17.25 -35.28 -11.78
CA ASP B 303 16.98 -36.18 -10.66
C ASP B 303 18.21 -36.30 -9.80
N ASP B 304 18.04 -36.07 -8.51
CA ASP B 304 19.12 -36.17 -7.53
C ASP B 304 20.30 -35.25 -7.80
N THR B 305 20.11 -34.24 -8.64
CA THR B 305 21.17 -33.26 -8.92
C THR B 305 20.74 -31.81 -8.64
N MSE B 306 19.55 -31.61 -8.09
CA MSE B 306 19.16 -30.26 -7.72
C MSE B 306 19.72 -29.90 -6.37
O MSE B 306 19.97 -28.72 -6.07
CB MSE B 306 17.64 -30.13 -7.73
CG MSE B 306 17.04 -30.28 -9.11
SE MSE B 306 17.66 -28.84 -10.25
CE MSE B 306 19.07 -29.83 -11.16
N ARG B 307 19.90 -30.91 -5.53
CA ARG B 307 20.48 -30.76 -4.21
C ARG B 307 21.82 -30.06 -4.35
N LEU B 308 22.05 -29.02 -3.56
CA LEU B 308 23.31 -28.28 -3.71
C LEU B 308 24.46 -29.17 -3.24
N PRO B 309 25.67 -28.95 -3.78
CA PRO B 309 26.82 -29.80 -3.39
C PRO B 309 27.06 -29.81 -1.88
N ASP B 310 27.26 -31.00 -1.33
CA ASP B 310 27.59 -31.10 0.08
C ASP B 310 29.11 -31.12 0.24
N GLU B 311 29.58 -30.39 1.23
CA GLU B 311 31.00 -30.36 1.54
C GLU B 311 31.32 -31.59 2.38
N ALA B 312 32.53 -32.11 2.26
CA ALA B 312 32.89 -33.33 2.97
C ALA B 312 33.35 -33.07 4.41
N LEU B 313 33.86 -34.11 5.03
CA LEU B 313 34.53 -34.02 6.32
C LEU B 313 35.75 -34.91 6.22
N SER B 314 36.94 -34.33 6.39
CA SER B 314 38.17 -35.06 6.19
C SER B 314 39.35 -34.33 6.84
N GLN B 315 40.56 -34.70 6.43
CA GLN B 315 41.75 -33.95 6.84
C GLN B 315 41.58 -32.52 6.32
N CYS B 316 41.51 -31.55 7.23
CA CYS B 316 41.02 -30.21 6.86
C CYS B 316 41.10 -29.09 7.92
N LEU B 317 40.74 -27.89 7.46
CA LEU B 317 40.40 -26.73 8.31
C LEU B 317 41.58 -26.05 9.00
N GLU B 323 40.02 -20.46 3.79
CA GLU B 323 39.69 -21.90 3.78
C GLU B 323 39.64 -22.45 2.37
N ASP B 324 40.03 -23.72 2.23
CA ASP B 324 40.32 -24.30 0.93
C ASP B 324 39.81 -25.73 0.84
N CYS B 325 38.96 -26.11 1.79
CA CYS B 325 38.42 -27.47 1.83
C CYS B 325 37.05 -27.56 1.15
N SER B 326 36.43 -26.42 0.86
CA SER B 326 35.05 -26.39 0.36
C SER B 326 34.95 -26.21 -1.16
N PHE B 327 33.99 -26.89 -1.77
CA PHE B 327 33.70 -26.77 -3.21
C PHE B 327 32.80 -25.57 -3.54
N LEU B 328 31.76 -25.36 -2.73
CA LEU B 328 30.83 -24.26 -2.95
C LEU B 328 30.88 -23.24 -1.81
N LYS B 329 31.23 -22.00 -2.13
CA LYS B 329 31.46 -20.95 -1.11
C LYS B 329 30.21 -20.14 -0.75
N ARG B 330 29.25 -20.04 -1.66
CA ARG B 330 28.13 -19.12 -1.47
C ARG B 330 27.06 -19.39 -2.52
N CYS B 331 25.82 -19.62 -2.06
CA CYS B 331 24.69 -19.74 -2.98
C CYS B 331 23.54 -18.85 -2.56
N VAL B 332 23.01 -18.08 -3.51
CA VAL B 332 21.85 -17.24 -3.27
C VAL B 332 20.74 -17.65 -4.24
N HIS B 333 19.57 -18.01 -3.71
CA HIS B 333 18.43 -18.41 -4.56
C HIS B 333 17.25 -17.48 -4.30
N LEU B 334 16.85 -16.74 -5.31
CA LEU B 334 15.72 -15.83 -5.23
C LEU B 334 14.58 -16.52 -5.93
N VAL B 335 13.44 -16.68 -5.23
CA VAL B 335 12.32 -17.44 -5.77
C VAL B 335 11.03 -16.62 -5.86
N SER B 336 10.17 -17.01 -6.79
CA SER B 336 8.89 -16.34 -7.03
C SER B 336 7.82 -16.85 -6.05
N CYS B 337 7.07 -15.95 -5.44
CA CYS B 337 5.96 -16.33 -4.56
C CYS B 337 4.63 -16.59 -5.27
N HIS B 338 4.45 -15.96 -6.42
CA HIS B 338 3.12 -15.93 -7.05
C HIS B 338 3.01 -16.82 -8.28
N GLU B 339 4.11 -17.45 -8.69
CA GLU B 339 4.05 -18.40 -9.81
C GLU B 339 3.20 -19.62 -9.42
N GLN B 340 2.37 -20.12 -10.35
CA GLN B 340 1.45 -21.22 -10.07
C GLN B 340 1.33 -22.26 -11.21
N ARG B 341 2.03 -22.05 -12.32
CA ARG B 341 1.81 -22.91 -13.48
C ARG B 341 2.27 -24.33 -13.22
N ALA B 342 1.44 -25.31 -13.59
CA ALA B 342 1.82 -26.71 -13.45
C ALA B 342 3.12 -27.00 -14.20
N SER B 343 3.40 -26.22 -15.23
CA SER B 343 4.61 -26.38 -16.04
C SER B 343 5.84 -25.79 -15.39
N PHE B 344 5.67 -25.04 -14.30
CA PHE B 344 6.80 -24.36 -13.68
C PHE B 344 6.95 -24.65 -12.18
N PRO B 345 7.14 -25.94 -11.82
CA PRO B 345 7.35 -26.26 -10.40
C PRO B 345 8.70 -25.73 -9.93
N LEU B 346 8.74 -25.31 -8.65
CA LEU B 346 9.95 -24.80 -8.06
C LEU B 346 10.80 -25.92 -7.48
N ASP B 347 12.11 -25.81 -7.66
CA ASP B 347 13.02 -26.57 -6.82
C ASP B 347 13.69 -25.63 -5.84
N SER B 348 13.27 -25.72 -4.59
CA SER B 348 13.93 -25.00 -3.50
C SER B 348 15.33 -25.55 -3.27
N ILE B 349 16.21 -24.77 -2.65
CA ILE B 349 17.55 -25.29 -2.33
C ILE B 349 17.57 -25.84 -0.91
N ARG B 350 16.39 -25.98 -0.30
CA ARG B 350 16.25 -26.64 1.00
C ARG B 350 16.41 -28.14 0.79
N ARG B 351 16.97 -28.81 1.80
CA ARG B 351 17.18 -30.25 1.73
C ARG B 351 17.57 -30.78 3.12
N ARG B 352 17.41 -32.08 3.32
CA ARG B 352 17.83 -32.71 4.57
C ARG B 352 19.34 -33.01 4.55
N ASP B 353 20.00 -32.85 5.69
CA ASP B 353 21.38 -33.31 5.84
C ASP B 353 21.51 -34.78 5.44
N MSE B 354 22.72 -35.17 5.05
CA MSE B 354 23.00 -36.56 4.69
C MSE B 354 24.08 -37.17 5.58
O MSE B 354 24.93 -37.95 5.11
CB MSE B 354 23.43 -36.65 3.23
CG MSE B 354 22.45 -37.46 2.39
SE MSE B 354 22.73 -37.33 0.48
CE MSE B 354 21.06 -38.20 0.00
N ARG B 359 22.63 -41.49 3.87
CA ARG B 359 21.22 -41.49 4.27
C ARG B 359 20.75 -40.15 4.83
N ARG B 360 19.45 -39.92 4.77
CA ARG B 360 18.90 -38.64 5.20
C ARG B 360 18.56 -38.61 6.68
N THR B 361 18.89 -37.49 7.30
CA THR B 361 18.62 -37.32 8.72
C THR B 361 18.27 -35.87 9.02
N GLY B 362 17.42 -35.68 10.02
CA GLY B 362 17.05 -34.35 10.47
C GLY B 362 16.02 -33.65 9.59
N PRO B 363 15.72 -32.40 9.90
CA PRO B 363 14.66 -31.68 9.19
C PRO B 363 15.16 -31.15 7.86
N SER B 364 14.24 -30.75 6.98
CA SER B 364 14.68 -30.08 5.76
C SER B 364 15.18 -28.71 6.16
N CYS B 365 16.41 -28.39 5.76
CA CYS B 365 17.03 -27.10 6.10
C CYS B 365 17.96 -26.61 4.99
N TYR B 366 18.71 -25.56 5.27
CA TYR B 366 19.62 -24.99 4.27
C TYR B 366 21.06 -25.25 4.71
N ARG B 367 21.90 -25.73 3.79
CA ARG B 367 23.33 -25.90 4.09
C ARG B 367 24.04 -24.56 4.27
N LYS B 368 25.14 -24.58 5.03
CA LYS B 368 25.89 -23.36 5.34
C LYS B 368 26.21 -22.54 4.10
N TRP B 369 26.18 -21.22 4.25
CA TRP B 369 26.55 -20.27 3.20
C TRP B 369 25.58 -20.26 2.03
N THR B 370 24.36 -20.76 2.23
CA THR B 370 23.36 -20.71 1.17
C THR B 370 22.08 -20.10 1.70
N VAL B 371 21.45 -19.22 0.91
CA VAL B 371 20.30 -18.46 1.42
C VAL B 371 19.22 -18.44 0.33
N GLU B 372 17.95 -18.39 0.74
CA GLU B 372 16.82 -18.44 -0.20
C GLU B 372 15.86 -17.32 0.17
N TYR B 373 15.62 -16.42 -0.77
CA TYR B 373 14.80 -15.23 -0.52
C TYR B 373 13.51 -15.31 -1.31
N ALA B 374 12.39 -15.03 -0.65
CA ALA B 374 11.10 -15.01 -1.34
C ALA B 374 10.86 -13.63 -1.93
N TYR B 375 10.46 -13.58 -3.19
CA TYR B 375 10.20 -12.35 -3.95
C TYR B 375 8.79 -12.34 -4.59
N PRO B 376 8.22 -11.15 -4.80
CA PRO B 376 6.87 -11.07 -5.36
C PRO B 376 6.92 -11.22 -6.87
N GLY B 377 5.77 -11.56 -7.45
CA GLY B 377 5.66 -11.69 -8.89
C GLY B 377 5.74 -13.12 -9.35
N VAL B 378 5.54 -13.32 -10.63
CA VAL B 378 5.60 -14.64 -11.20
C VAL B 378 7.03 -14.92 -11.69
N HIS B 379 7.19 -16.01 -12.43
CA HIS B 379 8.49 -16.60 -12.74
C HIS B 379 9.51 -15.56 -13.28
N SER B 380 9.11 -14.85 -14.34
CA SER B 380 9.97 -13.86 -14.97
C SER B 380 9.97 -12.49 -14.29
N ASP B 381 9.08 -12.31 -13.32
CA ASP B 381 9.15 -11.17 -12.41
C ASP B 381 10.33 -11.31 -11.46
N VAL B 382 10.89 -12.52 -11.39
CA VAL B 382 12.06 -12.76 -10.55
C VAL B 382 13.30 -12.96 -11.42
N GLY B 383 13.17 -13.79 -12.46
CA GLY B 383 14.30 -13.99 -13.36
C GLY B 383 14.55 -12.93 -14.41
N GLY B 384 13.57 -12.09 -14.67
CA GLY B 384 13.68 -11.11 -15.73
C GLY B 384 13.18 -11.73 -17.02
N GLY B 385 12.96 -10.90 -18.03
CA GLY B 385 12.60 -11.40 -19.34
C GLY B 385 11.31 -10.83 -19.88
N TYR B 386 10.56 -10.07 -19.07
CA TYR B 386 9.38 -9.39 -19.58
C TYR B 386 9.81 -8.08 -20.22
N GLY B 387 9.23 -7.75 -21.37
CA GLY B 387 9.49 -6.48 -22.03
C GLY B 387 8.62 -5.34 -21.52
N VAL B 388 9.09 -4.12 -21.75
CA VAL B 388 8.39 -2.93 -21.27
C VAL B 388 6.94 -2.95 -21.74
N GLY B 389 6.01 -2.67 -20.85
CA GLY B 389 4.62 -2.62 -21.24
C GLY B 389 3.88 -3.94 -21.41
N ASN B 390 4.58 -5.07 -21.33
CA ASN B 390 3.92 -6.37 -21.49
C ASN B 390 2.84 -6.54 -20.42
N GLN B 391 1.64 -6.93 -20.86
CA GLN B 391 0.49 -7.10 -19.96
C GLN B 391 0.16 -5.80 -19.22
N GLY B 392 0.61 -4.68 -19.77
CA GLY B 392 0.39 -3.38 -19.14
C GLY B 392 1.24 -3.16 -17.91
N LYS B 393 2.30 -3.96 -17.77
CA LYS B 393 3.21 -3.78 -16.64
C LYS B 393 4.43 -3.01 -17.12
N ALA B 394 5.01 -2.19 -16.25
CA ALA B 394 6.18 -1.39 -16.55
C ALA B 394 6.08 -0.59 -17.85
N VAL B 395 4.94 0.07 -18.06
CA VAL B 395 4.72 0.87 -19.27
C VAL B 395 5.77 1.99 -19.42
N GLY B 396 6.13 2.62 -18.31
CA GLY B 396 7.06 3.75 -18.33
C GLY B 396 8.49 3.41 -18.70
N GLY B 397 8.85 2.13 -18.64
CA GLY B 397 10.18 1.69 -19.02
C GLY B 397 10.81 0.61 -18.15
N SER B 398 12.03 0.25 -18.51
CA SER B 398 12.68 -0.89 -17.89
C SER B 398 12.92 -0.64 -16.41
N GLU B 399 13.00 0.63 -16.02
CA GLU B 399 13.24 0.98 -14.61
C GLU B 399 11.99 0.76 -13.76
N PHE B 400 10.88 0.36 -14.39
CA PHE B 400 9.65 0.05 -13.66
C PHE B 400 9.35 -1.45 -13.61
N LEU B 401 10.27 -2.24 -14.15
CA LEU B 401 10.09 -3.69 -14.20
C LEU B 401 10.43 -4.29 -12.85
N LEU B 402 9.54 -5.14 -12.34
CA LEU B 402 9.69 -5.68 -11.01
C LEU B 402 11.01 -6.44 -10.84
N SER B 403 11.36 -7.19 -11.89
CA SER B 403 12.55 -8.03 -11.90
C SER B 403 13.86 -7.25 -11.70
N GLN B 404 13.80 -5.94 -11.85
CA GLN B 404 14.99 -5.12 -11.60
C GLN B 404 15.43 -5.23 -10.14
N ILE B 405 14.48 -5.34 -9.21
CA ILE B 405 14.90 -5.38 -7.81
C ILE B 405 15.78 -6.61 -7.54
N ALA B 406 15.22 -7.79 -7.82
CA ALA B 406 15.99 -9.02 -7.71
C ALA B 406 17.31 -8.88 -8.46
N LEU B 407 17.30 -8.18 -9.59
CA LEU B 407 18.54 -8.08 -10.38
C LEU B 407 19.61 -7.42 -9.51
N GLN B 408 19.24 -6.28 -8.95
CA GLN B 408 20.20 -5.55 -8.15
C GLN B 408 20.64 -6.43 -6.98
N HIS B 409 19.67 -7.14 -6.40
CA HIS B 409 20.00 -7.87 -5.21
C HIS B 409 21.08 -8.89 -5.60
N MSE B 410 20.87 -9.54 -6.75
CA MSE B 410 21.75 -10.63 -7.10
C MSE B 410 23.12 -10.01 -7.32
O MSE B 410 24.14 -10.52 -6.81
CB MSE B 410 21.29 -11.36 -8.37
CG MSE B 410 22.13 -12.59 -8.65
SE MSE B 410 21.89 -13.96 -7.28
CE MSE B 410 20.34 -14.80 -8.10
N TYR B 411 23.11 -8.85 -7.98
CA TYR B 411 24.34 -8.15 -8.29
C TYR B 411 25.11 -7.94 -7.00
N ALA B 412 24.42 -7.42 -5.99
CA ALA B 412 25.10 -7.01 -4.79
C ALA B 412 25.70 -8.26 -4.15
N GLU B 413 24.92 -9.34 -4.16
CA GLU B 413 25.36 -10.57 -3.51
C GLU B 413 26.60 -11.07 -4.22
N ALA B 414 26.62 -10.88 -5.54
CA ALA B 414 27.69 -11.45 -6.33
C ALA B 414 28.92 -10.56 -6.12
N PHE B 415 28.67 -9.27 -5.91
CA PHE B 415 29.78 -8.34 -5.77
C PHE B 415 30.51 -8.64 -4.46
N GLU B 416 29.73 -8.85 -3.40
CA GLU B 416 30.27 -9.13 -2.07
C GLU B 416 31.07 -10.41 -2.07
N ALA B 417 30.66 -11.37 -2.89
CA ALA B 417 31.33 -12.66 -2.89
C ALA B 417 32.55 -12.64 -3.79
N GLY B 418 32.79 -11.50 -4.41
CA GLY B 418 34.02 -11.30 -5.18
C GLY B 418 33.90 -11.49 -6.69
N ALA B 419 32.68 -11.44 -7.21
CA ALA B 419 32.48 -11.57 -8.67
C ALA B 419 33.14 -10.47 -9.49
N PRO B 420 33.64 -10.82 -10.70
CA PRO B 420 34.28 -9.84 -11.57
C PRO B 420 33.24 -9.01 -12.28
N LEU B 421 32.63 -8.08 -11.55
CA LEU B 421 31.54 -7.29 -12.08
C LEU B 421 31.96 -5.85 -12.37
N GLN B 422 31.46 -5.29 -13.46
CA GLN B 422 31.66 -3.87 -13.72
C GLN B 422 30.92 -3.06 -12.65
N VAL B 423 31.28 -1.78 -12.51
CA VAL B 423 30.54 -0.85 -11.65
C VAL B 423 30.08 0.32 -12.51
N PRO B 424 29.12 1.14 -12.02
CA PRO B 424 28.80 2.37 -12.75
C PRO B 424 29.97 3.37 -12.76
N TRP B 436 37.43 -0.97 -18.58
CA TRP B 436 36.87 -2.31 -18.61
C TRP B 436 36.31 -2.74 -17.24
N ARG B 437 36.61 -1.97 -16.21
CA ARG B 437 36.03 -2.22 -14.89
C ARG B 437 34.72 -1.48 -14.69
N VAL B 438 34.42 -0.53 -15.58
CA VAL B 438 33.20 0.29 -15.46
C VAL B 438 32.16 0.04 -16.56
N MSE B 439 30.88 0.21 -16.23
CA MSE B 439 29.78 -0.01 -17.18
C MSE B 439 29.61 1.09 -18.25
O MSE B 439 29.64 2.28 -17.94
CB MSE B 439 28.45 -0.14 -16.42
CG MSE B 439 28.34 -1.27 -15.38
SE MSE B 439 26.69 -1.06 -14.32
CE MSE B 439 26.81 -2.74 -13.34
N VAL B 440 29.40 0.68 -19.49
CA VAL B 440 28.93 1.56 -20.57
C VAL B 440 27.46 1.97 -20.25
N PRO B 441 27.05 3.19 -20.66
CA PRO B 441 25.71 3.72 -20.38
C PRO B 441 24.56 2.72 -20.54
N LYS B 442 24.52 2.03 -21.67
CA LYS B 442 23.48 1.04 -21.97
C LYS B 442 23.34 -0.06 -20.89
N ILE B 443 24.48 -0.56 -20.43
CA ILE B 443 24.53 -1.61 -19.42
C ILE B 443 24.16 -1.07 -18.03
N GLU B 444 24.61 0.14 -17.71
CA GLU B 444 24.14 0.75 -16.46
C GLU B 444 22.62 0.90 -16.51
N ALA B 445 22.10 1.22 -17.68
CA ALA B 445 20.67 1.48 -17.82
C ALA B 445 19.89 0.17 -17.69
N GLU B 446 20.55 -0.94 -18.04
CA GLU B 446 19.98 -2.26 -17.80
C GLU B 446 19.73 -2.57 -16.32
N PHE B 447 20.32 -1.77 -15.42
CA PHE B 447 20.22 -2.03 -13.99
C PHE B 447 19.38 -0.97 -13.26
N SER B 448 18.74 -0.08 -14.02
CA SER B 448 17.96 1.02 -13.45
C SER B 448 16.76 0.55 -12.61
N VAL B 449 16.57 1.19 -11.45
CA VAL B 449 15.38 0.99 -10.63
C VAL B 449 14.80 2.35 -10.29
N SER B 450 13.53 2.59 -10.61
CA SER B 450 12.90 3.87 -10.31
C SER B 450 12.44 3.91 -8.86
N GLU B 451 12.24 5.10 -8.31
CA GLU B 451 11.81 5.11 -6.92
C GLU B 451 10.37 4.64 -6.76
N GLU B 452 9.54 4.79 -7.79
CA GLU B 452 8.19 4.26 -7.70
C GLU B 452 8.21 2.73 -7.52
N LEU B 453 9.03 2.09 -8.35
CA LEU B 453 9.27 0.65 -8.23
C LEU B 453 9.76 0.30 -6.82
N ALA B 454 10.79 0.99 -6.35
CA ALA B 454 11.28 0.74 -5.00
C ALA B 454 10.17 0.85 -3.95
N THR B 455 9.37 1.89 -3.99
CA THR B 455 8.33 2.08 -2.97
C THR B 455 7.30 0.95 -3.02
N ARG B 456 6.86 0.58 -4.22
CA ARG B 456 5.89 -0.51 -4.35
C ARG B 456 6.42 -1.88 -3.88
N PHE B 457 7.63 -2.18 -4.32
CA PHE B 457 8.30 -3.39 -3.87
C PHE B 457 8.37 -3.37 -2.36
N ASN B 458 8.89 -2.29 -1.80
CA ASN B 458 8.98 -2.17 -0.35
C ASN B 458 7.65 -2.28 0.43
N ALA B 459 6.54 -1.88 -0.19
CA ALA B 459 5.23 -2.12 0.44
C ALA B 459 4.95 -3.62 0.50
N TRP B 460 5.21 -4.29 -0.62
CA TRP B 460 5.10 -5.75 -0.60
C TRP B 460 6.00 -6.36 0.47
N GLN B 461 7.26 -5.97 0.49
CA GLN B 461 8.25 -6.54 1.37
C GLN B 461 7.83 -6.38 2.80
N ALA B 462 7.26 -5.20 3.09
CA ALA B 462 6.85 -4.87 4.46
C ALA B 462 5.60 -5.61 4.92
N GLN B 463 4.66 -5.91 4.01
CA GLN B 463 3.50 -6.69 4.46
C GLN B 463 3.76 -8.18 4.57
N ALA B 464 4.85 -8.65 3.98
CA ALA B 464 5.11 -10.08 3.92
C ALA B 464 5.49 -10.62 5.28
N LYS B 465 5.02 -11.81 5.59
CA LYS B 465 5.27 -12.42 6.90
C LYS B 465 6.26 -13.57 6.79
N ALA B 466 7.20 -13.56 7.73
CA ALA B 466 8.20 -14.61 7.85
C ALA B 466 7.56 -15.99 8.11
N GLY B 467 8.21 -17.02 7.59
CA GLY B 467 7.80 -18.41 7.81
C GLY B 467 8.57 -19.28 6.84
N PRO B 468 8.42 -20.61 6.94
CA PRO B 468 9.06 -21.48 5.94
C PRO B 468 8.45 -21.22 4.57
N LEU B 469 9.13 -21.65 3.52
CA LEU B 469 8.63 -21.39 2.17
C LEU B 469 7.16 -21.79 1.94
N GLU B 470 6.76 -22.93 2.49
CA GLU B 470 5.36 -23.37 2.35
C GLU B 470 4.37 -22.30 2.86
N GLU B 471 4.64 -21.77 4.05
N GLU B 471 4.62 -21.76 4.04
CA GLU B 471 3.80 -20.75 4.68
CA GLU B 471 3.69 -20.77 4.61
C GLU B 471 3.68 -19.51 3.82
C GLU B 471 3.66 -19.49 3.80
N VAL B 472 4.83 -19.05 3.32
CA VAL B 472 4.91 -17.86 2.50
C VAL B 472 4.15 -18.08 1.19
N ILE B 473 4.23 -19.27 0.65
CA ILE B 473 3.46 -19.59 -0.55
C ILE B 473 1.96 -19.58 -0.27
N ARG B 474 1.51 -20.19 0.83
CA ARG B 474 0.08 -20.18 1.18
C ARG B 474 -0.43 -18.73 1.24
N ARG B 475 0.27 -17.92 2.04
CA ARG B 475 -0.16 -16.53 2.24
C ARG B 475 -0.05 -15.63 1.00
N GLU B 476 1.04 -15.73 0.24
CA GLU B 476 1.21 -14.94 -0.98
C GLU B 476 0.24 -15.36 -2.10
N THR B 477 -0.08 -16.65 -2.14
CA THR B 477 -1.06 -17.17 -3.09
C THR B 477 -2.38 -16.52 -2.73
N ALA B 478 -2.65 -16.48 -1.43
CA ALA B 478 -3.86 -15.82 -0.92
C ALA B 478 -3.92 -14.33 -1.27
N LEU B 479 -2.81 -13.61 -1.15
CA LEU B 479 -2.78 -12.19 -1.48
C LEU B 479 -3.05 -11.94 -2.96
N ILE B 480 -2.39 -12.69 -3.83
CA ILE B 480 -2.66 -12.42 -5.23
C ILE B 480 -4.08 -12.85 -5.59
N THR B 481 -4.57 -13.90 -4.92
CA THR B 481 -5.95 -14.34 -5.12
C THR B 481 -6.90 -13.20 -4.75
N ALA B 482 -6.64 -12.57 -3.60
CA ALA B 482 -7.43 -11.42 -3.15
C ALA B 482 -7.41 -10.31 -4.18
N TRP B 483 -6.23 -10.03 -4.75
CA TRP B 483 -6.16 -9.03 -5.82
C TRP B 483 -7.00 -9.41 -7.04
N ARG B 484 -6.99 -10.70 -7.39
CA ARG B 484 -7.78 -11.19 -8.53
C ARG B 484 -9.28 -11.11 -8.30
N ILE B 485 -9.72 -11.34 -7.07
CA ILE B 485 -11.17 -11.29 -6.79
C ILE B 485 -11.73 -9.91 -7.23
N ASP B 486 -10.93 -8.86 -7.05
CA ASP B 486 -11.37 -7.57 -7.55
C ASP B 486 -11.04 -7.36 -9.02
N ARG B 487 -9.78 -7.53 -9.42
CA ARG B 487 -9.42 -7.13 -10.78
C ARG B 487 -9.88 -8.08 -11.88
N TYR B 488 -10.07 -9.36 -11.56
CA TYR B 488 -10.54 -10.31 -12.56
C TYR B 488 -11.98 -10.70 -12.28
N ALA B 489 -12.28 -11.07 -11.05
CA ALA B 489 -13.64 -11.52 -10.75
C ALA B 489 -14.63 -10.36 -10.79
N GLY B 490 -14.11 -9.14 -10.59
CA GLY B 490 -14.94 -7.94 -10.60
C GLY B 490 -15.08 -7.33 -11.98
N GLY B 491 -14.55 -8.03 -12.99
CA GLY B 491 -14.62 -7.56 -14.38
C GLY B 491 -13.39 -6.79 -14.81
N LEU B 492 -12.45 -7.47 -15.45
CA LEU B 492 -11.19 -6.85 -15.86
C LEU B 492 -11.28 -5.71 -16.89
N ARG B 493 -12.25 -5.78 -17.80
CA ARG B 493 -12.31 -4.87 -18.94
C ARG B 493 -12.15 -3.41 -18.57
N ASN B 494 -12.79 -3.03 -17.48
CA ASN B 494 -12.86 -1.63 -17.08
C ASN B 494 -11.95 -1.26 -15.95
N LYS B 495 -11.00 -2.14 -15.62
CA LYS B 495 -10.05 -1.81 -14.57
C LYS B 495 -9.01 -0.84 -15.13
N ALA B 496 -8.47 0.01 -14.27
CA ALA B 496 -7.55 1.06 -14.69
C ALA B 496 -6.35 0.53 -15.45
N PHE B 497 -5.69 -0.47 -14.87
CA PHE B 497 -4.42 -0.91 -15.45
C PHE B 497 -4.63 -1.58 -16.80
N PHE B 498 -5.79 -2.23 -16.98
CA PHE B 498 -6.04 -2.96 -18.22
C PHE B 498 -6.06 -2.01 -19.40
N ALA B 499 -6.41 -0.75 -19.14
CA ALA B 499 -6.48 0.24 -20.21
C ALA B 499 -5.09 0.48 -20.80
N ASN B 500 -4.04 0.18 -20.04
CA ASN B 500 -2.69 0.42 -20.55
C ASN B 500 -1.95 -0.82 -21.04
N VAL B 501 -2.69 -1.92 -21.18
CA VAL B 501 -2.18 -3.07 -21.88
C VAL B 501 -2.17 -2.71 -23.36
N PRO B 502 -1.03 -2.87 -24.03
CA PRO B 502 -0.89 -2.59 -25.47
C PRO B 502 -1.96 -3.31 -26.28
N PRO B 503 -2.41 -2.72 -27.39
CA PRO B 503 -3.45 -3.41 -28.16
C PRO B 503 -2.89 -4.63 -28.85
N ASP B 504 -3.69 -5.68 -29.01
CA ASP B 504 -3.20 -6.91 -29.61
C ASP B 504 -2.89 -6.72 -31.08
N MSE B 505 -1.92 -7.48 -31.56
CA MSE B 505 -1.60 -7.50 -32.99
C MSE B 505 -2.80 -8.02 -33.78
O MSE B 505 -3.41 -9.02 -33.41
CB MSE B 505 -0.38 -8.37 -33.25
CG MSE B 505 -0.09 -8.65 -34.71
SE MSE B 505 1.60 -9.59 -34.91
CE MSE B 505 2.78 -8.09 -34.59
N PRO B 506 -3.16 -7.31 -34.86
CA PRO B 506 -4.23 -7.74 -35.78
C PRO B 506 -3.96 -9.13 -36.34
N GLU B 507 -5.02 -9.89 -36.65
CA GLU B 507 -4.93 -11.24 -37.21
C GLU B 507 -4.00 -11.33 -38.43
N ALA B 508 -4.12 -10.34 -39.31
CA ALA B 508 -3.35 -10.31 -40.54
C ALA B 508 -1.86 -10.43 -40.23
N GLN B 509 -1.34 -9.44 -39.51
CA GLN B 509 0.08 -9.35 -39.22
C GLN B 509 0.56 -10.57 -38.42
N GLN B 510 -0.34 -11.12 -37.61
CA GLN B 510 -0.07 -12.31 -36.83
C GLN B 510 0.25 -13.49 -37.75
N LYS B 511 -0.70 -13.79 -38.64
CA LYS B 511 -0.53 -14.89 -39.60
C LYS B 511 0.70 -14.67 -40.46
N ALA B 512 0.84 -13.46 -40.97
CA ALA B 512 2.00 -13.11 -41.81
C ALA B 512 3.35 -13.35 -41.11
N TRP B 513 3.53 -12.72 -39.95
CA TRP B 513 4.74 -12.90 -39.15
C TRP B 513 5.01 -14.38 -38.91
N GLU B 514 3.98 -15.12 -38.49
CA GLU B 514 4.19 -16.57 -38.26
C GLU B 514 4.63 -17.35 -39.51
N ALA B 515 3.96 -17.15 -40.64
CA ALA B 515 4.36 -17.88 -41.84
C ALA B 515 5.78 -17.54 -42.31
N LEU B 516 6.10 -16.24 -42.30
CA LEU B 516 7.46 -15.78 -42.62
C LEU B 516 8.47 -16.46 -41.69
N HIS B 517 8.13 -16.47 -40.40
CA HIS B 517 8.97 -17.07 -39.37
C HIS B 517 9.22 -18.55 -39.66
N LYS B 518 8.15 -19.28 -39.98
CA LYS B 518 8.24 -20.71 -40.26
C LYS B 518 9.20 -20.97 -41.43
N ARG B 519 9.04 -20.20 -42.51
CA ARG B 519 9.88 -20.39 -43.68
C ARG B 519 11.36 -20.08 -43.36
N ARG B 520 11.57 -18.96 -42.69
CA ARG B 520 12.92 -18.53 -42.36
C ARG B 520 13.61 -19.56 -41.46
N SER B 521 12.85 -20.10 -40.51
CA SER B 521 13.34 -21.06 -39.55
C SER B 521 13.75 -22.34 -40.25
N ARG B 522 12.91 -22.80 -41.19
CA ARG B 522 13.30 -23.98 -41.98
C ARG B 522 14.53 -23.76 -42.86
N GLU B 523 14.65 -22.57 -43.45
CA GLU B 523 15.85 -22.28 -44.23
C GLU B 523 17.08 -22.37 -43.35
N TYR B 524 17.03 -21.67 -42.22
CA TYR B 524 18.15 -21.67 -41.28
C TYR B 524 18.51 -23.07 -40.82
N ALA B 525 17.50 -23.86 -40.51
CA ALA B 525 17.71 -25.21 -39.98
C ALA B 525 18.35 -26.12 -41.02
N ALA B 526 17.77 -26.15 -42.23
CA ALA B 526 18.31 -26.96 -43.31
C ALA B 526 19.75 -26.56 -43.64
N ALA B 527 20.00 -25.25 -43.74
CA ALA B 527 21.34 -24.79 -44.08
C ALA B 527 22.37 -25.17 -43.02
N GLN B 528 22.07 -24.87 -41.75
CA GLN B 528 23.00 -25.22 -40.69
C GLN B 528 23.36 -26.71 -40.69
N GLN B 529 22.33 -27.55 -40.75
CA GLN B 529 22.53 -28.98 -40.96
C GLN B 529 23.10 -29.20 -42.36
N PRO B 534 15.03 -26.76 -50.64
CA PRO B 534 14.01 -26.81 -51.70
C PRO B 534 13.22 -25.50 -51.76
N PRO B 535 13.40 -24.73 -52.85
CA PRO B 535 12.71 -23.46 -53.09
C PRO B 535 11.20 -23.51 -52.81
N MSE B 536 10.62 -22.36 -52.50
CA MSE B 536 9.18 -22.22 -52.32
C MSE B 536 8.43 -22.46 -53.62
O MSE B 536 8.88 -22.06 -54.70
CB MSE B 536 8.83 -20.82 -51.78
CG MSE B 536 9.34 -20.53 -50.39
SE MSE B 536 8.68 -18.82 -49.74
CE MSE B 536 9.97 -17.67 -50.65
N SER B 537 7.26 -23.10 -53.53
CA SER B 537 6.38 -23.21 -54.67
C SER B 537 5.91 -21.83 -55.09
N ALA B 538 5.37 -21.72 -56.31
CA ALA B 538 4.72 -20.50 -56.78
C ALA B 538 3.75 -19.94 -55.73
N ALA B 539 2.82 -20.77 -55.27
CA ALA B 539 1.87 -20.34 -54.24
C ALA B 539 2.57 -19.86 -52.96
N GLU B 540 3.54 -20.64 -52.49
CA GLU B 540 4.28 -20.30 -51.27
C GLU B 540 4.99 -18.96 -51.41
N GLN B 541 5.57 -18.72 -52.59
CA GLN B 541 6.24 -17.44 -52.88
C GLN B 541 5.24 -16.27 -52.87
N ALA B 542 4.10 -16.47 -53.52
CA ALA B 542 3.07 -15.44 -53.51
C ALA B 542 2.71 -15.09 -52.07
N GLU B 543 2.42 -16.11 -51.27
CA GLU B 543 2.09 -15.90 -49.87
C GLU B 543 3.21 -15.19 -49.10
N TRP B 544 4.46 -15.53 -49.41
CA TRP B 544 5.60 -14.87 -48.77
C TRP B 544 5.60 -13.38 -49.09
N ASP B 545 5.36 -13.04 -50.35
CA ASP B 545 5.38 -11.62 -50.74
C ASP B 545 4.21 -10.83 -50.14
N ARG B 546 3.03 -11.44 -50.14
CA ARG B 546 1.90 -10.86 -49.41
C ARG B 546 2.26 -10.61 -47.94
N ASN B 547 2.97 -11.55 -47.33
CA ASN B 547 3.33 -11.45 -45.91
C ASN B 547 4.35 -10.35 -45.61
N VAL B 548 5.38 -10.27 -46.44
CA VAL B 548 6.35 -9.19 -46.36
C VAL B 548 5.62 -7.86 -46.47
N ALA B 549 4.68 -7.79 -47.42
CA ALA B 549 3.87 -6.58 -47.59
C ALA B 549 3.11 -6.24 -46.30
N LEU B 550 2.44 -7.24 -45.74
CA LEU B 550 1.67 -7.08 -44.50
C LEU B 550 2.52 -6.55 -43.35
N ILE B 551 3.72 -7.07 -43.17
CA ILE B 551 4.56 -6.63 -42.06
C ILE B 551 5.23 -5.28 -42.31
N GLY B 552 5.13 -4.77 -43.52
CA GLY B 552 5.63 -3.43 -43.80
C GLY B 552 6.84 -3.33 -44.70
N GLY B 553 7.25 -4.45 -45.29
CA GLY B 553 8.35 -4.42 -46.24
C GLY B 553 9.59 -5.21 -45.85
N GLU B 554 10.55 -5.26 -46.78
CA GLU B 554 11.75 -6.09 -46.64
C GLU B 554 12.62 -5.72 -45.42
N ASP B 555 12.74 -4.43 -45.12
CA ASP B 555 13.49 -4.00 -43.95
C ASP B 555 12.98 -4.71 -42.68
N GLN B 556 11.67 -4.70 -42.51
CA GLN B 556 11.03 -5.25 -41.31
C GLN B 556 11.38 -6.71 -41.05
N LEU B 557 11.79 -7.43 -42.09
CA LEU B 557 12.21 -8.82 -41.94
C LEU B 557 13.32 -9.00 -40.91
N ARG B 558 14.12 -7.95 -40.69
CA ARG B 558 15.21 -8.04 -39.70
C ARG B 558 14.69 -8.20 -38.27
N ASP B 559 13.40 -7.96 -38.06
CA ASP B 559 12.81 -8.19 -36.75
C ASP B 559 12.42 -9.66 -36.55
N LEU B 560 12.67 -10.48 -37.57
CA LEU B 560 12.46 -11.92 -37.46
C LEU B 560 13.63 -12.55 -36.72
N ARG B 561 13.37 -13.06 -35.53
CA ARG B 561 14.40 -13.82 -34.82
C ARG B 561 14.12 -15.31 -34.96
N VAL B 562 14.98 -16.02 -35.69
CA VAL B 562 14.80 -17.46 -35.85
C VAL B 562 15.19 -18.24 -34.59
N GLU B 563 15.76 -17.55 -33.59
CA GLU B 563 16.23 -18.22 -32.38
C GLU B 563 15.09 -18.66 -31.46
N LYS B 564 13.92 -18.02 -31.60
CA LYS B 564 12.79 -18.29 -30.71
C LYS B 564 11.52 -18.51 -31.52
N GLN B 565 10.50 -19.12 -30.92
CA GLN B 565 9.22 -19.22 -31.59
C GLN B 565 8.60 -17.84 -31.65
N PHE B 566 7.91 -17.51 -32.74
CA PHE B 566 7.24 -16.22 -32.81
C PHE B 566 6.13 -16.18 -31.78
N ASP B 567 6.06 -15.05 -31.07
CA ASP B 567 5.18 -14.93 -29.93
C ASP B 567 4.38 -13.62 -30.08
N PRO B 568 3.23 -13.69 -30.76
CA PRO B 568 2.43 -12.48 -31.04
C PRO B 568 1.92 -11.78 -29.80
N PRO B 569 1.85 -10.44 -29.83
CA PRO B 569 1.25 -9.67 -28.73
C PRO B 569 -0.26 -9.92 -28.67
N LEU B 570 -0.70 -10.78 -27.75
CA LEU B 570 -2.12 -11.00 -27.52
C LEU B 570 -2.48 -10.79 -26.06
N ASP B 571 -1.82 -9.84 -25.41
CA ASP B 571 -2.03 -9.62 -23.99
C ASP B 571 -3.47 -9.28 -23.58
N GLN B 572 -4.18 -8.51 -24.39
CA GLN B 572 -5.58 -8.22 -24.09
C GLN B 572 -6.45 -9.48 -24.10
N ARG B 573 -6.41 -10.22 -25.20
CA ARG B 573 -7.23 -11.43 -25.32
C ARG B 573 -6.86 -12.43 -24.23
N GLN B 574 -5.57 -12.56 -23.97
CA GLN B 574 -5.11 -13.54 -23.00
C GLN B 574 -5.44 -13.15 -21.57
N LEU B 575 -5.25 -11.88 -21.23
CA LEU B 575 -5.63 -11.42 -19.89
C LEU B 575 -7.15 -11.52 -19.68
N LEU B 576 -7.95 -11.09 -20.65
CA LEU B 576 -9.41 -11.22 -20.51
C LEU B 576 -9.84 -12.68 -20.41
N GLY B 577 -9.21 -13.54 -21.20
CA GLY B 577 -9.46 -14.98 -21.11
C GLY B 577 -9.18 -15.51 -19.71
N ALA B 578 -7.97 -15.22 -19.22
CA ALA B 578 -7.54 -15.67 -17.91
C ALA B 578 -8.47 -15.15 -16.81
N ALA B 579 -8.87 -13.90 -16.92
CA ALA B 579 -9.80 -13.30 -15.96
C ALA B 579 -11.14 -14.02 -16.00
N ALA B 580 -11.58 -14.43 -17.18
CA ALA B 580 -12.86 -15.14 -17.25
C ALA B 580 -12.71 -16.48 -16.55
N GLU B 581 -11.55 -17.11 -16.75
CA GLU B 581 -11.27 -18.38 -16.11
C GLU B 581 -11.27 -18.26 -14.59
N PHE B 582 -10.48 -17.32 -14.07
CA PHE B 582 -10.45 -17.07 -12.65
C PHE B 582 -11.84 -16.80 -12.12
N ALA B 583 -12.63 -16.02 -12.86
CA ALA B 583 -13.98 -15.68 -12.39
C ALA B 583 -14.83 -16.94 -12.24
N HIS B 584 -14.83 -17.78 -13.28
CA HIS B 584 -15.52 -19.06 -13.23
C HIS B 584 -15.09 -19.90 -12.02
N ASP B 585 -13.78 -20.10 -11.86
CA ASP B 585 -13.25 -20.92 -10.77
C ASP B 585 -13.67 -20.39 -9.41
N TYR B 586 -13.61 -19.08 -9.25
CA TYR B 586 -13.91 -18.51 -7.94
C TYR B 586 -15.42 -18.56 -7.68
N LYS B 587 -16.20 -18.43 -8.74
CA LYS B 587 -17.67 -18.49 -8.64
C LYS B 587 -18.12 -19.88 -8.21
N GLY B 588 -17.56 -20.90 -8.85
CA GLY B 588 -17.87 -22.28 -8.52
C GLY B 588 -19.26 -22.71 -8.96
N ASP B 589 -19.79 -22.05 -9.99
CA ASP B 589 -21.06 -22.44 -10.61
C ASP B 589 -20.77 -23.56 -11.61
N TRP B 590 -20.41 -24.74 -11.11
CA TRP B 590 -19.77 -25.76 -11.94
C TRP B 590 -20.63 -26.31 -13.07
N GLY B 591 -21.93 -26.43 -12.82
CA GLY B 591 -22.83 -27.12 -13.74
C GLY B 591 -23.09 -28.53 -13.23
N VAL B 592 -23.31 -29.47 -14.14
CA VAL B 592 -23.51 -30.86 -13.72
C VAL B 592 -22.18 -31.49 -13.36
N LEU B 593 -22.19 -32.32 -12.33
CA LEU B 593 -20.98 -33.02 -11.92
C LEU B 593 -21.27 -34.48 -11.62
N ASP B 594 -20.27 -35.31 -11.86
CA ASP B 594 -20.29 -36.70 -11.46
C ASP B 594 -19.26 -36.80 -10.34
N ASP B 595 -19.32 -37.85 -9.54
CA ASP B 595 -18.31 -38.04 -8.50
C ASP B 595 -16.92 -38.19 -9.12
N GLY B 596 -16.90 -38.76 -10.33
CA GLY B 596 -15.65 -38.98 -11.01
C GLY B 596 -15.44 -38.11 -12.22
N MSE B 597 -14.21 -38.11 -12.72
CA MSE B 597 -13.90 -37.40 -13.94
C MSE B 597 -12.89 -38.23 -14.68
O MSE B 597 -12.13 -38.99 -14.07
CB MSE B 597 -13.35 -36.01 -13.64
CG MSE B 597 -12.04 -36.03 -12.95
SE MSE B 597 -11.34 -34.26 -12.58
CE MSE B 597 -10.27 -34.88 -11.18
N THR B 598 -12.91 -38.13 -16.00
CA THR B 598 -11.97 -38.84 -16.85
C THR B 598 -11.11 -37.78 -17.56
N VAL B 599 -9.80 -37.96 -17.49
CA VAL B 599 -8.86 -37.02 -18.07
C VAL B 599 -7.99 -37.83 -19.03
N GLY B 600 -7.58 -37.24 -20.15
CA GLY B 600 -6.75 -37.96 -21.11
C GLY B 600 -5.51 -37.18 -21.47
N GLY B 601 -4.46 -37.88 -21.91
CA GLY B 601 -3.25 -37.21 -22.31
C GLY B 601 -2.31 -38.16 -23.00
N VAL B 602 -1.45 -37.64 -23.87
CA VAL B 602 -0.41 -38.47 -24.47
C VAL B 602 0.89 -38.09 -23.80
N ILE B 603 1.61 -39.10 -23.30
CA ILE B 603 2.92 -38.88 -22.69
C ILE B 603 4.02 -39.21 -23.70
N ASP B 604 4.90 -38.24 -23.95
CA ASP B 604 6.01 -38.46 -24.87
C ASP B 604 7.28 -38.78 -24.07
N LEU B 605 7.59 -40.07 -23.96
CA LEU B 605 8.72 -40.53 -23.17
C LEU B 605 10.07 -40.17 -23.74
N LEU B 606 10.08 -39.67 -24.98
CA LEU B 606 11.32 -39.25 -25.62
C LEU B 606 11.84 -37.94 -25.02
N LEU B 607 10.94 -37.18 -24.38
CA LEU B 607 11.28 -35.93 -23.72
C LEU B 607 12.23 -36.08 -22.52
N GLY B 608 12.40 -37.30 -22.04
CA GLY B 608 13.34 -37.60 -20.97
C GLY B 608 12.99 -37.04 -19.61
N GLY B 609 11.75 -37.25 -19.16
CA GLY B 609 11.37 -36.74 -17.85
C GLY B 609 10.25 -37.46 -17.14
N THR B 610 10.10 -37.11 -15.86
CA THR B 610 9.12 -37.75 -15.01
C THR B 610 7.81 -36.99 -15.15
N VAL B 611 6.69 -37.69 -14.95
CA VAL B 611 5.37 -37.07 -14.95
C VAL B 611 4.60 -37.61 -13.76
N PHE B 612 3.93 -36.71 -13.03
CA PHE B 612 3.16 -37.05 -11.84
C PHE B 612 1.67 -36.84 -12.03
N LEU B 613 0.89 -37.41 -11.12
CA LEU B 613 -0.52 -37.06 -10.93
C LEU B 613 -0.66 -36.49 -9.51
N ILE B 614 -1.53 -35.51 -9.30
CA ILE B 614 -1.76 -35.02 -7.95
C ILE B 614 -3.02 -35.68 -7.36
N ASN B 615 -3.18 -35.56 -6.05
CA ASN B 615 -4.24 -36.26 -5.32
C ASN B 615 -5.54 -35.44 -5.25
N GLU B 616 -6.68 -36.10 -5.47
CA GLU B 616 -7.96 -35.39 -5.60
C GLU B 616 -8.41 -34.68 -4.33
N GLU B 617 -8.36 -35.40 -3.22
CA GLU B 617 -8.63 -34.84 -1.89
C GLU B 617 -7.80 -33.59 -1.64
N ASP B 618 -6.50 -33.71 -1.84
CA ASP B 618 -5.60 -32.58 -1.59
C ASP B 618 -5.92 -31.40 -2.50
N GLU B 619 -6.26 -31.71 -3.74
CA GLU B 619 -6.58 -30.68 -4.73
C GLU B 619 -7.82 -29.92 -4.27
N ALA B 620 -8.81 -30.66 -3.76
CA ALA B 620 -10.02 -30.02 -3.23
C ALA B 620 -9.70 -29.14 -2.02
N GLU B 621 -8.86 -29.64 -1.14
CA GLU B 621 -8.49 -28.85 0.05
C GLU B 621 -7.72 -27.58 -0.34
N GLU B 622 -6.85 -27.67 -1.36
CA GLU B 622 -6.08 -26.52 -1.80
C GLU B 622 -7.02 -25.48 -2.39
N TYR B 623 -7.94 -25.94 -3.24
CA TYR B 623 -8.94 -25.04 -3.79
C TYR B 623 -9.61 -24.29 -2.64
N SER B 624 -10.04 -25.03 -1.61
CA SER B 624 -10.83 -24.41 -0.54
C SER B 624 -10.05 -23.44 0.33
N GLN B 625 -8.82 -23.80 0.68
CA GLN B 625 -7.98 -22.90 1.47
C GLN B 625 -7.63 -21.63 0.68
N ILE B 626 -7.34 -21.79 -0.60
CA ILE B 626 -7.04 -20.63 -1.45
C ILE B 626 -8.29 -19.72 -1.53
N HIS B 627 -9.45 -20.33 -1.71
CA HIS B 627 -10.70 -19.57 -1.85
C HIS B 627 -10.99 -18.77 -0.58
N ARG B 628 -10.93 -19.45 0.56
CA ARG B 628 -11.11 -18.79 1.87
C ARG B 628 -10.08 -17.72 2.27
N ASP B 629 -8.80 -18.09 2.27
CA ASP B 629 -7.72 -17.15 2.61
C ASP B 629 -7.84 -15.96 1.68
N GLY B 630 -8.02 -16.23 0.40
CA GLY B 630 -8.17 -15.20 -0.61
C GLY B 630 -9.32 -14.22 -0.35
N SER B 631 -10.50 -14.74 -0.06
CA SER B 631 -11.65 -13.88 0.23
C SER B 631 -11.40 -12.99 1.46
N ALA B 632 -10.91 -13.66 2.51
CA ALA B 632 -10.55 -12.96 3.75
C ALA B 632 -9.59 -11.80 3.48
N ARG B 633 -8.47 -12.08 2.81
CA ARG B 633 -7.47 -11.05 2.49
C ARG B 633 -8.08 -9.95 1.63
N TYR B 634 -8.98 -10.34 0.72
CA TYR B 634 -9.67 -9.40 -0.13
C TYR B 634 -10.34 -8.34 0.69
N HIS B 635 -11.06 -8.75 1.74
CA HIS B 635 -11.68 -7.72 2.58
C HIS B 635 -10.72 -6.78 3.34
N GLN B 636 -9.44 -7.14 3.41
CA GLN B 636 -8.46 -6.26 4.00
C GLN B 636 -7.82 -5.40 2.92
N LEU B 637 -7.95 -5.83 1.66
CA LEU B 637 -7.32 -5.15 0.53
C LEU B 637 -8.19 -4.03 -0.07
N PHE B 638 -9.50 -4.30 -0.18
CA PHE B 638 -10.45 -3.41 -0.79
C PHE B 638 -11.56 -3.18 0.22
N SER B 639 -12.05 -1.95 0.33
CA SER B 639 -13.19 -1.68 1.22
C SER B 639 -14.49 -1.95 0.46
N ALA B 640 -14.47 -1.68 -0.83
CA ALA B 640 -15.59 -1.99 -1.71
C ALA B 640 -15.01 -2.40 -3.06
N PRO B 641 -15.86 -2.91 -3.97
CA PRO B 641 -15.40 -3.09 -5.35
C PRO B 641 -14.64 -1.85 -5.90
N ASP B 642 -13.53 -2.12 -6.59
CA ASP B 642 -12.61 -1.11 -7.13
C ASP B 642 -12.23 0.03 -6.18
N ARG B 643 -12.31 -0.21 -4.87
CA ARG B 643 -11.84 0.76 -3.89
C ARG B 643 -10.82 0.18 -2.91
N VAL B 644 -9.56 0.54 -3.11
CA VAL B 644 -8.49 0.02 -2.27
C VAL B 644 -8.60 0.55 -0.84
N ALA B 645 -8.39 -0.32 0.14
CA ALA B 645 -8.38 0.10 1.53
C ALA B 645 -7.23 1.10 1.79
N PRO B 646 -7.47 2.09 2.67
CA PRO B 646 -6.43 3.05 3.05
C PRO B 646 -5.12 2.36 3.47
N GLY B 647 -4.01 2.79 2.90
CA GLY B 647 -2.72 2.24 3.24
C GLY B 647 -2.28 1.11 2.32
N GLN B 648 -3.19 0.64 1.47
CA GLN B 648 -2.88 -0.53 0.65
C GLN B 648 -2.63 -0.14 -0.79
N GLU B 649 -2.43 1.16 -1.03
CA GLU B 649 -2.39 1.68 -2.39
C GLU B 649 -1.16 1.21 -3.16
N LYS B 650 0.00 1.29 -2.51
CA LYS B 650 1.25 0.90 -3.16
C LYS B 650 1.28 -0.60 -3.46
N LEU B 651 0.67 -1.40 -2.57
CA LEU B 651 0.64 -2.84 -2.76
C LEU B 651 -0.24 -3.24 -3.96
N VAL B 652 -1.48 -2.72 -3.95
CA VAL B 652 -2.40 -2.95 -5.06
C VAL B 652 -1.82 -2.43 -6.37
N ALA B 653 -1.09 -1.31 -6.30
CA ALA B 653 -0.44 -0.75 -7.49
C ALA B 653 0.69 -1.67 -7.98
N LEU B 654 1.40 -2.28 -7.05
CA LEU B 654 2.41 -3.27 -7.43
C LEU B 654 1.73 -4.39 -8.20
N PHE B 655 0.61 -4.90 -7.70
CA PHE B 655 -0.02 -5.99 -8.49
C PHE B 655 -0.61 -5.55 -9.80
N ASP B 656 -1.13 -4.32 -9.85
CA ASP B 656 -1.66 -3.74 -11.08
C ASP B 656 -0.60 -3.55 -12.17
N GLU B 657 0.55 -2.96 -11.81
CA GLU B 657 1.49 -2.46 -12.82
C GLU B 657 2.90 -3.11 -12.81
N GLN B 658 3.14 -4.01 -11.87
CA GLN B 658 4.44 -4.70 -11.85
C GLN B 658 4.34 -6.22 -11.98
N VAL B 659 3.36 -6.82 -11.30
CA VAL B 659 3.23 -8.27 -11.26
C VAL B 659 2.52 -8.84 -12.49
N HIS B 660 3.22 -9.71 -13.22
CA HIS B 660 2.65 -10.30 -14.43
C HIS B 660 1.77 -11.51 -14.11
N ASP B 661 1.15 -12.07 -15.13
CA ASP B 661 0.24 -13.19 -14.95
C ASP B 661 0.74 -14.25 -15.90
N SER B 662 1.49 -15.20 -15.35
CA SER B 662 2.14 -16.23 -16.13
C SER B 662 1.12 -17.20 -16.68
N ARG B 663 -0.04 -17.26 -16.01
CA ARG B 663 -1.12 -18.15 -16.43
C ARG B 663 -1.77 -17.63 -17.71
N ALA B 664 -1.75 -16.30 -17.88
CA ALA B 664 -2.37 -15.64 -19.01
C ALA B 664 -1.78 -16.10 -20.32
N TRP B 665 -0.44 -16.17 -20.38
CA TRP B 665 0.32 -16.90 -21.40
C TRP B 665 1.79 -16.58 -21.24
N GLU B 676 -11.20 -28.54 -17.70
CA GLU B 676 -10.44 -28.57 -16.44
C GLU B 676 -11.36 -28.31 -15.26
N PRO B 677 -11.33 -29.17 -14.22
CA PRO B 677 -12.14 -28.93 -13.01
C PRO B 677 -12.00 -27.49 -12.52
N PHE B 678 -10.75 -27.05 -12.40
CA PHE B 678 -10.46 -25.63 -12.24
C PHE B 678 -8.99 -25.39 -12.57
N THR B 679 -8.62 -24.14 -12.80
CA THR B 679 -7.26 -23.79 -13.28
C THR B 679 -6.21 -23.70 -12.19
N ASP B 680 -4.94 -23.51 -12.60
CA ASP B 680 -3.81 -23.42 -11.67
C ASP B 680 -3.94 -22.29 -10.65
N TYR B 681 -4.85 -21.34 -10.91
CA TYR B 681 -5.07 -20.25 -9.96
C TYR B 681 -5.48 -20.78 -8.59
N PHE B 682 -6.08 -21.97 -8.59
CA PHE B 682 -6.64 -22.51 -7.36
C PHE B 682 -5.95 -23.78 -6.94
N ARG B 683 -4.67 -23.86 -7.29
CA ARG B 683 -3.75 -24.86 -6.72
C ARG B 683 -2.47 -24.14 -6.24
N TYR B 684 -1.85 -24.69 -5.20
CA TYR B 684 -0.55 -24.15 -4.79
C TYR B 684 0.47 -24.68 -5.79
N ARG B 685 1.49 -23.86 -6.08
CA ARG B 685 2.59 -24.25 -6.95
C ARG B 685 3.28 -25.48 -6.36
N LEU B 686 3.73 -26.40 -7.22
CA LEU B 686 4.49 -27.54 -6.69
C LEU B 686 5.91 -27.11 -6.34
N VAL B 687 6.41 -27.56 -5.17
CA VAL B 687 7.78 -27.27 -4.76
C VAL B 687 8.49 -28.56 -4.34
N HIS B 688 9.69 -28.76 -4.87
CA HIS B 688 10.55 -29.84 -4.42
C HIS B 688 11.59 -29.30 -3.46
N PHE B 689 11.88 -30.09 -2.43
CA PHE B 689 12.99 -29.81 -1.54
C PHE B 689 13.84 -31.06 -1.56
N ASP B 690 14.74 -31.13 -2.55
CA ASP B 690 15.49 -32.34 -2.84
C ASP B 690 14.55 -33.50 -3.14
N ASN B 691 14.50 -34.52 -2.28
CA ASN B 691 13.67 -35.67 -2.55
C ASN B 691 12.22 -35.45 -2.16
N GLU B 692 11.96 -34.41 -1.37
CA GLU B 692 10.62 -34.17 -0.84
C GLU B 692 9.86 -33.11 -1.62
N SER B 693 8.56 -33.04 -1.38
CA SER B 693 7.74 -32.06 -2.08
C SER B 693 6.66 -31.53 -1.14
N ASN B 694 6.13 -30.35 -1.46
CA ASN B 694 5.09 -29.75 -0.63
C ASN B 694 3.70 -30.37 -0.76
N LYS B 695 3.48 -31.13 -1.84
CA LYS B 695 2.21 -31.83 -1.99
C LYS B 695 2.43 -33.31 -2.33
N ARG B 696 1.39 -34.10 -2.16
CA ARG B 696 1.46 -35.52 -2.41
C ARG B 696 1.43 -35.72 -3.92
N LEU B 697 2.24 -36.68 -4.39
CA LEU B 697 2.32 -36.94 -5.81
C LEU B 697 2.37 -38.43 -6.05
N SER B 698 1.87 -38.84 -7.20
CA SER B 698 1.92 -40.22 -7.62
C SER B 698 2.69 -40.25 -8.91
N VAL B 699 3.65 -41.16 -9.03
CA VAL B 699 4.44 -41.22 -10.25
C VAL B 699 3.60 -41.84 -11.35
N LEU B 700 3.42 -41.09 -12.43
CA LEU B 700 2.69 -41.61 -13.57
C LEU B 700 3.67 -42.25 -14.54
N ALA B 701 4.81 -41.57 -14.73
CA ALA B 701 5.81 -42.05 -15.66
C ALA B 701 7.19 -41.57 -15.22
N THR B 702 8.20 -42.39 -15.49
CA THR B 702 9.57 -42.07 -15.09
C THR B 702 10.49 -43.12 -15.68
N ALA B 703 11.77 -42.77 -15.82
CA ALA B 703 12.77 -43.68 -16.36
C ALA B 703 12.34 -44.22 -17.72
N GLY B 704 11.53 -43.44 -18.42
CA GLY B 704 11.08 -43.78 -19.76
C GLY B 704 9.98 -44.82 -19.83
N ARG B 705 9.42 -45.21 -18.68
CA ARG B 705 8.25 -46.11 -18.68
C ARG B 705 7.02 -45.41 -18.12
N VAL B 706 5.84 -45.82 -18.57
CA VAL B 706 4.62 -45.40 -17.91
C VAL B 706 4.31 -46.49 -16.90
N VAL B 707 4.17 -46.12 -15.63
CA VAL B 707 4.01 -47.10 -14.57
C VAL B 707 2.73 -47.93 -14.75
N GLY B 708 2.88 -49.24 -14.70
CA GLY B 708 1.73 -50.12 -14.88
C GLY B 708 1.51 -50.53 -16.32
N VAL B 709 2.21 -49.88 -17.25
CA VAL B 709 2.14 -50.25 -18.66
C VAL B 709 3.18 -51.32 -19.02
N GLY B 710 2.72 -52.42 -19.60
CA GLY B 710 3.57 -53.59 -19.76
C GLY B 710 4.39 -53.68 -21.03
N VAL B 711 4.66 -52.53 -21.63
CA VAL B 711 5.55 -52.50 -22.78
C VAL B 711 6.27 -51.16 -22.83
N MSE B 712 7.47 -51.13 -23.39
CA MSE B 712 8.14 -49.86 -23.65
C MSE B 712 7.62 -49.28 -24.96
O MSE B 712 7.38 -50.01 -25.93
CB MSE B 712 9.66 -50.05 -23.72
CG MSE B 712 10.31 -50.46 -22.41
SE MSE B 712 10.42 -49.05 -21.02
CE MSE B 712 11.47 -47.76 -22.03
N LEU B 713 7.41 -47.96 -24.98
CA LEU B 713 6.89 -47.29 -26.16
C LEU B 713 7.30 -45.82 -26.13
N ALA B 714 7.64 -45.30 -27.30
CA ALA B 714 8.14 -43.93 -27.44
C ALA B 714 7.12 -42.93 -26.93
N SER B 715 5.84 -43.22 -27.16
CA SER B 715 4.78 -42.39 -26.60
C SER B 715 3.58 -43.23 -26.26
N VAL B 716 2.92 -42.87 -25.16
CA VAL B 716 1.84 -43.66 -24.61
C VAL B 716 0.60 -42.79 -24.36
N GLY B 717 -0.50 -43.16 -24.99
CA GLY B 717 -1.78 -42.51 -24.72
C GLY B 717 -2.36 -43.02 -23.41
N LEU B 718 -2.99 -42.11 -22.66
CA LEU B 718 -3.52 -42.43 -21.36
C LEU B 718 -4.94 -41.90 -21.17
N SER B 719 -5.79 -42.77 -20.63
CA SER B 719 -7.05 -42.36 -20.06
C SER B 719 -7.04 -42.64 -18.55
N VAL B 720 -7.28 -41.60 -17.76
CA VAL B 720 -7.19 -41.70 -16.29
C VAL B 720 -8.54 -41.36 -15.66
N LYS B 721 -9.09 -42.31 -14.91
CA LYS B 721 -10.30 -42.08 -14.13
C LYS B 721 -9.92 -41.75 -12.70
N ARG B 722 -10.38 -40.61 -12.20
CA ARG B 722 -10.16 -40.26 -10.81
C ARG B 722 -11.33 -39.45 -10.28
N ARG B 723 -11.30 -39.13 -9.00
CA ARG B 723 -12.41 -38.39 -8.40
C ARG B 723 -12.36 -36.92 -8.79
N ASP B 724 -13.52 -36.33 -9.04
CA ASP B 724 -13.64 -34.90 -9.32
C ASP B 724 -13.53 -34.13 -8.00
N PRO B 725 -12.45 -33.35 -7.80
CA PRO B 725 -12.28 -32.67 -6.51
C PRO B 725 -13.42 -31.71 -6.23
N ARG B 726 -14.06 -31.18 -7.26
CA ARG B 726 -15.20 -30.29 -7.06
C ARG B 726 -16.28 -30.97 -6.21
N MSE B 727 -16.47 -32.28 -6.41
CA MSE B 727 -17.45 -33.04 -5.63
C MSE B 727 -16.94 -33.41 -4.24
O MSE B 727 -17.59 -34.17 -3.52
CB MSE B 727 -17.90 -34.29 -6.39
CG MSE B 727 -18.80 -33.94 -7.55
SE MSE B 727 -20.56 -33.41 -6.90
CE MSE B 727 -21.16 -35.21 -6.49
N LEU B 728 -15.81 -32.84 -3.85
CA LEU B 728 -15.28 -33.02 -2.50
C LEU B 728 -15.25 -31.69 -1.76
N LEU B 729 -15.79 -30.64 -2.37
CA LEU B 729 -15.68 -29.31 -1.76
C LEU B 729 -16.47 -29.23 -0.45
N GLY B 730 -17.66 -29.84 -0.43
CA GLY B 730 -18.52 -29.78 0.73
C GLY B 730 -17.98 -30.62 1.88
N VAL B 745 -11.16 -43.35 -2.77
CA VAL B 745 -9.93 -43.32 -1.97
C VAL B 745 -8.87 -44.23 -2.62
N GLY B 746 -9.31 -45.04 -3.58
CA GLY B 746 -8.39 -45.81 -4.40
C GLY B 746 -7.60 -44.91 -5.35
N LEU B 747 -6.45 -45.39 -5.79
CA LEU B 747 -5.64 -44.69 -6.78
C LEU B 747 -6.42 -44.56 -8.09
N PRO B 748 -6.10 -43.53 -8.90
CA PRO B 748 -6.72 -43.33 -10.21
C PRO B 748 -6.69 -44.60 -11.07
N GLU B 749 -7.74 -44.81 -11.87
CA GLU B 749 -7.75 -45.96 -12.77
C GLU B 749 -7.18 -45.53 -14.10
N ILE B 750 -6.06 -46.15 -14.47
CA ILE B 750 -5.36 -45.77 -15.68
C ILE B 750 -5.49 -46.86 -16.75
N SER B 751 -5.76 -46.44 -17.97
CA SER B 751 -5.72 -47.34 -19.11
C SER B 751 -4.83 -46.72 -20.19
N ALA B 752 -4.14 -47.56 -20.95
CA ALA B 752 -3.13 -47.06 -21.88
C ALA B 752 -3.38 -47.56 -23.30
N PHE B 753 -2.91 -46.80 -24.27
CA PHE B 753 -3.06 -47.20 -25.67
C PHE B 753 -1.92 -46.63 -26.52
N ASP B 754 -1.68 -47.24 -27.67
CA ASP B 754 -0.72 -46.68 -28.63
C ASP B 754 -1.39 -45.49 -29.32
N PRO B 755 -0.73 -44.32 -29.34
CA PRO B 755 -1.45 -43.22 -29.99
C PRO B 755 -1.46 -43.30 -31.54
N LEU B 756 -0.56 -44.07 -32.14
CA LEU B 756 -0.53 -44.17 -33.60
C LEU B 756 -1.73 -44.94 -34.16
N THR B 757 -2.07 -46.04 -33.49
CA THR B 757 -3.08 -46.96 -33.99
C THR B 757 -4.34 -47.01 -33.10
N GLY B 758 -4.23 -46.48 -31.88
CA GLY B 758 -5.37 -46.49 -30.97
C GLY B 758 -5.52 -47.80 -30.19
N ILE B 759 -4.63 -48.74 -30.47
CA ILE B 759 -4.71 -50.07 -29.87
C ILE B 759 -4.34 -50.06 -28.39
N ALA B 760 -5.10 -50.84 -27.61
CA ALA B 760 -4.95 -50.95 -26.16
C ALA B 760 -3.67 -51.67 -25.72
N LEU B 761 -2.96 -51.05 -24.77
CA LEU B 761 -1.70 -51.60 -24.25
C LEU B 761 -1.92 -52.46 -22.99
N PRO B 762 -1.05 -53.46 -22.79
CA PRO B 762 -1.15 -54.34 -21.62
C PRO B 762 -0.92 -53.60 -20.29
N MSE B 763 -1.78 -53.86 -19.30
CA MSE B 763 -1.64 -53.25 -17.97
C MSE B 763 -1.45 -54.31 -16.90
O MSE B 763 -1.96 -55.43 -17.01
CB MSE B 763 -2.91 -52.47 -17.57
CG MSE B 763 -3.38 -51.42 -18.55
SE MSE B 763 -2.22 -49.87 -18.63
CE MSE B 763 -1.93 -49.54 -16.76
N VAL B 764 -0.75 -53.93 -15.84
CA VAL B 764 -0.56 -54.71 -14.64
C VAL B 764 -0.28 -53.63 -13.61
N GLY B 765 -0.77 -53.72 -12.38
CA GLY B 765 -1.55 -54.83 -11.85
C GLY B 765 -1.01 -55.25 -10.47
N GLY B 766 -1.61 -54.77 -9.39
CA GLY B 766 -1.34 -55.33 -8.07
C GLY B 766 -0.73 -54.47 -6.97
N ALA B 767 -0.49 -55.12 -5.83
CA ALA B 767 0.01 -54.48 -4.61
C ALA B 767 1.34 -53.75 -4.74
N ALA B 768 2.34 -54.41 -5.32
CA ALA B 768 3.68 -53.81 -5.45
C ALA B 768 3.57 -52.58 -6.34
N LEU B 769 2.93 -52.75 -7.49
CA LEU B 769 2.65 -51.63 -8.37
C LEU B 769 1.84 -50.53 -7.69
N ASP B 770 0.80 -50.90 -6.95
CA ASP B 770 0.08 -49.91 -6.15
C ASP B 770 1.01 -49.10 -5.23
N ASN B 771 2.00 -49.77 -4.63
CA ASN B 771 2.93 -49.10 -3.75
C ASN B 771 3.81 -48.14 -4.53
N LEU B 772 4.25 -48.57 -5.71
CA LEU B 772 5.09 -47.71 -6.54
C LEU B 772 4.34 -46.42 -6.90
N ARG B 773 3.02 -46.55 -7.05
CA ARG B 773 2.14 -45.44 -7.45
C ARG B 773 1.61 -44.60 -6.29
N ALA B 774 1.98 -44.97 -5.08
CA ALA B 774 1.42 -44.32 -3.87
C ALA B 774 1.68 -42.81 -3.85
N PHE B 775 0.66 -42.05 -3.46
CA PHE B 775 0.82 -40.62 -3.23
C PHE B 775 1.69 -40.39 -2.01
N THR B 776 2.83 -39.74 -2.20
CA THR B 776 3.72 -39.41 -1.09
C THR B 776 4.27 -38.01 -1.27
N ARG B 777 4.87 -37.50 -0.20
CA ARG B 777 5.64 -36.25 -0.24
C ARG B 777 7.13 -36.56 -0.36
N GLU B 778 7.47 -37.80 -0.70
CA GLU B 778 8.84 -38.16 -1.03
C GLU B 778 8.94 -38.71 -2.45
N PRO B 779 8.62 -37.88 -3.46
CA PRO B 779 8.61 -38.38 -4.84
C PRO B 779 10.00 -38.79 -5.34
N GLY B 780 11.06 -38.18 -4.83
CA GLY B 780 12.41 -38.55 -5.24
C GLY B 780 12.75 -39.98 -4.87
N ASP B 781 12.25 -40.40 -3.71
CA ASP B 781 12.42 -41.77 -3.23
C ASP B 781 11.70 -42.78 -4.12
N LYS B 782 10.46 -42.45 -4.49
CA LYS B 782 9.66 -43.29 -5.39
C LYS B 782 10.28 -43.38 -6.78
N VAL B 783 10.73 -42.24 -7.30
CA VAL B 783 11.35 -42.18 -8.62
C VAL B 783 12.60 -43.04 -8.63
N GLU B 784 13.44 -42.89 -7.60
CA GLU B 784 14.65 -43.71 -7.45
C GLU B 784 14.30 -45.19 -7.39
N GLN B 785 13.29 -45.53 -6.59
CA GLN B 785 12.87 -46.93 -6.40
C GLN B 785 12.39 -47.56 -7.70
N ILE B 786 11.63 -46.78 -8.47
CA ILE B 786 11.12 -47.28 -9.74
C ILE B 786 12.25 -47.47 -10.73
N GLY B 787 13.16 -46.49 -10.78
CA GLY B 787 14.31 -46.57 -11.67
C GLY B 787 15.21 -47.76 -11.35
N GLN B 788 15.11 -48.28 -10.14
CA GLN B 788 15.91 -49.43 -9.70
C GLN B 788 15.32 -50.77 -10.16
N LEU B 789 14.08 -50.76 -10.63
CA LEU B 789 13.38 -51.98 -11.04
C LEU B 789 13.53 -52.29 -12.52
N PRO B 790 13.42 -53.59 -12.89
CA PRO B 790 13.46 -53.93 -14.32
C PRO B 790 12.29 -53.32 -15.09
N PRO B 791 12.56 -52.84 -16.32
CA PRO B 791 11.58 -52.19 -17.20
C PRO B 791 10.65 -53.22 -17.85
N PRO B 792 9.51 -52.77 -18.40
CA PRO B 792 8.66 -53.70 -19.18
C PRO B 792 9.41 -54.14 -20.43
N PRO B 793 9.01 -55.26 -21.06
CA PRO B 793 9.74 -55.69 -22.26
C PRO B 793 9.66 -54.68 -23.43
N PRO B 794 10.65 -54.71 -24.34
CA PRO B 794 10.55 -53.88 -25.54
C PRO B 794 9.40 -54.36 -26.42
N LEU B 795 8.94 -53.49 -27.33
CA LEU B 795 7.74 -53.77 -28.10
C LEU B 795 7.83 -55.06 -28.91
N ALA B 796 9.00 -55.34 -29.45
CA ALA B 796 9.21 -56.53 -30.27
C ALA B 796 9.07 -57.81 -29.42
N VAL B 797 9.61 -57.77 -28.21
CA VAL B 797 9.50 -58.90 -27.29
C VAL B 797 8.04 -59.10 -26.89
N ALA B 798 7.34 -58.01 -26.63
CA ALA B 798 5.96 -58.11 -26.16
C ALA B 798 4.98 -58.47 -27.27
N ALA B 799 5.38 -58.27 -28.52
CA ALA B 799 4.47 -58.44 -29.66
C ALA B 799 4.45 -59.84 -30.26
N VAL B 800 5.49 -60.63 -30.01
CA VAL B 800 5.59 -61.98 -30.59
C VAL B 800 4.38 -62.88 -30.30
N GLN B 801 3.66 -62.60 -29.22
CA GLN B 801 2.45 -63.36 -28.89
C GLN B 801 1.15 -62.58 -29.14
N SER B 802 1.25 -61.38 -29.70
CA SER B 802 0.07 -60.51 -29.84
C SER B 802 -0.09 -59.87 -31.22
N PRO B 803 -1.10 -60.33 -31.97
CA PRO B 803 -1.51 -59.71 -33.26
C PRO B 803 -1.64 -58.18 -33.15
N ALA B 804 -2.34 -57.72 -32.12
CA ALA B 804 -2.56 -56.30 -31.88
C ALA B 804 -1.24 -55.54 -31.63
N LEU B 805 -0.41 -56.08 -30.76
CA LEU B 805 0.89 -55.48 -30.50
C LEU B 805 1.77 -55.57 -31.75
N GLN B 806 1.46 -56.48 -32.67
CA GLN B 806 2.19 -56.50 -33.94
C GLN B 806 1.73 -55.36 -34.82
N GLN B 807 0.43 -55.03 -34.75
CA GLN B 807 -0.04 -53.83 -35.47
C GLN B 807 0.72 -52.60 -34.94
N VAL B 808 0.68 -52.44 -33.61
CA VAL B 808 1.43 -51.35 -32.96
C VAL B 808 2.89 -51.32 -33.41
N LEU B 809 3.53 -52.49 -33.38
CA LEU B 809 4.93 -52.64 -33.75
C LEU B 809 5.19 -52.19 -35.17
N LEU B 810 4.28 -52.53 -36.07
CA LEU B 810 4.42 -52.17 -37.48
C LEU B 810 4.33 -50.65 -37.63
N ALA B 811 3.36 -50.04 -36.96
CA ALA B 811 3.26 -48.57 -37.02
C ALA B 811 4.53 -47.90 -36.48
N GLN B 812 4.88 -48.24 -35.23
CA GLN B 812 6.04 -47.68 -34.57
C GLN B 812 7.32 -47.82 -35.39
N GLN B 813 7.54 -49.03 -35.92
CA GLN B 813 8.69 -49.33 -36.77
C GLN B 813 8.77 -48.41 -37.96
N THR B 814 7.59 -48.04 -38.47
CA THR B 814 7.52 -47.19 -39.66
C THR B 814 7.95 -45.77 -39.32
#